data_5MUW
#
_entry.id   5MUW
#
_cell.length_a   1.000
_cell.length_b   1.000
_cell.length_c   1.000
_cell.angle_alpha   90.00
_cell.angle_beta   90.00
_cell.angle_gamma   90.00
#
_symmetry.space_group_name_H-M   'P 1'
#
loop_
_entity.id
_entity.type
_entity.pdbx_description
1 polymer 'Packaging enzyme P4'
2 non-polymer 'CALCIUM ION'
3 non-polymer "ADENOSINE-5'-DIPHOSPHATE"
#
_entity_poly.entity_id   1
_entity_poly.type   'polypeptide(L)'
_entity_poly.pdbx_seq_one_letter_code
;MPIVVTQAHIDRVGIAADLLDASPVSLQVLGRPTAINTVVIKTYIAAVMELASKQGGSLAGVDIRPSVLLKDTAIFTKPK
AKSADVESDVDVLDTGIYSVPGLARKPVTHRWPSEGIYSGVTALMGATGSGKSITLNEKLRPDVLIRWGEVAEAYDELDT
AVHISTLDEMLIVCIGLGALGFNVAVDSVRPLLFRLKGAASAGGIVAVFYSLLTDISNLFTQYDCSVVMVVNPMVDAEKI
EYVFGQVMASTVGAILCADGNVSRTMFRTNKGRIFNGAAPLAADTHMPSMDRPTSMKALDHTSIASVAP
;
_entity_poly.pdbx_strand_id   A,B,I,J,K,L
#
loop_
_chem_comp.id
_chem_comp.type
_chem_comp.name
_chem_comp.formula
ADP non-polymer ADENOSINE-5'-DIPHOSPHATE 'C10 H15 N5 O10 P2'
CA non-polymer 'CALCIUM ION' 'Ca 2'
#
# COMPACT_ATOMS: atom_id res chain seq x y z
N PRO A 2 3.20 0.67 48.70
CA PRO A 2 1.84 0.12 48.57
C PRO A 2 0.91 1.10 47.87
N ILE A 3 -0.36 0.71 47.60
CA ILE A 3 -1.35 1.64 47.01
C ILE A 3 -2.38 1.95 48.11
N VAL A 4 -2.21 3.11 48.78
CA VAL A 4 -3.03 3.49 49.93
C VAL A 4 -4.20 4.41 49.47
N VAL A 5 -5.39 4.05 49.98
CA VAL A 5 -6.67 4.72 49.74
C VAL A 5 -6.98 5.60 50.97
N THR A 6 -6.84 6.92 50.77
CA THR A 6 -7.07 8.03 51.70
C THR A 6 -8.57 8.37 51.70
N GLN A 7 -9.01 9.18 52.66
CA GLN A 7 -10.39 9.67 52.75
C GLN A 7 -10.69 10.55 51.54
N ALA A 8 -9.66 11.26 51.04
CA ALA A 8 -9.71 12.12 49.87
C ALA A 8 -10.18 11.33 48.64
N HIS A 9 -9.70 10.07 48.50
CA HIS A 9 -10.07 9.16 47.42
C HIS A 9 -11.53 8.73 47.58
N ILE A 10 -11.95 8.34 48.82
CA ILE A 10 -13.31 7.91 49.16
C ILE A 10 -14.33 9.02 48.85
N ASP A 11 -13.97 10.28 49.15
CA ASP A 11 -14.81 11.45 48.92
C ASP A 11 -14.98 11.80 47.43
N ARG A 12 -14.07 11.29 46.57
CA ARG A 12 -14.07 11.55 45.13
C ARG A 12 -14.93 10.55 44.33
N VAL A 13 -15.32 9.41 44.97
CA VAL A 13 -16.09 8.33 44.35
C VAL A 13 -17.39 8.87 43.69
N GLY A 14 -18.17 9.65 44.43
CA GLY A 14 -19.40 10.25 43.95
C GLY A 14 -19.22 11.19 42.77
N ILE A 15 -18.18 12.03 42.84
CA ILE A 15 -17.81 13.04 41.85
C ILE A 15 -17.37 12.33 40.56
N ALA A 16 -16.57 11.25 40.72
CA ALA A 16 -16.08 10.42 39.61
C ALA A 16 -17.26 9.86 38.80
N ALA A 17 -18.34 9.39 39.47
CA ALA A 17 -19.55 8.88 38.84
C ALA A 17 -20.27 9.98 38.09
N ASP A 18 -20.37 11.18 38.70
CA ASP A 18 -20.99 12.39 38.11
C ASP A 18 -20.27 12.79 36.84
N LEU A 19 -18.93 12.70 36.86
CA LEU A 19 -18.10 13.07 35.71
C LEU A 19 -18.30 12.09 34.55
N LEU A 20 -18.34 10.78 34.87
CA LEU A 20 -18.49 9.71 33.89
C LEU A 20 -19.88 9.72 33.23
N ASP A 21 -20.93 9.90 34.04
CA ASP A 21 -22.31 9.94 33.54
C ASP A 21 -22.61 11.22 32.76
N ALA A 22 -22.10 12.37 33.24
CA ALA A 22 -22.34 13.70 32.68
C ALA A 22 -21.97 13.82 31.20
N SER A 23 -20.84 13.23 30.78
CA SER A 23 -20.40 13.32 29.40
C SER A 23 -20.21 11.96 28.71
N PRO A 24 -20.98 11.68 27.63
CA PRO A 24 -20.75 10.44 26.86
C PRO A 24 -19.54 10.61 25.96
N VAL A 25 -18.58 9.66 26.02
CA VAL A 25 -17.35 9.74 25.23
C VAL A 25 -17.18 8.56 24.30
N SER A 26 -16.34 8.77 23.28
CA SER A 26 -15.95 7.80 22.26
C SER A 26 -14.46 7.96 21.94
N LEU A 27 -13.96 7.12 21.07
CA LEU A 27 -12.59 7.18 20.59
C LEU A 27 -12.55 6.71 19.16
N GLN A 28 -11.63 7.28 18.38
CA GLN A 28 -11.46 6.92 16.99
C GLN A 28 -9.98 6.93 16.66
N VAL A 29 -9.57 5.97 15.82
CA VAL A 29 -8.25 5.97 15.20
C VAL A 29 -7.80 6.08 13.75
N LEU A 30 -8.16 5.09 12.92
CA LEU A 30 -8.33 5.13 11.47
C LEU A 30 -9.63 4.50 10.99
N GLY A 31 -10.46 4.05 11.92
CA GLY A 31 -11.67 3.33 11.58
C GLY A 31 -12.90 4.17 11.89
N ARG A 32 -13.88 3.58 12.58
CA ARG A 32 -15.07 4.34 12.94
C ARG A 32 -15.08 4.69 14.45
N PRO A 33 -15.72 5.81 14.87
CA PRO A 33 -15.75 6.15 16.31
C PRO A 33 -16.43 5.06 17.14
N THR A 34 -15.79 4.68 18.25
CA THR A 34 -16.27 3.64 19.17
C THR A 34 -16.51 4.22 20.54
N ALA A 35 -17.73 4.03 21.07
CA ALA A 35 -18.17 4.50 22.37
C ALA A 35 -17.46 3.79 23.51
N ILE A 36 -17.21 4.53 24.60
CA ILE A 36 -16.58 4.01 25.80
C ILE A 36 -17.70 3.74 26.82
N ASN A 37 -17.80 2.49 27.31
CA ASN A 37 -18.81 2.13 28.30
C ASN A 37 -18.31 2.58 29.67
N THR A 38 -18.88 3.70 30.11
CA THR A 38 -18.61 4.41 31.36
C THR A 38 -18.87 3.49 32.57
N VAL A 39 -19.96 2.67 32.50
CA VAL A 39 -20.43 1.74 33.55
C VAL A 39 -19.29 0.86 34.05
N VAL A 40 -18.48 0.30 33.13
CA VAL A 40 -17.35 -0.59 33.42
C VAL A 40 -16.35 0.11 34.36
N ILE A 41 -16.03 1.41 34.09
CA ILE A 41 -15.09 2.22 34.90
C ILE A 41 -15.68 2.40 36.31
N LYS A 42 -17.00 2.68 36.41
CA LYS A 42 -17.71 2.83 37.68
C LYS A 42 -17.65 1.53 38.48
N THR A 43 -17.90 0.38 37.81
CA THR A 43 -17.87 -0.97 38.37
C THR A 43 -16.48 -1.27 38.92
N TYR A 44 -15.42 -0.84 38.19
CA TYR A 44 -14.04 -1.00 38.61
C TYR A 44 -13.76 -0.21 39.89
N ILE A 45 -14.19 1.10 39.94
CA ILE A 45 -14.01 1.97 41.10
C ILE A 45 -14.65 1.31 42.35
N ALA A 46 -15.91 0.84 42.22
CA ALA A 46 -16.67 0.17 43.27
C ALA A 46 -15.94 -1.08 43.79
N ALA A 47 -15.34 -1.88 42.89
CA ALA A 47 -14.60 -3.08 43.22
C ALA A 47 -13.31 -2.76 43.99
N VAL A 48 -12.60 -1.68 43.58
CA VAL A 48 -11.34 -1.20 44.19
C VAL A 48 -11.63 -0.71 45.61
N MET A 49 -12.68 0.13 45.77
CA MET A 49 -13.09 0.66 47.07
C MET A 49 -13.54 -0.45 48.04
N GLU A 50 -14.27 -1.46 47.53
CA GLU A 50 -14.75 -2.59 48.32
C GLU A 50 -13.56 -3.40 48.85
N LEU A 51 -12.55 -3.63 48.01
CA LEU A 51 -11.32 -4.36 48.36
C LEU A 51 -10.45 -3.52 49.31
N ALA A 52 -10.37 -2.18 49.08
CA ALA A 52 -9.63 -1.23 49.92
C ALA A 52 -10.19 -1.26 51.34
N SER A 53 -11.53 -1.43 51.43
CA SER A 53 -12.30 -1.54 52.67
C SER A 53 -11.91 -2.83 53.40
N LYS A 54 -11.91 -4.01 52.69
CA LYS A 54 -11.54 -5.32 53.25
C LYS A 54 -10.08 -5.31 53.74
N GLN A 55 -9.21 -4.49 53.10
CA GLN A 55 -7.82 -4.27 53.52
C GLN A 55 -7.80 -3.09 54.49
N GLY A 56 -6.61 -2.69 54.92
CA GLY A 56 -6.49 -1.54 55.83
C GLY A 56 -6.24 -0.24 55.12
N GLY A 57 -6.77 -0.13 53.89
CA GLY A 57 -6.60 1.02 53.00
C GLY A 57 -5.37 0.84 52.14
N SER A 58 -4.56 -0.19 52.47
CA SER A 58 -3.32 -0.53 51.79
C SER A 58 -3.61 -1.67 50.81
N LEU A 59 -3.55 -1.35 49.51
CA LEU A 59 -3.86 -2.29 48.43
C LEU A 59 -2.59 -2.67 47.65
N ALA A 60 -2.58 -3.91 47.15
CA ALA A 60 -1.53 -4.43 46.29
C ALA A 60 -1.96 -4.32 44.83
N GLY A 61 -1.08 -3.74 44.00
CA GLY A 61 -1.30 -3.54 42.57
C GLY A 61 -1.78 -4.78 41.84
N VAL A 62 -1.30 -5.95 42.28
CA VAL A 62 -1.67 -7.27 41.76
C VAL A 62 -3.16 -7.54 41.98
N ASP A 63 -3.70 -7.12 43.15
CA ASP A 63 -5.10 -7.37 43.51
C ASP A 63 -6.08 -6.42 42.82
N ILE A 64 -5.59 -5.28 42.29
CA ILE A 64 -6.47 -4.30 41.65
C ILE A 64 -6.42 -4.37 40.12
N ARG A 65 -5.88 -5.46 39.53
CA ARG A 65 -5.86 -5.57 38.08
C ARG A 65 -7.30 -5.87 37.58
N PRO A 66 -7.77 -5.24 36.48
CA PRO A 66 -9.18 -5.41 36.07
C PRO A 66 -9.62 -6.84 35.79
N SER A 67 -8.72 -7.68 35.21
CA SER A 67 -8.97 -9.09 34.88
C SER A 67 -9.37 -9.94 36.10
N VAL A 68 -8.93 -9.51 37.29
CA VAL A 68 -9.20 -10.15 38.58
C VAL A 68 -10.51 -9.58 39.20
N LEU A 69 -10.71 -8.26 39.14
CA LEU A 69 -11.85 -7.58 39.75
C LEU A 69 -13.14 -7.63 38.90
N LEU A 70 -13.03 -7.58 37.55
CA LEU A 70 -14.21 -7.54 36.67
C LEU A 70 -14.37 -8.83 35.87
N LYS A 71 -15.63 -9.26 35.64
CA LYS A 71 -15.92 -10.48 34.86
C LYS A 71 -15.55 -10.27 33.38
N ASP A 72 -15.80 -9.05 32.87
CA ASP A 72 -15.45 -8.61 31.52
C ASP A 72 -14.73 -7.26 31.59
N THR A 73 -13.60 -7.17 30.89
CA THR A 73 -12.71 -6.03 30.86
C THR A 73 -12.94 -5.09 29.63
N ALA A 74 -13.99 -5.36 28.81
CA ALA A 74 -14.30 -4.53 27.63
C ALA A 74 -14.81 -3.12 28.00
N ILE A 75 -14.24 -2.07 27.38
CA ILE A 75 -14.64 -0.67 27.58
C ILE A 75 -15.31 -0.16 26.27
N PHE A 76 -14.86 -0.67 25.12
CA PHE A 76 -15.36 -0.28 23.80
C PHE A 76 -16.56 -1.15 23.39
N THR A 77 -17.67 -0.51 23.01
CA THR A 77 -18.91 -1.17 22.63
C THR A 77 -19.31 -0.80 21.20
N ALA A 84 -19.44 -4.65 10.46
CA ALA A 84 -18.94 -5.30 11.66
C ALA A 84 -17.52 -4.84 11.99
N ASP A 85 -16.55 -5.11 11.09
CA ASP A 85 -15.15 -4.72 11.25
C ASP A 85 -14.72 -3.80 10.09
N VAL A 86 -14.16 -2.61 10.42
CA VAL A 86 -13.75 -1.59 9.46
C VAL A 86 -12.21 -1.57 9.26
N GLU A 87 -11.79 -1.37 8.00
CA GLU A 87 -10.39 -1.28 7.56
C GLU A 87 -9.80 0.09 7.90
N SER A 88 -8.47 0.19 8.08
CA SER A 88 -7.80 1.47 8.34
C SER A 88 -7.80 2.38 7.09
N ASP A 89 -8.09 1.83 5.90
CA ASP A 89 -8.12 2.60 4.64
C ASP A 89 -9.54 2.54 4.08
N VAL A 90 -10.44 3.27 4.73
CA VAL A 90 -11.87 3.43 4.45
C VAL A 90 -12.14 4.95 4.34
N ASP A 91 -13.10 5.39 3.50
CA ASP A 91 -13.35 6.83 3.36
C ASP A 91 -13.79 7.47 4.69
N VAL A 92 -13.07 8.54 5.06
CA VAL A 92 -13.24 9.36 6.27
C VAL A 92 -14.66 9.94 6.36
N LEU A 93 -15.33 10.11 5.21
CA LEU A 93 -16.69 10.61 5.12
C LEU A 93 -17.72 9.51 5.42
N ASP A 94 -17.36 8.22 5.23
CA ASP A 94 -18.23 7.08 5.50
C ASP A 94 -18.21 6.67 6.98
N THR A 95 -17.09 6.94 7.68
CA THR A 95 -16.93 6.62 9.10
C THR A 95 -17.24 7.83 9.96
N GLY A 96 -16.95 9.01 9.40
CA GLY A 96 -17.06 10.28 10.11
C GLY A 96 -15.79 10.51 10.90
N ILE A 97 -15.68 11.65 11.59
CA ILE A 97 -14.49 11.97 12.39
C ILE A 97 -14.93 12.32 13.80
N TYR A 98 -14.26 11.77 14.81
CA TYR A 98 -14.55 12.05 16.20
C TYR A 98 -13.27 12.40 16.96
N SER A 99 -13.38 13.47 17.78
CA SER A 99 -12.34 13.88 18.72
C SER A 99 -13.00 14.09 20.04
N VAL A 100 -12.36 13.68 21.13
CA VAL A 100 -13.06 13.83 22.41
C VAL A 100 -13.15 15.35 22.73
N PRO A 101 -14.38 15.83 23.06
CA PRO A 101 -14.59 17.27 23.28
C PRO A 101 -13.78 17.83 24.46
N GLY A 102 -13.46 19.12 24.38
CA GLY A 102 -12.75 19.86 25.40
C GLY A 102 -13.64 20.24 26.57
N LEU A 103 -13.02 20.75 27.65
CA LEU A 103 -13.70 21.19 28.85
C LEU A 103 -14.00 22.70 28.81
N ALA A 104 -15.29 23.05 28.93
CA ALA A 104 -15.72 24.45 28.93
C ALA A 104 -15.27 25.16 30.23
N ARG A 105 -15.21 24.42 31.34
CA ARG A 105 -14.77 24.92 32.63
C ARG A 105 -13.23 24.85 32.75
N LYS A 106 -12.67 25.42 33.83
CA LYS A 106 -11.23 25.37 34.13
C LYS A 106 -10.89 23.93 34.57
N PRO A 107 -9.83 23.28 34.04
CA PRO A 107 -9.52 21.91 34.48
C PRO A 107 -8.98 21.88 35.90
N VAL A 108 -9.28 20.78 36.63
CA VAL A 108 -8.77 20.53 37.98
C VAL A 108 -7.24 20.49 37.88
N THR A 109 -6.55 21.20 38.78
CA THR A 109 -5.09 21.23 38.84
C THR A 109 -4.58 20.10 39.73
N HIS A 110 -3.31 19.72 39.56
CA HIS A 110 -2.63 18.64 40.28
C HIS A 110 -1.23 19.11 40.73
N ARG A 111 -0.60 18.38 41.66
CA ARG A 111 0.75 18.69 42.13
C ARG A 111 1.79 17.80 41.41
N TRP A 112 1.29 16.76 40.69
CA TRP A 112 2.08 15.77 39.96
C TRP A 112 1.58 15.64 38.52
N PRO A 113 2.46 15.48 37.49
CA PRO A 113 3.94 15.39 37.54
C PRO A 113 4.64 16.73 37.78
N SER A 114 3.90 17.85 37.71
CA SER A 114 4.44 19.19 37.96
C SER A 114 3.43 20.01 38.78
N GLU A 115 3.92 21.03 39.50
CA GLU A 115 3.08 21.88 40.35
C GLU A 115 2.06 22.70 39.53
N GLY A 116 0.79 22.59 39.92
CA GLY A 116 -0.32 23.29 39.31
C GLY A 116 -0.70 22.85 37.90
N ILE A 117 -0.19 21.68 37.46
CA ILE A 117 -0.49 21.12 36.13
C ILE A 117 -1.98 20.81 35.99
N TYR A 118 -2.55 21.09 34.79
CA TYR A 118 -3.95 20.79 34.50
C TYR A 118 -4.13 19.28 34.29
N SER A 119 -5.36 18.79 34.47
CA SER A 119 -5.69 17.39 34.24
C SER A 119 -5.53 17.07 32.76
N GLY A 120 -4.97 15.90 32.47
CA GLY A 120 -4.71 15.46 31.11
C GLY A 120 -3.63 14.39 31.06
N VAL A 121 -2.88 14.33 29.94
CA VAL A 121 -1.81 13.34 29.80
C VAL A 121 -0.45 14.02 29.59
N THR A 122 0.59 13.40 30.15
CA THR A 122 1.99 13.80 30.07
C THR A 122 2.71 12.68 29.32
N ALA A 123 3.52 13.04 28.32
CA ALA A 123 4.24 12.04 27.54
C ALA A 123 5.72 12.02 27.91
N LEU A 124 6.19 10.87 28.43
CA LEU A 124 7.58 10.69 28.80
C LEU A 124 8.26 10.07 27.60
N MET A 125 9.00 10.91 26.86
CA MET A 125 9.68 10.60 25.60
C MET A 125 11.18 10.39 25.76
N GLY A 126 11.79 9.80 24.73
CA GLY A 126 13.22 9.51 24.69
C GLY A 126 13.56 8.26 23.92
N ALA A 127 14.79 8.18 23.42
CA ALA A 127 15.31 7.03 22.68
C ALA A 127 15.35 5.77 23.55
N THR A 128 15.53 4.57 22.97
CA THR A 128 15.60 3.36 23.80
C THR A 128 16.84 3.41 24.69
N GLY A 129 16.64 3.17 25.96
CA GLY A 129 17.70 3.22 26.97
C GLY A 129 18.13 4.63 27.34
N SER A 130 17.25 5.63 27.10
CA SER A 130 17.54 7.03 27.43
C SER A 130 17.26 7.33 28.90
N GLY A 131 16.63 6.39 29.59
CA GLY A 131 16.33 6.50 31.01
C GLY A 131 14.91 6.93 31.29
N LYS A 132 13.94 6.48 30.47
CA LYS A 132 12.52 6.83 30.65
C LYS A 132 11.94 6.13 31.88
N SER A 133 12.06 4.78 31.92
CA SER A 133 11.58 3.94 33.03
C SER A 133 12.24 4.33 34.36
N ILE A 134 13.54 4.69 34.32
CA ILE A 134 14.33 5.13 35.48
C ILE A 134 13.77 6.46 36.00
N THR A 135 13.56 7.45 35.10
CA THR A 135 13.01 8.77 35.44
C THR A 135 11.61 8.61 36.02
N LEU A 136 10.80 7.76 35.39
CA LEU A 136 9.44 7.48 35.82
C LEU A 136 9.38 6.98 37.29
N ASN A 137 10.21 5.99 37.64
CA ASN A 137 10.10 5.38 38.94
C ASN A 137 10.91 6.08 40.02
N GLU A 138 12.08 6.65 39.67
CA GLU A 138 12.91 7.33 40.66
C GLU A 138 12.52 8.80 40.83
N LYS A 139 12.52 9.58 39.73
CA LYS A 139 12.20 11.00 39.78
C LYS A 139 10.68 11.29 39.83
N LEU A 140 9.83 10.56 39.07
CA LEU A 140 8.40 10.88 39.13
C LEU A 140 7.67 10.31 40.34
N ARG A 141 8.03 9.11 40.84
CA ARG A 141 7.40 8.40 42.01
C ARG A 141 5.83 8.30 41.83
N PRO A 142 5.31 7.52 40.83
CA PRO A 142 3.83 7.41 40.70
C PRO A 142 3.18 6.53 41.76
N ASP A 143 1.90 6.82 42.08
CA ASP A 143 1.12 6.08 43.07
C ASP A 143 0.76 4.70 42.52
N VAL A 144 0.36 4.64 41.24
CA VAL A 144 -0.02 3.40 40.53
C VAL A 144 0.85 3.33 39.26
N LEU A 145 1.62 2.24 39.08
CA LEU A 145 2.46 2.03 37.88
C LEU A 145 1.87 0.88 37.06
N ILE A 146 1.27 1.23 35.94
CA ILE A 146 0.69 0.24 35.03
C ILE A 146 1.81 -0.26 34.15
N ARG A 147 1.98 -1.56 34.15
CA ARG A 147 3.00 -2.20 33.38
C ARG A 147 2.33 -2.96 32.25
N TRP A 148 2.69 -2.60 31.00
CA TRP A 148 2.08 -3.14 29.79
C TRP A 148 3.10 -3.14 28.66
N GLY A 149 3.23 -4.30 28.01
CA GLY A 149 4.11 -4.48 26.85
C GLY A 149 5.57 -4.18 27.10
N GLU A 150 6.02 -4.48 28.30
CA GLU A 150 7.40 -4.27 28.69
C GLU A 150 8.02 -5.58 29.15
N VAL A 151 9.33 -5.72 28.98
CA VAL A 151 9.95 -6.97 29.36
C VAL A 151 10.14 -7.03 30.91
N ALA A 152 10.46 -8.22 31.47
CA ALA A 152 10.64 -8.42 32.91
C ALA A 152 11.75 -7.53 33.48
N GLU A 153 11.36 -6.58 34.33
CA GLU A 153 12.24 -5.62 34.99
C GLU A 153 11.97 -5.60 36.50
N ALA A 154 12.78 -4.84 37.26
CA ALA A 154 12.67 -4.70 38.71
C ALA A 154 11.35 -4.04 39.12
N TYR A 155 10.77 -3.22 38.23
CA TYR A 155 9.54 -2.48 38.46
C TYR A 155 8.31 -3.39 38.51
N ASP A 156 8.42 -4.62 38.00
CA ASP A 156 7.33 -5.60 38.01
C ASP A 156 7.11 -6.21 39.39
N GLU A 157 8.14 -6.21 40.26
CA GLU A 157 8.07 -6.77 41.62
C GLU A 157 7.47 -5.77 42.62
N LEU A 158 7.30 -4.52 42.20
CA LEU A 158 6.71 -3.41 42.97
C LEU A 158 5.24 -3.67 43.22
N ASP A 159 4.77 -3.38 44.41
CA ASP A 159 3.37 -3.51 44.81
C ASP A 159 2.48 -2.44 44.16
N THR A 160 3.10 -1.39 43.60
CA THR A 160 2.42 -0.31 42.89
C THR A 160 2.09 -0.76 41.46
N ALA A 161 2.81 -1.80 40.96
CA ALA A 161 2.67 -2.35 39.60
C ALA A 161 1.37 -3.13 39.41
N VAL A 162 0.65 -2.79 38.33
CA VAL A 162 -0.59 -3.45 37.93
C VAL A 162 -0.42 -3.87 36.47
N HIS A 163 -0.36 -5.20 36.26
CA HIS A 163 -0.10 -5.79 34.95
C HIS A 163 -1.37 -5.99 34.15
N ILE A 164 -1.44 -5.33 33.00
CA ILE A 164 -2.59 -5.42 32.10
C ILE A 164 -2.14 -6.04 30.75
N SER A 165 -3.12 -6.39 29.90
CA SER A 165 -2.95 -7.03 28.59
C SER A 165 -3.60 -6.23 27.45
N THR A 166 -4.75 -5.56 27.71
CA THR A 166 -5.52 -4.83 26.69
C THR A 166 -5.53 -3.30 26.90
N LEU A 167 -5.90 -2.56 25.83
CA LEU A 167 -6.04 -1.09 25.83
C LEU A 167 -7.23 -0.71 26.72
N ASP A 168 -8.29 -1.55 26.72
CA ASP A 168 -9.48 -1.39 27.55
C ASP A 168 -9.08 -1.33 29.03
N GLU A 169 -8.24 -2.29 29.46
CA GLU A 169 -7.70 -2.37 30.83
C GLU A 169 -6.89 -1.11 31.18
N MET A 170 -6.06 -0.60 30.25
CA MET A 170 -5.26 0.60 30.50
C MET A 170 -6.14 1.80 30.83
N LEU A 171 -7.16 2.04 30.00
CA LEU A 171 -8.10 3.15 30.19
C LEU A 171 -8.92 2.99 31.47
N ILE A 172 -9.33 1.76 31.81
CA ILE A 172 -10.09 1.46 33.03
C ILE A 172 -9.29 1.92 34.27
N VAL A 173 -8.03 1.48 34.37
CA VAL A 173 -7.16 1.82 35.51
C VAL A 173 -6.79 3.32 35.50
N CYS A 174 -6.46 3.88 34.33
CA CYS A 174 -6.10 5.30 34.18
C CYS A 174 -7.28 6.22 34.57
N ILE A 175 -8.48 6.04 33.96
CA ILE A 175 -9.67 6.86 34.24
C ILE A 175 -10.20 6.54 35.64
N GLY A 176 -10.37 5.27 35.96
CA GLY A 176 -10.90 4.82 37.24
C GLY A 176 -10.17 5.33 38.46
N LEU A 177 -8.85 5.05 38.54
CA LEU A 177 -8.02 5.46 39.67
C LEU A 177 -7.58 6.92 39.57
N GLY A 178 -7.33 7.40 38.36
CA GLY A 178 -6.91 8.77 38.11
C GLY A 178 -7.93 9.81 38.53
N ALA A 179 -9.23 9.49 38.31
CA ALA A 179 -10.36 10.36 38.67
C ALA A 179 -10.47 10.53 40.17
N LEU A 180 -10.13 9.45 40.94
CA LEU A 180 -10.13 9.40 42.40
C LEU A 180 -9.00 10.25 43.01
N GLY A 181 -8.03 10.64 42.19
CA GLY A 181 -6.93 11.47 42.63
C GLY A 181 -5.56 10.84 42.62
N PHE A 182 -5.50 9.51 42.30
CA PHE A 182 -4.24 8.78 42.23
C PHE A 182 -3.37 9.27 41.10
N ASN A 183 -2.06 9.25 41.32
CA ASN A 183 -1.07 9.59 40.32
C ASN A 183 -0.74 8.33 39.55
N VAL A 184 -1.42 8.15 38.40
CA VAL A 184 -1.31 6.98 37.55
C VAL A 184 -0.26 7.18 36.46
N ALA A 185 0.53 6.14 36.18
CA ALA A 185 1.55 6.11 35.14
C ALA A 185 1.46 4.84 34.33
N VAL A 186 1.86 4.90 33.06
CA VAL A 186 1.83 3.74 32.19
C VAL A 186 3.20 3.50 31.57
N ASP A 187 3.76 2.33 31.81
CA ASP A 187 5.00 1.88 31.21
C ASP A 187 4.78 0.48 30.64
N SER A 188 4.49 0.35 29.34
CA SER A 188 4.49 1.41 28.31
C SER A 188 3.18 1.40 27.46
N VAL A 189 3.12 2.29 26.46
CA VAL A 189 2.00 2.43 25.54
C VAL A 189 2.42 1.83 24.14
N ARG A 190 3.64 1.19 24.10
CA ARG A 190 4.22 0.50 22.95
C ARG A 190 3.26 -0.50 22.28
N PRO A 191 2.49 -1.38 22.98
CA PRO A 191 1.55 -2.29 22.28
C PRO A 191 0.61 -1.61 21.28
N LEU A 192 0.11 -0.39 21.61
CA LEU A 192 -0.76 0.41 20.72
C LEU A 192 0.09 1.04 19.58
N LEU A 193 1.14 1.81 19.96
CA LEU A 193 2.08 2.50 19.06
C LEU A 193 2.70 1.60 17.98
N PHE A 194 3.06 0.36 18.36
CA PHE A 194 3.72 -0.59 17.46
C PHE A 194 2.72 -1.40 16.61
N ARG A 195 1.44 -1.05 16.70
CA ARG A 195 0.38 -1.71 15.95
C ARG A 195 -0.46 -0.65 15.25
N LEU A 196 0.06 0.60 15.18
CA LEU A 196 -0.61 1.71 14.49
C LEU A 196 -0.46 1.50 13.04
N LYS A 197 -1.57 1.21 12.40
CA LYS A 197 -1.53 0.94 10.97
C LYS A 197 -1.90 2.16 10.21
N GLY A 198 -1.20 2.39 9.11
CA GLY A 198 -1.40 3.54 8.25
C GLY A 198 -0.11 4.05 7.64
N ALA A 199 -0.27 5.00 6.72
CA ALA A 199 0.82 5.66 6.03
C ALA A 199 1.51 6.65 6.95
N ALA A 200 2.84 6.44 7.17
CA ALA A 200 3.68 7.29 8.04
C ALA A 200 3.80 8.69 7.43
N SER A 201 3.52 9.71 8.26
CA SER A 201 3.58 11.11 7.86
C SER A 201 4.99 11.69 8.14
N ALA A 202 5.12 13.03 8.19
CA ALA A 202 6.38 13.73 8.49
C ALA A 202 6.88 13.39 9.89
N GLY A 203 8.10 12.87 9.94
CA GLY A 203 8.74 12.42 11.17
C GLY A 203 8.80 10.91 11.31
N GLY A 204 8.44 10.19 10.25
CA GLY A 204 8.42 8.73 10.17
C GLY A 204 7.40 8.06 11.06
N ILE A 205 6.29 8.76 11.35
CA ILE A 205 5.24 8.30 12.24
C ILE A 205 3.86 8.75 11.72
N VAL A 206 2.85 7.85 11.86
CA VAL A 206 1.46 8.08 11.43
C VAL A 206 0.91 9.32 12.13
N ALA A 207 0.22 10.19 11.37
CA ALA A 207 -0.33 11.44 11.88
C ALA A 207 -1.37 11.22 12.99
N VAL A 208 -2.19 10.15 12.91
CA VAL A 208 -3.27 9.83 13.86
C VAL A 208 -2.70 9.60 15.28
N PHE A 209 -1.37 9.41 15.38
CA PHE A 209 -0.67 9.24 16.65
C PHE A 209 -0.83 10.50 17.52
N TYR A 210 -0.69 11.68 16.90
CA TYR A 210 -0.81 12.98 17.57
C TYR A 210 -2.26 13.28 17.96
N SER A 211 -3.21 12.86 17.10
CA SER A 211 -4.63 13.01 17.38
C SER A 211 -5.03 12.13 18.57
N LEU A 212 -4.50 10.88 18.63
CA LEU A 212 -4.75 9.95 19.72
C LEU A 212 -4.26 10.50 21.06
N LEU A 213 -3.06 11.12 21.10
CA LEU A 213 -2.50 11.72 22.32
C LEU A 213 -3.42 12.84 22.85
N THR A 214 -3.95 13.68 21.95
CA THR A 214 -4.86 14.79 22.28
C THR A 214 -6.18 14.22 22.81
N ASP A 215 -6.73 13.19 22.14
CA ASP A 215 -7.98 12.52 22.52
C ASP A 215 -7.84 11.85 23.88
N ILE A 216 -6.66 11.23 24.14
CA ILE A 216 -6.37 10.59 25.42
C ILE A 216 -6.22 11.69 26.49
N SER A 217 -5.48 12.77 26.18
CA SER A 217 -5.28 13.88 27.10
C SER A 217 -6.61 14.52 27.52
N ASN A 218 -7.50 14.81 26.54
CA ASN A 218 -8.79 15.42 26.80
C ASN A 218 -9.71 14.48 27.60
N LEU A 219 -9.60 13.16 27.38
CA LEU A 219 -10.32 12.12 28.11
C LEU A 219 -9.95 12.22 29.60
N PHE A 220 -8.66 12.45 29.90
CA PHE A 220 -8.18 12.62 31.27
C PHE A 220 -8.53 14.00 31.82
N THR A 221 -8.56 15.04 30.97
CA THR A 221 -8.92 16.43 31.38
C THR A 221 -10.38 16.47 31.84
N GLN A 222 -11.26 15.77 31.13
CA GLN A 222 -12.68 15.67 31.42
C GLN A 222 -12.97 14.90 32.69
N TYR A 223 -12.13 13.89 33.04
CA TYR A 223 -12.31 13.04 34.23
C TYR A 223 -11.31 13.38 35.36
N ASP A 224 -10.70 14.58 35.32
CA ASP A 224 -9.78 15.15 36.31
C ASP A 224 -8.60 14.23 36.67
N CYS A 225 -8.08 13.49 35.66
CA CYS A 225 -6.95 12.56 35.80
C CYS A 225 -5.65 13.26 35.46
N SER A 226 -4.58 12.84 36.13
CA SER A 226 -3.21 13.27 35.84
C SER A 226 -2.39 11.99 35.59
N VAL A 227 -2.23 11.64 34.31
CA VAL A 227 -1.55 10.42 33.87
C VAL A 227 -0.26 10.76 33.12
N VAL A 228 0.80 9.97 33.38
CA VAL A 228 2.10 10.04 32.73
C VAL A 228 2.25 8.76 31.90
N MET A 229 2.34 8.93 30.59
CA MET A 229 2.52 7.81 29.68
C MET A 229 3.92 7.85 29.08
N VAL A 230 4.60 6.69 29.10
CA VAL A 230 5.91 6.50 28.45
C VAL A 230 5.60 6.36 26.94
N VAL A 231 5.93 7.36 26.12
CA VAL A 231 5.63 7.18 24.70
C VAL A 231 6.98 7.00 23.94
N ASN A 232 7.21 5.78 23.41
CA ASN A 232 8.46 5.41 22.73
C ASN A 232 8.16 4.89 21.27
N PRO A 233 7.77 5.73 20.31
CA PRO A 233 7.47 5.19 18.96
C PRO A 233 8.71 5.01 18.10
N MET A 234 8.63 4.09 17.13
CA MET A 234 9.73 3.77 16.22
C MET A 234 10.05 4.99 15.33
N VAL A 235 11.07 5.77 15.75
CA VAL A 235 11.49 6.98 15.06
C VAL A 235 13.03 7.08 15.05
N ASP A 236 13.59 7.65 13.97
CA ASP A 236 15.03 7.85 13.77
C ASP A 236 15.63 8.71 14.88
N ALA A 237 16.92 8.44 15.21
CA ALA A 237 17.72 9.09 16.25
C ALA A 237 17.71 10.63 16.17
N GLU A 238 17.68 11.21 14.95
CA GLU A 238 17.69 12.65 14.73
C GLU A 238 16.27 13.24 14.61
N LYS A 239 15.29 12.41 14.24
CA LYS A 239 13.90 12.84 14.05
C LYS A 239 13.10 12.93 15.38
N ILE A 240 13.69 12.50 16.51
CA ILE A 240 13.05 12.52 17.83
C ILE A 240 12.74 13.96 18.30
N GLU A 241 13.62 14.94 17.98
CA GLU A 241 13.44 16.35 18.36
C GLU A 241 12.18 16.94 17.74
N TYR A 242 11.95 16.66 16.44
CA TYR A 242 10.77 17.11 15.69
C TYR A 242 9.51 16.53 16.31
N VAL A 243 9.49 15.20 16.55
CA VAL A 243 8.35 14.46 17.11
C VAL A 243 8.02 14.99 18.51
N PHE A 244 9.04 15.23 19.36
CA PHE A 244 8.83 15.77 20.72
C PHE A 244 8.14 17.15 20.69
N GLY A 245 8.52 17.98 19.72
CA GLY A 245 7.93 19.30 19.53
C GLY A 245 6.47 19.23 19.12
N GLN A 246 6.15 18.23 18.29
CA GLN A 246 4.80 17.97 17.79
C GLN A 246 3.92 17.40 18.90
N VAL A 247 4.50 16.58 19.78
CA VAL A 247 3.81 15.94 20.92
C VAL A 247 3.45 17.03 21.96
N MET A 248 4.31 18.05 22.15
CA MET A 248 4.10 19.18 23.05
C MET A 248 2.79 19.93 22.73
N ALA A 249 2.44 19.99 21.44
CA ALA A 249 1.24 20.63 20.92
C ALA A 249 0.00 19.71 21.03
N SER A 250 0.21 18.46 21.49
CA SER A 250 -0.85 17.44 21.59
C SER A 250 -1.08 16.94 23.04
N THR A 251 -0.25 17.36 24.00
CA THR A 251 -0.37 16.89 25.39
C THR A 251 -0.30 18.04 26.40
N VAL A 252 -0.80 17.80 27.62
CA VAL A 252 -0.79 18.75 28.75
C VAL A 252 0.64 18.82 29.35
N GLY A 253 1.35 17.70 29.29
CA GLY A 253 2.72 17.57 29.75
C GLY A 253 3.59 16.82 28.77
N ALA A 254 4.89 17.14 28.74
CA ALA A 254 5.86 16.49 27.88
C ALA A 254 7.26 16.50 28.52
N ILE A 255 7.90 15.31 28.67
CA ILE A 255 9.23 15.16 29.25
C ILE A 255 10.11 14.37 28.28
N LEU A 256 11.30 14.92 27.93
CA LEU A 256 12.24 14.26 27.04
C LEU A 256 13.45 13.75 27.86
N CYS A 257 13.84 12.49 27.63
CA CYS A 257 14.97 11.83 28.29
C CYS A 257 16.13 11.62 27.32
N ALA A 258 17.34 11.84 27.82
CA ALA A 258 18.60 11.66 27.10
C ALA A 258 19.73 11.35 28.09
N ASP A 259 20.40 10.20 27.87
CA ASP A 259 21.55 9.70 28.65
C ASP A 259 21.23 9.61 30.17
N GLY A 260 20.07 9.03 30.49
CA GLY A 260 19.61 8.84 31.87
C GLY A 260 19.01 10.04 32.56
N ASN A 261 19.16 11.25 31.98
CA ASN A 261 18.67 12.51 32.55
C ASN A 261 17.55 13.11 31.72
N VAL A 262 16.86 14.12 32.29
CA VAL A 262 15.76 14.83 31.62
C VAL A 262 16.37 15.93 30.74
N SER A 263 16.17 15.82 29.41
CA SER A 263 16.68 16.75 28.42
C SER A 263 15.82 18.01 28.35
N ARG A 264 14.49 17.85 28.14
CA ARG A 264 13.52 18.96 28.01
C ARG A 264 12.20 18.66 28.72
N THR A 265 11.46 19.73 29.09
CA THR A 265 10.15 19.66 29.75
C THR A 265 9.17 20.72 29.21
N MET A 266 7.88 20.42 29.36
CA MET A 266 6.76 21.26 29.00
C MET A 266 5.58 20.86 29.85
N PHE A 267 4.98 21.85 30.57
CA PHE A 267 3.81 21.60 31.40
C PHE A 267 2.83 22.76 31.26
N ARG A 268 1.54 22.44 31.08
CA ARG A 268 0.46 23.41 31.02
C ARG A 268 -0.14 23.52 32.42
N THR A 269 0.24 24.59 33.16
CA THR A 269 -0.18 24.79 34.55
C THR A 269 -1.14 25.99 34.71
N ASN A 270 -1.64 26.20 35.95
CA ASN A 270 -2.51 27.32 36.31
C ASN A 270 -1.73 28.65 36.26
N LYS A 271 -0.38 28.55 36.34
CA LYS A 271 0.58 29.65 36.24
C LYS A 271 1.02 29.85 34.77
N GLY A 272 0.48 29.05 33.85
CA GLY A 272 0.73 29.10 32.42
C GLY A 272 1.54 27.94 31.85
N ARG A 273 1.82 27.97 30.53
CA ARG A 273 2.64 26.97 29.83
C ARG A 273 4.12 27.19 30.19
N ILE A 274 4.77 26.19 30.81
CA ILE A 274 6.17 26.32 31.25
C ILE A 274 7.06 25.37 30.44
N PHE A 275 8.04 25.96 29.72
CA PHE A 275 9.04 25.28 28.91
C PHE A 275 10.39 25.32 29.64
N ASN A 276 10.83 24.15 30.16
CA ASN A 276 12.08 23.94 30.91
C ASN A 276 12.20 24.87 32.11
N MET B 1 -15.84 37.97 25.38
CA MET B 1 -16.19 36.58 25.73
C MET B 1 -17.66 36.19 25.30
N PRO B 2 -18.76 36.99 25.41
CA PRO B 2 -20.08 36.45 25.02
C PRO B 2 -20.36 36.47 23.51
N ILE B 3 -21.42 35.77 23.08
CA ILE B 3 -21.87 35.68 21.68
C ILE B 3 -23.21 36.40 21.58
N VAL B 4 -23.18 37.64 21.04
CA VAL B 4 -24.37 38.50 20.93
C VAL B 4 -25.03 38.40 19.51
N VAL B 5 -26.37 38.23 19.53
CA VAL B 5 -27.25 38.12 18.38
C VAL B 5 -27.94 39.50 18.15
N THR B 6 -27.54 40.18 17.06
CA THR B 6 -27.99 41.49 16.59
C THR B 6 -29.26 41.30 15.73
N GLN B 7 -29.98 42.41 15.40
CA GLN B 7 -31.14 42.39 14.52
C GLN B 7 -30.72 41.96 13.11
N ALA B 8 -29.48 42.30 12.72
CA ALA B 8 -28.85 41.96 11.44
C ALA B 8 -28.81 40.44 11.28
N HIS B 9 -28.53 39.70 12.38
CA HIS B 9 -28.50 38.23 12.41
C HIS B 9 -29.93 37.68 12.24
N ILE B 10 -30.91 38.26 12.99
CA ILE B 10 -32.33 37.86 12.96
C ILE B 10 -32.91 38.02 11.54
N ASP B 11 -32.54 39.12 10.85
CA ASP B 11 -32.99 39.43 9.48
C ASP B 11 -32.40 38.50 8.42
N ARG B 12 -31.29 37.82 8.75
CA ARG B 12 -30.59 36.90 7.85
C ARG B 12 -31.15 35.47 7.90
N VAL B 13 -31.95 35.14 8.95
CA VAL B 13 -32.51 33.79 9.20
C VAL B 13 -33.26 33.28 7.95
N GLY B 14 -34.17 34.10 7.41
CA GLY B 14 -34.94 33.75 6.22
C GLY B 14 -34.09 33.52 4.98
N ILE B 15 -33.08 34.38 4.78
CA ILE B 15 -32.13 34.37 3.65
C ILE B 15 -31.27 33.11 3.74
N ALA B 16 -30.82 32.78 4.96
CA ALA B 16 -30.00 31.60 5.25
C ALA B 16 -30.75 30.33 4.85
N ALA B 17 -32.06 30.24 5.23
CA ALA B 17 -32.92 29.11 4.89
C ALA B 17 -33.11 29.02 3.39
N ASP B 18 -33.22 30.16 2.70
CA ASP B 18 -33.36 30.24 1.25
C ASP B 18 -32.11 29.74 0.56
N LEU B 19 -30.91 30.18 1.01
CA LEU B 19 -29.61 29.78 0.46
C LEU B 19 -29.42 28.28 0.57
N LEU B 20 -29.81 27.71 1.72
CA LEU B 20 -29.67 26.29 2.01
C LEU B 20 -30.60 25.42 1.14
N ASP B 21 -31.85 25.85 0.96
CA ASP B 21 -32.86 25.13 0.17
C ASP B 21 -32.62 25.25 -1.33
N ALA B 22 -32.11 26.41 -1.78
CA ALA B 22 -31.87 26.75 -3.17
C ALA B 22 -30.89 25.81 -3.85
N SER B 23 -29.78 25.47 -3.17
CA SER B 23 -28.75 24.63 -3.76
C SER B 23 -28.48 23.33 -2.96
N PRO B 24 -28.72 22.15 -3.58
CA PRO B 24 -28.38 20.89 -2.91
C PRO B 24 -26.86 20.67 -2.99
N VAL B 25 -26.20 20.41 -1.84
CA VAL B 25 -24.74 20.23 -1.84
C VAL B 25 -24.36 18.87 -1.32
N SER B 26 -23.13 18.47 -1.66
CA SER B 26 -22.49 17.23 -1.27
C SER B 26 -21.02 17.49 -0.95
N LEU B 27 -20.32 16.44 -0.52
CA LEU B 27 -18.89 16.50 -0.24
C LEU B 27 -18.28 15.16 -0.57
N GLN B 28 -17.05 15.14 -1.03
CA GLN B 28 -16.32 13.93 -1.36
C GLN B 28 -14.88 14.07 -0.94
N VAL B 29 -14.31 12.97 -0.46
CA VAL B 29 -12.88 12.85 -0.22
C VAL B 29 -11.80 11.96 -0.85
N LEU B 30 -11.91 10.64 -0.65
CA LEU B 30 -11.40 9.54 -1.47
C LEU B 30 -12.44 8.46 -1.76
N GLY B 31 -13.67 8.65 -1.28
CA GLY B 31 -14.70 7.64 -1.40
C GLY B 31 -15.76 8.07 -2.38
N ARG B 32 -17.00 8.01 -2.00
CA ARG B 32 -18.08 8.45 -2.86
C ARG B 32 -18.71 9.77 -2.36
N PRO B 33 -19.28 10.60 -3.28
CA PRO B 33 -19.89 11.86 -2.83
C PRO B 33 -21.03 11.61 -1.84
N THR B 34 -21.04 12.37 -0.74
CA THR B 34 -22.06 12.27 0.30
C THR B 34 -22.80 13.60 0.42
N ALA B 35 -24.14 13.54 0.34
CA ALA B 35 -25.04 14.67 0.44
C ALA B 35 -25.05 15.27 1.85
N ILE B 36 -25.21 16.60 1.93
CA ILE B 36 -25.28 17.35 3.18
C ILE B 36 -26.76 17.64 3.46
N ASN B 37 -27.27 17.20 4.63
CA ASN B 37 -28.65 17.45 5.01
C ASN B 37 -28.76 18.88 5.56
N THR B 38 -29.27 19.76 4.70
CA THR B 38 -29.49 21.18 4.88
C THR B 38 -30.43 21.44 6.05
N VAL B 39 -31.50 20.60 6.20
CA VAL B 39 -32.55 20.70 7.24
C VAL B 39 -31.93 20.83 8.65
N VAL B 40 -30.93 20.01 8.95
CA VAL B 40 -30.21 19.98 10.24
C VAL B 40 -29.63 21.37 10.57
N ILE B 41 -29.03 22.07 9.56
CA ILE B 41 -28.43 23.41 9.72
C ILE B 41 -29.55 24.41 10.05
N LYS B 42 -30.69 24.31 9.33
CA LYS B 42 -31.86 25.16 9.56
C LYS B 42 -32.40 24.99 10.99
N THR B 43 -32.51 23.71 11.43
CA THR B 43 -32.99 23.31 12.76
C THR B 43 -32.07 23.90 13.85
N TYR B 44 -30.73 23.88 13.59
CA TYR B 44 -29.74 24.45 14.48
C TYR B 44 -29.94 25.98 14.62
N ILE B 45 -30.09 26.70 13.47
CA ILE B 45 -30.30 28.15 13.44
C ILE B 45 -31.54 28.51 14.31
N ALA B 46 -32.67 27.79 14.10
CA ALA B 46 -33.93 27.97 14.84
C ALA B 46 -33.74 27.80 16.36
N ALA B 47 -32.94 26.79 16.77
CA ALA B 47 -32.64 26.49 18.17
C ALA B 47 -31.81 27.61 18.82
N VAL B 48 -30.82 28.15 18.08
CA VAL B 48 -29.92 29.23 18.51
C VAL B 48 -30.73 30.52 18.71
N MET B 49 -31.59 30.87 17.73
CA MET B 49 -32.45 32.07 17.76
C MET B 49 -33.46 32.01 18.90
N GLU B 50 -34.04 30.81 19.16
CA GLU B 50 -35.00 30.57 20.24
C GLU B 50 -34.34 30.79 21.61
N LEU B 51 -33.09 30.29 21.78
CA LEU B 51 -32.31 30.46 23.01
C LEU B 51 -31.87 31.93 23.17
N ALA B 52 -31.46 32.59 22.06
CA ALA B 52 -31.09 34.01 22.03
C ALA B 52 -32.27 34.87 22.50
N SER B 53 -33.49 34.43 22.17
CA SER B 53 -34.76 35.07 22.54
C SER B 53 -35.02 34.91 24.06
N LYS B 54 -34.79 33.71 24.63
CA LYS B 54 -34.96 33.43 26.07
C LYS B 54 -33.96 34.23 26.92
N GLN B 55 -32.70 34.35 26.43
CA GLN B 55 -31.63 35.17 27.01
C GLN B 55 -31.81 36.59 26.46
N GLY B 56 -30.87 37.50 26.65
CA GLY B 56 -31.07 38.85 26.12
C GLY B 56 -30.39 39.13 24.80
N GLY B 57 -30.20 38.09 24.00
CA GLY B 57 -29.43 38.15 22.77
C GLY B 57 -28.01 37.69 23.04
N SER B 58 -27.61 37.79 24.35
CA SER B 58 -26.30 37.43 24.87
C SER B 58 -26.27 35.92 25.15
N LEU B 59 -25.47 35.15 24.34
CA LEU B 59 -25.38 33.68 24.44
C LEU B 59 -24.01 33.19 24.85
N ALA B 60 -23.98 32.02 25.54
CA ALA B 60 -22.75 31.34 25.93
C ALA B 60 -22.45 30.20 24.93
N GLY B 61 -21.23 30.18 24.40
CA GLY B 61 -20.76 29.19 23.44
C GLY B 61 -21.05 27.77 23.83
N VAL B 62 -21.01 27.49 25.14
CA VAL B 62 -21.30 26.19 25.76
C VAL B 62 -22.76 25.80 25.50
N ASP B 63 -23.69 26.77 25.55
CA ASP B 63 -25.12 26.52 25.39
C ASP B 63 -25.54 26.34 23.93
N ILE B 64 -24.69 26.78 22.96
CA ILE B 64 -25.02 26.69 21.54
C ILE B 64 -24.28 25.52 20.85
N ARG B 65 -23.75 24.55 21.61
CA ARG B 65 -23.08 23.41 20.98
C ARG B 65 -24.17 22.48 20.37
N PRO B 66 -23.97 21.92 19.15
CA PRO B 66 -25.05 21.15 18.51
C PRO B 66 -25.54 19.95 19.30
N SER B 67 -24.63 19.25 20.02
CA SER B 67 -24.93 18.06 20.83
C SER B 67 -25.97 18.35 21.92
N VAL B 68 -26.07 19.61 22.36
CA VAL B 68 -26.98 20.09 23.40
C VAL B 68 -28.32 20.55 22.77
N LEU B 69 -28.26 21.27 21.62
CA LEU B 69 -29.43 21.84 20.95
C LEU B 69 -30.16 20.85 20.02
N LEU B 70 -29.46 19.90 19.38
CA LEU B 70 -30.09 18.94 18.44
C LEU B 70 -30.07 17.51 18.98
N LYS B 71 -31.13 16.71 18.72
CA LYS B 71 -31.17 15.31 19.18
C LYS B 71 -30.15 14.46 18.39
N ASP B 72 -30.02 14.78 17.08
CA ASP B 72 -29.08 14.15 16.16
C ASP B 72 -28.22 15.21 15.45
N THR B 73 -26.90 15.02 15.48
CA THR B 73 -25.89 15.93 14.96
C THR B 73 -25.39 15.52 13.54
N ALA B 74 -25.97 14.48 12.91
CA ALA B 74 -25.59 14.02 11.57
C ALA B 74 -25.94 15.05 10.47
N ILE B 75 -24.98 15.37 9.58
CA ILE B 75 -25.16 16.29 8.44
C ILE B 75 -25.06 15.47 7.13
N PHE B 76 -24.22 14.42 7.13
CA PHE B 76 -24.00 13.56 5.97
C PHE B 76 -24.98 12.39 5.98
N THR B 77 -25.69 12.20 4.84
CA THR B 77 -26.73 11.17 4.67
C THR B 77 -26.36 10.24 3.51
N ALA B 84 -22.34 -0.02 1.06
CA ALA B 84 -22.52 0.50 2.41
C ALA B 84 -21.32 1.36 2.81
N ASP B 85 -20.10 0.77 2.86
CA ASP B 85 -18.85 1.47 3.22
C ASP B 85 -17.84 1.35 2.08
N VAL B 86 -17.32 2.50 1.59
CA VAL B 86 -16.38 2.54 0.47
C VAL B 86 -14.94 2.84 0.97
N GLU B 87 -13.95 2.15 0.37
CA GLU B 87 -12.51 2.26 0.65
C GLU B 87 -11.93 3.51 -0.02
N SER B 88 -10.83 4.06 0.52
CA SER B 88 -10.14 5.21 -0.07
C SER B 88 -9.40 4.84 -1.39
N ASP B 89 -9.23 3.54 -1.68
CA ASP B 89 -8.57 3.08 -2.90
C ASP B 89 -9.60 2.27 -3.69
N VAL B 90 -10.55 2.99 -4.30
CA VAL B 90 -11.66 2.50 -5.12
C VAL B 90 -11.60 3.27 -6.45
N ASP B 91 -12.01 2.66 -7.58
CA ASP B 91 -11.94 3.37 -8.86
C ASP B 91 -12.80 4.65 -8.87
N VAL B 92 -12.14 5.76 -9.21
CA VAL B 92 -12.64 7.14 -9.35
C VAL B 92 -13.87 7.19 -10.29
N LEU B 93 -13.93 6.28 -11.24
CA LEU B 93 -15.00 6.17 -12.22
C LEU B 93 -16.22 5.44 -11.64
N ASP B 94 -16.04 4.61 -10.61
CA ASP B 94 -17.13 3.88 -9.95
C ASP B 94 -17.82 4.73 -8.87
N THR B 95 -17.09 5.70 -8.29
CA THR B 95 -17.64 6.59 -7.27
C THR B 95 -18.09 7.91 -7.90
N GLY B 96 -17.41 8.28 -8.99
CA GLY B 96 -17.61 9.55 -9.66
C GLY B 96 -16.79 10.61 -8.93
N ILE B 97 -16.80 11.84 -9.44
CA ILE B 97 -16.08 12.95 -8.82
C ILE B 97 -17.06 14.07 -8.56
N TYR B 98 -16.98 14.66 -7.35
CA TYR B 98 -17.81 15.78 -6.95
C TYR B 98 -16.98 16.89 -6.35
N SER B 99 -17.23 18.10 -6.82
CA SER B 99 -16.68 19.33 -6.28
C SER B 99 -17.83 20.27 -6.03
N VAL B 100 -17.84 20.99 -4.90
CA VAL B 100 -18.99 21.84 -4.65
C VAL B 100 -18.94 23.00 -5.68
N PRO B 101 -20.08 23.23 -6.39
CA PRO B 101 -20.12 24.24 -7.45
C PRO B 101 -19.83 25.66 -6.97
N GLY B 102 -19.25 26.45 -7.86
CA GLY B 102 -18.97 27.86 -7.62
C GLY B 102 -20.21 28.72 -7.77
N LEU B 103 -20.08 29.99 -7.33
CA LEU B 103 -21.14 30.99 -7.35
C LEU B 103 -21.08 31.83 -8.60
N ALA B 104 -22.17 31.85 -9.37
CA ALA B 104 -22.23 32.64 -10.60
C ALA B 104 -22.30 34.13 -10.27
N ARG B 105 -22.94 34.48 -9.16
CA ARG B 105 -23.07 35.87 -8.69
C ARG B 105 -21.81 36.27 -7.92
N LYS B 106 -21.72 37.57 -7.55
CA LYS B 106 -20.63 38.09 -6.74
C LYS B 106 -20.76 37.52 -5.31
N PRO B 107 -19.68 37.04 -4.65
CA PRO B 107 -19.84 36.58 -3.27
C PRO B 107 -20.14 37.75 -2.32
N VAL B 108 -20.79 37.43 -1.18
CA VAL B 108 -21.10 38.39 -0.12
C VAL B 108 -19.77 38.67 0.60
N THR B 109 -19.36 39.94 0.62
CA THR B 109 -18.08 40.34 1.19
C THR B 109 -18.22 40.50 2.69
N HIS B 110 -17.09 40.48 3.45
CA HIS B 110 -17.11 40.67 4.91
C HIS B 110 -16.01 41.67 5.35
N ARG B 111 -15.95 42.02 6.64
CA ARG B 111 -14.92 42.95 7.14
C ARG B 111 -13.82 42.17 7.84
N TRP B 112 -14.08 40.87 8.08
CA TRP B 112 -13.24 39.93 8.79
C TRP B 112 -13.03 38.64 7.94
N PRO B 113 -11.82 38.03 7.93
CA PRO B 113 -10.58 38.38 8.63
C PRO B 113 -9.85 39.59 8.01
N SER B 114 -10.28 40.04 6.80
CA SER B 114 -9.71 41.20 6.10
C SER B 114 -10.83 42.04 5.48
N GLU B 115 -10.58 43.34 5.23
CA GLU B 115 -11.58 44.24 4.67
C GLU B 115 -11.97 43.88 3.25
N GLY B 116 -13.27 43.72 3.03
CA GLY B 116 -13.88 43.40 1.74
C GLY B 116 -13.63 42.00 1.23
N ILE B 117 -13.14 41.09 2.10
CA ILE B 117 -12.85 39.70 1.74
C ILE B 117 -14.14 38.99 1.32
N TYR B 118 -14.08 38.21 0.23
CA TYR B 118 -15.24 37.44 -0.23
C TYR B 118 -15.52 36.31 0.73
N SER B 119 -16.77 35.82 0.74
CA SER B 119 -17.18 34.68 1.55
C SER B 119 -16.40 33.44 1.10
N GLY B 120 -16.05 32.59 2.05
CA GLY B 120 -15.29 31.37 1.79
C GLY B 120 -14.52 30.98 3.03
N VAL B 121 -13.33 30.34 2.82
CA VAL B 121 -12.51 29.94 3.95
C VAL B 121 -11.11 30.56 3.87
N THR B 122 -10.57 30.87 5.06
CA THR B 122 -9.22 31.40 5.28
C THR B 122 -8.44 30.31 6.04
N ALA B 123 -7.23 29.98 5.58
CA ALA B 123 -6.41 28.97 6.25
C ALA B 123 -5.29 29.61 7.07
N LEU B 124 -5.32 29.42 8.40
CA LEU B 124 -4.32 29.93 9.31
C LEU B 124 -3.27 28.84 9.45
N MET B 125 -2.15 29.01 8.75
CA MET B 125 -1.03 28.06 8.63
C MET B 125 0.17 28.44 9.51
N GLY B 126 1.06 27.47 9.68
CA GLY B 126 2.28 27.61 10.46
C GLY B 126 2.71 26.33 11.16
N ALA B 127 4.02 26.26 11.49
CA ALA B 127 4.63 25.14 12.21
C ALA B 127 4.04 25.03 13.63
N THR B 128 4.27 23.89 14.34
CA THR B 128 3.73 23.77 15.70
C THR B 128 4.42 24.78 16.60
N GLY B 129 3.61 25.52 17.35
CA GLY B 129 4.08 26.56 18.23
C GLY B 129 4.56 27.81 17.51
N SER B 130 4.06 28.03 16.28
CA SER B 130 4.40 29.22 15.47
C SER B 130 3.56 30.43 15.88
N GLY B 131 2.54 30.19 16.67
CA GLY B 131 1.64 31.23 17.16
C GLY B 131 0.34 31.34 16.43
N LYS B 132 -0.20 30.20 15.94
CA LYS B 132 -1.48 30.18 15.19
C LYS B 132 -2.66 30.51 16.12
N SER B 133 -2.81 29.75 17.24
CA SER B 133 -3.87 29.93 18.23
C SER B 133 -3.82 31.32 18.87
N ILE B 134 -2.59 31.85 19.11
CA ILE B 134 -2.35 33.18 19.68
C ILE B 134 -2.84 34.24 18.71
N THR B 135 -2.45 34.15 17.41
CA THR B 135 -2.86 35.07 16.36
C THR B 135 -4.37 35.03 16.21
N LEU B 136 -4.95 33.82 16.21
CA LEU B 136 -6.39 33.64 16.08
C LEU B 136 -7.20 34.40 17.15
N ASN B 137 -6.82 34.26 18.42
CA ASN B 137 -7.60 34.81 19.50
C ASN B 137 -7.24 36.26 19.83
N GLU B 138 -5.96 36.65 19.70
CA GLU B 138 -5.55 38.01 20.00
C GLU B 138 -5.72 38.94 18.79
N LYS B 139 -5.10 38.60 17.64
CA LYS B 139 -5.14 39.44 16.44
C LYS B 139 -6.42 39.28 15.64
N LEU B 140 -6.97 38.06 15.45
CA LEU B 140 -8.20 37.92 14.66
C LEU B 140 -9.49 38.30 15.42
N ARG B 141 -9.62 38.00 16.73
CA ARG B 141 -10.82 38.28 17.56
C ARG B 141 -12.12 37.67 16.92
N PRO B 142 -12.27 36.32 16.81
CA PRO B 142 -13.52 35.77 16.23
C PRO B 142 -14.75 35.87 17.16
N ASP B 143 -15.95 35.96 16.56
CA ASP B 143 -17.21 36.01 17.29
C ASP B 143 -17.52 34.65 17.91
N VAL B 144 -17.29 33.56 17.16
CA VAL B 144 -17.52 32.19 17.60
C VAL B 144 -16.21 31.39 17.40
N LEU B 145 -15.72 30.75 18.47
CA LEU B 145 -14.50 29.95 18.42
C LEU B 145 -14.83 28.47 18.61
N ILE B 146 -14.78 27.71 17.50
CA ILE B 146 -15.01 26.28 17.51
C ILE B 146 -13.71 25.61 17.93
N ARG B 147 -13.78 24.80 18.99
CA ARG B 147 -12.62 24.08 19.49
C ARG B 147 -12.78 22.57 19.24
N TRP B 148 -11.84 22.01 18.46
CA TRP B 148 -11.87 20.62 18.03
C TRP B 148 -10.46 20.06 17.90
N GLY B 149 -10.23 18.90 18.53
CA GLY B 149 -8.96 18.18 18.49
C GLY B 149 -7.74 18.93 19.00
N GLU B 150 -7.96 19.75 20.03
CA GLU B 150 -6.93 20.56 20.66
C GLU B 150 -6.92 20.28 22.13
N VAL B 151 -5.72 20.23 22.71
CA VAL B 151 -5.56 19.92 24.13
C VAL B 151 -6.07 21.11 24.99
N ALA B 152 -6.24 20.90 26.32
CA ALA B 152 -6.75 21.91 27.25
C ALA B 152 -5.86 23.16 27.27
N GLU B 153 -6.44 24.29 26.82
CA GLU B 153 -5.79 25.61 26.76
C GLU B 153 -6.69 26.68 27.41
N ALA B 154 -6.18 27.93 27.54
CA ALA B 154 -6.91 29.07 28.10
C ALA B 154 -8.15 29.43 27.28
N TYR B 155 -8.13 29.13 25.96
CA TYR B 155 -9.20 29.44 25.02
C TYR B 155 -10.47 28.61 25.29
N ASP B 156 -10.33 27.51 26.02
CA ASP B 156 -11.47 26.64 26.34
C ASP B 156 -12.38 27.26 27.41
N GLU B 157 -11.86 28.17 28.24
CA GLU B 157 -12.60 28.83 29.33
C GLU B 157 -13.41 30.05 28.83
N LEU B 158 -13.20 30.45 27.56
CA LEU B 158 -13.86 31.56 26.87
C LEU B 158 -15.32 31.25 26.60
N ASP B 159 -16.22 32.27 26.73
CA ASP B 159 -17.66 32.14 26.47
C ASP B 159 -17.96 32.11 24.96
N THR B 160 -16.94 32.37 24.11
CA THR B 160 -17.05 32.33 22.65
C THR B 160 -16.78 30.89 22.18
N ALA B 161 -16.11 30.07 23.02
CA ALA B 161 -15.71 28.68 22.73
C ALA B 161 -16.88 27.73 22.69
N VAL B 162 -16.97 26.95 21.61
CA VAL B 162 -18.00 25.93 21.39
C VAL B 162 -17.26 24.62 21.05
N HIS B 163 -17.33 23.65 21.98
CA HIS B 163 -16.63 22.39 21.90
C HIS B 163 -17.43 21.34 21.15
N ILE B 164 -16.85 20.92 20.03
CA ILE B 164 -17.41 19.90 19.16
C ILE B 164 -16.55 18.63 19.23
N SER B 165 -17.07 17.53 18.63
CA SER B 165 -16.45 16.22 18.57
C SER B 165 -16.37 15.68 17.13
N THR B 166 -17.37 15.98 16.27
CA THR B 166 -17.46 15.46 14.88
C THR B 166 -17.31 16.57 13.80
N LEU B 167 -17.02 16.14 12.56
CA LEU B 167 -16.92 17.02 11.38
C LEU B 167 -18.29 17.60 11.05
N ASP B 168 -19.37 16.78 11.25
CA ASP B 168 -20.77 17.18 11.06
C ASP B 168 -21.06 18.42 11.92
N GLU B 169 -20.70 18.38 13.22
CA GLU B 169 -20.86 19.47 14.18
C GLU B 169 -20.11 20.73 13.71
N MET B 170 -18.86 20.58 13.20
CA MET B 170 -18.07 21.72 12.72
C MET B 170 -18.82 22.47 11.61
N LEU B 171 -19.30 21.73 10.58
CA LEU B 171 -20.01 22.31 9.45
C LEU B 171 -21.35 22.93 9.87
N ILE B 172 -22.06 22.32 10.83
CA ILE B 172 -23.33 22.84 11.37
C ILE B 172 -23.11 24.24 11.94
N VAL B 173 -22.11 24.40 12.84
CA VAL B 173 -21.81 25.67 13.49
C VAL B 173 -21.23 26.69 12.47
N CYS B 174 -20.33 26.25 11.59
CA CYS B 174 -19.72 27.08 10.56
C CYS B 174 -20.75 27.64 9.57
N ILE B 175 -21.56 26.76 8.93
CA ILE B 175 -22.59 27.16 7.96
C ILE B 175 -23.75 27.87 8.68
N GLY B 176 -24.25 27.27 9.76
CA GLY B 176 -25.37 27.81 10.53
C GLY B 176 -25.16 29.23 11.02
N LEU B 177 -24.10 29.45 11.80
CA LEU B 177 -23.81 30.76 12.38
C LEU B 177 -23.13 31.72 11.37
N GLY B 178 -22.25 31.21 10.51
CA GLY B 178 -21.54 32.04 9.53
C GLY B 178 -22.44 32.71 8.52
N ALA B 179 -23.54 32.00 8.10
CA ALA B 179 -24.54 32.48 7.13
C ALA B 179 -25.31 33.63 7.67
N LEU B 180 -25.58 33.59 9.00
CA LEU B 180 -26.27 34.64 9.74
C LEU B 180 -25.39 35.88 9.83
N GLY B 181 -24.10 35.71 9.57
CA GLY B 181 -23.15 36.80 9.55
C GLY B 181 -22.05 36.77 10.59
N PHE B 182 -22.09 35.79 11.50
CA PHE B 182 -21.07 35.65 12.56
C PHE B 182 -19.70 35.34 11.99
N ASN B 183 -18.66 35.81 12.68
CA ASN B 183 -17.26 35.53 12.32
C ASN B 183 -16.85 34.28 13.05
N VAL B 184 -16.95 33.15 12.33
CA VAL B 184 -16.68 31.82 12.88
C VAL B 184 -15.22 31.41 12.61
N ALA B 185 -14.60 30.75 13.60
CA ALA B 185 -13.24 30.25 13.52
C ALA B 185 -13.15 28.84 14.07
N VAL B 186 -12.25 28.02 13.49
CA VAL B 186 -12.04 26.64 13.94
C VAL B 186 -10.59 26.47 14.34
N ASP B 187 -10.40 26.04 15.57
CA ASP B 187 -9.12 25.68 16.16
C ASP B 187 -9.31 24.34 16.85
N SER B 188 -9.06 23.21 16.15
CA SER B 188 -8.57 23.18 14.75
C SER B 188 -9.29 22.09 13.94
N VAL B 189 -8.72 21.78 12.76
CA VAL B 189 -9.19 20.82 11.76
C VAL B 189 -8.21 19.61 11.70
N ARG B 190 -7.27 19.55 12.68
CA ARG B 190 -6.33 18.45 12.84
C ARG B 190 -7.05 17.08 12.87
N PRO B 191 -8.26 16.90 13.46
CA PRO B 191 -8.88 15.56 13.50
C PRO B 191 -9.24 15.00 12.13
N LEU B 192 -9.46 15.86 11.14
CA LEU B 192 -9.77 15.45 9.77
C LEU B 192 -8.44 15.24 9.05
N LEU B 193 -7.54 16.23 9.13
CA LEU B 193 -6.24 16.18 8.45
C LEU B 193 -5.41 14.98 8.85
N PHE B 194 -5.29 14.71 10.15
CA PHE B 194 -4.47 13.59 10.64
C PHE B 194 -5.10 12.23 10.34
N ARG B 195 -6.38 12.20 9.91
CA ARG B 195 -7.06 10.96 9.59
C ARG B 195 -7.28 10.82 8.08
N LEU B 196 -6.71 11.75 7.27
CA LEU B 196 -6.76 11.70 5.80
C LEU B 196 -5.91 10.55 5.30
N LYS B 197 -6.59 9.48 4.84
CA LYS B 197 -5.93 8.28 4.34
C LYS B 197 -5.68 8.44 2.87
N GLY B 198 -4.55 7.98 2.39
CA GLY B 198 -4.17 8.08 0.99
C GLY B 198 -2.68 8.26 0.82
N ALA B 199 -2.22 8.09 -0.43
CA ALA B 199 -0.80 8.24 -0.75
C ALA B 199 -0.43 9.71 -0.81
N ALA B 200 0.58 10.11 0.00
CA ALA B 200 1.08 11.49 0.09
C ALA B 200 1.71 11.94 -1.23
N SER B 201 1.25 13.08 -1.75
CA SER B 201 1.72 13.69 -3.01
C SER B 201 2.92 14.63 -2.75
N ALA B 202 3.26 15.52 -3.71
CA ALA B 202 4.34 16.48 -3.60
C ALA B 202 4.09 17.46 -2.43
N GLY B 203 5.04 17.49 -1.50
CA GLY B 203 4.97 18.31 -0.29
C GLY B 203 4.69 17.50 0.96
N GLY B 204 4.73 16.16 0.85
CA GLY B 204 4.50 15.22 1.94
C GLY B 204 3.10 15.19 2.47
N ILE B 205 2.12 15.56 1.62
CA ILE B 205 0.71 15.64 1.98
C ILE B 205 -0.19 15.18 0.81
N VAL B 206 -1.28 14.47 1.14
CA VAL B 206 -2.28 13.92 0.21
C VAL B 206 -2.85 15.07 -0.64
N ALA B 207 -2.97 14.85 -1.97
CA ALA B 207 -3.46 15.85 -2.91
C ALA B 207 -4.91 16.28 -2.62
N VAL B 208 -5.78 15.34 -2.19
CA VAL B 208 -7.22 15.58 -1.90
C VAL B 208 -7.40 16.65 -0.77
N PHE B 209 -6.31 16.94 -0.04
CA PHE B 209 -6.31 17.95 1.01
C PHE B 209 -6.63 19.33 0.40
N TYR B 210 -6.01 19.63 -0.77
CA TYR B 210 -6.20 20.91 -1.47
C TYR B 210 -7.59 20.99 -2.08
N SER B 211 -8.13 19.86 -2.56
CA SER B 211 -9.47 19.79 -3.11
C SER B 211 -10.51 20.02 -2.00
N LEU B 212 -10.28 19.44 -0.80
CA LEU B 212 -11.15 19.60 0.35
C LEU B 212 -11.23 21.06 0.81
N LEU B 213 -10.09 21.78 0.83
CA LEU B 213 -10.04 23.20 1.21
C LEU B 213 -10.89 24.06 0.24
N THR B 214 -10.80 23.76 -1.08
CA THR B 214 -11.56 24.45 -2.14
C THR B 214 -13.05 24.17 -1.98
N ASP B 215 -13.43 22.88 -1.74
CA ASP B 215 -14.81 22.43 -1.56
C ASP B 215 -15.41 23.06 -0.29
N ILE B 216 -14.59 23.18 0.79
CA ILE B 216 -15.02 23.80 2.04
C ILE B 216 -15.20 25.30 1.79
N SER B 217 -14.24 25.93 1.09
CA SER B 217 -14.26 27.35 0.76
C SER B 217 -15.53 27.69 0.01
N ASN B 218 -15.80 26.95 -1.09
CA ASN B 218 -16.96 27.17 -1.95
C ASN B 218 -18.29 26.93 -1.20
N LEU B 219 -18.31 25.98 -0.26
CA LEU B 219 -19.47 25.69 0.61
C LEU B 219 -19.79 26.94 1.44
N PHE B 220 -18.75 27.63 1.93
CA PHE B 220 -18.92 28.85 2.68
C PHE B 220 -19.30 30.01 1.76
N THR B 221 -18.69 30.08 0.54
CA THR B 221 -18.97 31.14 -0.46
C THR B 221 -20.46 31.12 -0.86
N GLN B 222 -21.02 29.92 -1.02
CA GLN B 222 -22.41 29.69 -1.38
C GLN B 222 -23.38 30.07 -0.28
N TYR B 223 -22.97 29.91 0.99
CA TYR B 223 -23.83 30.21 2.16
C TYR B 223 -23.39 31.51 2.87
N ASP B 224 -22.56 32.31 2.18
CA ASP B 224 -22.06 33.64 2.55
C ASP B 224 -21.44 33.64 3.94
N CYS B 225 -20.62 32.59 4.20
CA CYS B 225 -19.92 32.36 5.47
C CYS B 225 -18.49 32.89 5.38
N SER B 226 -17.99 33.56 6.44
CA SER B 226 -16.58 34.00 6.53
C SER B 226 -15.91 33.22 7.66
N VAL B 227 -15.23 32.09 7.33
CA VAL B 227 -14.63 31.17 8.31
C VAL B 227 -13.09 31.15 8.21
N VAL B 228 -12.43 31.13 9.39
CA VAL B 228 -10.98 31.02 9.54
C VAL B 228 -10.71 29.67 10.18
N MET B 229 -10.01 28.77 9.45
CA MET B 229 -9.65 27.46 9.97
C MET B 229 -8.16 27.41 10.17
N VAL B 230 -7.70 26.97 11.34
CA VAL B 230 -6.26 26.82 11.54
C VAL B 230 -5.93 25.44 10.92
N VAL B 231 -5.09 25.43 9.87
CA VAL B 231 -4.74 24.19 9.18
C VAL B 231 -3.26 23.87 9.48
N ASN B 232 -3.03 22.80 10.24
CA ASN B 232 -1.68 22.38 10.63
C ASN B 232 -1.43 20.89 10.24
N PRO B 233 -1.13 20.60 8.96
CA PRO B 233 -0.87 19.19 8.58
C PRO B 233 0.58 18.77 8.83
N MET B 234 0.82 17.46 9.05
CA MET B 234 2.15 16.92 9.30
C MET B 234 3.02 17.07 8.05
N VAL B 235 3.85 18.12 8.05
CA VAL B 235 4.72 18.48 6.94
C VAL B 235 6.10 18.90 7.48
N ASP B 236 7.17 18.62 6.71
CA ASP B 236 8.55 18.98 7.06
C ASP B 236 8.70 20.49 7.22
N ALA B 237 9.62 20.91 8.12
CA ALA B 237 9.92 22.29 8.49
C ALA B 237 10.23 23.20 7.29
N GLU B 238 10.87 22.66 6.24
CA GLU B 238 11.23 23.42 5.04
C GLU B 238 10.16 23.32 3.93
N LYS B 239 9.33 22.26 3.96
CA LYS B 239 8.28 22.02 2.96
C LYS B 239 6.99 22.85 3.21
N ILE B 240 6.92 23.58 4.34
CA ILE B 240 5.76 24.39 4.73
C ILE B 240 5.53 25.56 3.71
N GLU B 241 6.62 26.16 3.16
CA GLU B 241 6.55 27.26 2.20
C GLU B 241 5.84 26.83 0.92
N TYR B 242 6.18 25.63 0.40
CA TYR B 242 5.57 25.06 -0.80
C TYR B 242 4.07 24.82 -0.57
N VAL B 243 3.72 24.16 0.55
CA VAL B 243 2.34 23.83 0.92
C VAL B 243 1.51 25.11 1.07
N PHE B 244 2.06 26.17 1.73
CA PHE B 244 1.36 27.44 1.91
C PHE B 244 1.01 28.09 0.58
N GLY B 245 1.92 28.00 -0.40
CA GLY B 245 1.72 28.53 -1.74
C GLY B 245 0.62 27.80 -2.48
N GLN B 246 0.54 26.49 -2.26
CA GLN B 246 -0.45 25.60 -2.87
C GLN B 246 -1.83 25.83 -2.26
N VAL B 247 -1.87 26.12 -0.92
CA VAL B 247 -3.10 26.38 -0.16
C VAL B 247 -3.70 27.73 -0.61
N MET B 248 -2.84 28.73 -0.94
CA MET B 248 -3.25 30.05 -1.45
C MET B 248 -4.12 29.93 -2.71
N ALA B 249 -3.83 28.90 -3.54
CA ALA B 249 -4.54 28.61 -4.79
C ALA B 249 -5.84 27.80 -4.53
N SER B 250 -6.09 27.43 -3.26
CA SER B 250 -7.23 26.61 -2.86
C SER B 250 -8.16 27.31 -1.84
N THR B 251 -7.80 28.51 -1.36
CA THR B 251 -8.61 29.22 -0.36
C THR B 251 -8.81 30.70 -0.70
N VAL B 252 -9.86 31.32 -0.12
CA VAL B 252 -10.18 32.74 -0.29
C VAL B 252 -9.19 33.61 0.55
N GLY B 253 -8.74 33.06 1.66
CA GLY B 253 -7.77 33.68 2.55
C GLY B 253 -6.70 32.71 3.00
N ALA B 254 -5.48 33.23 3.26
CA ALA B 254 -4.36 32.42 3.73
C ALA B 254 -3.43 33.27 4.61
N ILE B 255 -3.15 32.78 5.83
CA ILE B 255 -2.28 33.47 6.81
C ILE B 255 -1.21 32.49 7.28
N LEU B 256 0.07 32.89 7.16
CA LEU B 256 1.21 32.07 7.62
C LEU B 256 1.79 32.67 8.90
N CYS B 257 2.03 31.80 9.89
CA CYS B 257 2.60 32.16 11.18
C CYS B 257 4.01 31.61 11.33
N ALA B 258 4.89 32.44 11.91
CA ALA B 258 6.29 32.12 12.19
C ALA B 258 6.79 32.93 13.37
N ASP B 259 7.28 32.23 14.41
CA ASP B 259 7.85 32.78 15.65
C ASP B 259 6.87 33.76 16.37
N GLY B 260 5.61 33.35 16.49
CA GLY B 260 4.56 34.12 17.15
C GLY B 260 3.93 35.24 16.35
N ASN B 261 4.52 35.59 15.19
CA ASN B 261 4.05 36.67 14.33
C ASN B 261 3.54 36.16 12.98
N VAL B 262 2.85 37.03 12.23
CA VAL B 262 2.32 36.71 10.91
C VAL B 262 3.43 36.92 9.88
N SER B 263 3.85 35.82 9.23
CA SER B 263 4.90 35.80 8.22
C SER B 263 4.37 36.33 6.87
N ARG B 264 3.28 35.72 6.34
CA ARG B 264 2.69 36.05 5.04
C ARG B 264 1.16 36.04 5.08
N THR B 265 0.53 36.79 4.15
CA THR B 265 -0.93 36.88 3.99
C THR B 265 -1.35 36.90 2.51
N MET B 266 -2.59 36.49 2.27
CA MET B 266 -3.28 36.45 0.99
C MET B 266 -4.76 36.53 1.24
N PHE B 267 -5.44 37.49 0.59
CA PHE B 267 -6.89 37.67 0.73
C PHE B 267 -7.49 38.05 -0.61
N ARG B 268 -8.60 37.37 -0.99
CA ARG B 268 -9.35 37.62 -2.22
C ARG B 268 -10.50 38.55 -1.87
N THR B 269 -10.34 39.83 -2.22
CA THR B 269 -11.29 40.88 -1.81
C THR B 269 -11.96 41.55 -3.00
N ASN B 270 -12.93 42.47 -2.69
CA ASN B 270 -13.67 43.24 -3.70
C ASN B 270 -12.75 44.24 -4.43
N LYS B 271 -11.62 44.58 -3.77
CA LYS B 271 -10.56 45.44 -4.29
C LYS B 271 -9.47 44.58 -5.03
N GLY B 272 -9.69 43.25 -5.07
CA GLY B 272 -8.81 42.27 -5.72
C GLY B 272 -8.04 41.38 -4.78
N ARG B 273 -7.17 40.48 -5.33
CA ARG B 273 -6.30 39.61 -4.51
C ARG B 273 -5.17 40.41 -3.93
N ILE B 274 -4.99 40.33 -2.62
CA ILE B 274 -3.93 41.09 -1.98
C ILE B 274 -2.94 40.16 -1.28
N PHE B 275 -1.66 40.24 -1.71
CA PHE B 275 -0.52 39.48 -1.18
C PHE B 275 0.33 40.38 -0.29
N ASN B 276 0.27 40.17 1.05
CA ASN B 276 0.99 40.92 2.09
C ASN B 276 0.73 42.43 2.01
N PRO C 2 -21.11 37.17 -23.21
CA PRO C 2 -22.23 36.24 -23.47
C PRO C 2 -21.81 35.06 -24.34
N ILE C 3 -22.68 34.02 -24.42
CA ILE C 3 -22.45 32.84 -25.25
C ILE C 3 -23.45 32.90 -26.41
N VAL C 4 -22.97 33.34 -27.61
CA VAL C 4 -23.84 33.54 -28.78
C VAL C 4 -23.83 32.31 -29.70
N VAL C 5 -25.04 31.91 -30.11
CA VAL C 5 -25.33 30.78 -30.98
C VAL C 5 -25.59 31.29 -32.41
N THR C 6 -24.64 31.04 -33.31
CA THR C 6 -24.62 31.40 -34.73
C THR C 6 -25.35 30.31 -35.54
N GLN C 7 -25.65 30.58 -36.82
CA GLN C 7 -26.29 29.62 -37.72
C GLN C 7 -25.34 28.41 -37.94
N ALA C 8 -24.01 28.68 -37.90
CA ALA C 8 -22.95 27.68 -38.01
C ALA C 8 -23.10 26.61 -36.93
N HIS C 9 -23.46 27.02 -35.69
CA HIS C 9 -23.71 26.12 -34.55
C HIS C 9 -24.98 25.28 -34.80
N ILE C 10 -26.08 25.94 -35.26
CA ILE C 10 -27.36 25.30 -35.54
C ILE C 10 -27.20 24.22 -36.63
N ASP C 11 -26.36 24.49 -37.66
CA ASP C 11 -26.10 23.56 -38.77
C ASP C 11 -25.27 22.34 -38.35
N ARG C 12 -24.59 22.43 -37.23
CA ARG C 12 -23.75 21.36 -36.69
C ARG C 12 -24.52 20.37 -35.80
N VAL C 13 -25.74 20.74 -35.37
CA VAL C 13 -26.58 19.95 -34.45
C VAL C 13 -26.80 18.51 -34.97
N GLY C 14 -27.23 18.40 -36.23
CA GLY C 14 -27.45 17.11 -36.86
C GLY C 14 -26.22 16.23 -36.98
N ILE C 15 -25.08 16.86 -37.33
CA ILE C 15 -23.76 16.24 -37.49
C ILE C 15 -23.28 15.73 -36.12
N ALA C 16 -23.55 16.52 -35.03
CA ALA C 16 -23.20 16.19 -33.66
C ALA C 16 -23.90 14.89 -33.23
N ALA C 17 -25.24 14.79 -33.40
CA ALA C 17 -26.01 13.57 -33.09
C ALA C 17 -25.46 12.37 -33.88
N ASP C 18 -25.11 12.61 -35.15
CA ASP C 18 -24.52 11.60 -36.03
C ASP C 18 -23.22 11.06 -35.43
N LEU C 19 -22.25 11.96 -35.16
CA LEU C 19 -20.94 11.61 -34.60
C LEU C 19 -21.07 10.80 -33.32
N LEU C 20 -22.02 11.21 -32.45
CA LEU C 20 -22.30 10.60 -31.16
C LEU C 20 -22.89 9.20 -31.29
N ASP C 21 -23.81 8.98 -32.24
CA ASP C 21 -24.47 7.70 -32.47
C ASP C 21 -23.57 6.71 -33.21
N ALA C 22 -22.74 7.23 -34.14
CA ALA C 22 -21.87 6.45 -35.01
C ALA C 22 -20.85 5.61 -34.24
N SER C 23 -20.21 6.19 -33.20
CA SER C 23 -19.19 5.48 -32.44
C SER C 23 -19.55 5.34 -30.93
N PRO C 24 -19.71 4.09 -30.44
CA PRO C 24 -19.93 3.90 -29.00
C PRO C 24 -18.59 4.03 -28.26
N VAL C 25 -18.56 4.88 -27.20
CA VAL C 25 -17.32 5.12 -26.48
C VAL C 25 -17.45 4.73 -25.02
N SER C 26 -16.30 4.47 -24.40
CA SER C 26 -16.17 4.18 -22.99
C SER C 26 -15.03 5.00 -22.44
N LEU C 27 -14.80 4.89 -21.14
CA LEU C 27 -13.70 5.54 -20.47
C LEU C 27 -13.18 4.57 -19.41
N GLN C 28 -11.80 4.46 -19.11
CA GLN C 28 -11.23 3.63 -18.07
C GLN C 28 -10.12 4.40 -17.38
N VAL C 29 -10.03 4.21 -16.06
CA VAL C 29 -8.90 4.67 -15.27
C VAL C 29 -7.83 3.91 -14.47
N LEU C 30 -8.25 3.21 -13.41
CA LEU C 30 -7.63 2.04 -12.78
C LEU C 30 -8.60 0.89 -12.52
N GLY C 31 -9.86 1.06 -12.93
CA GLY C 31 -10.89 0.10 -12.63
C GLY C 31 -11.31 -0.62 -13.89
N ARG C 32 -12.57 -0.61 -14.00
CA ARG C 32 -13.04 -1.28 -15.20
C ARG C 32 -13.59 -0.28 -16.23
N PRO C 33 -13.53 -0.59 -17.55
CA PRO C 33 -14.06 0.36 -18.56
C PRO C 33 -15.55 0.63 -18.36
N THR C 34 -15.93 1.90 -18.46
CA THR C 34 -17.30 2.36 -18.28
C THR C 34 -17.78 3.09 -19.52
N ALA C 35 -18.93 2.66 -20.04
CA ALA C 35 -19.57 3.24 -21.21
C ALA C 35 -20.12 4.65 -20.93
N ILE C 36 -20.04 5.52 -21.95
CA ILE C 36 -20.55 6.88 -21.94
C ILE C 36 -21.91 6.90 -22.65
N ASN C 37 -22.96 7.34 -21.96
CA ASN C 37 -24.30 7.47 -22.55
C ASN C 37 -24.36 8.74 -23.40
N THR C 38 -24.25 8.53 -24.71
CA THR C 38 -24.24 9.51 -25.78
C THR C 38 -25.56 10.33 -25.79
N VAL C 39 -26.72 9.66 -25.51
CA VAL C 39 -28.07 10.21 -25.50
C VAL C 39 -28.13 11.48 -24.65
N VAL C 40 -27.51 11.44 -23.46
CA VAL C 40 -27.47 12.55 -22.50
C VAL C 40 -26.86 13.82 -23.15
N ILE C 41 -25.75 13.67 -23.91
CA ILE C 41 -25.07 14.76 -24.62
C ILE C 41 -26.02 15.36 -25.67
N LYS C 42 -26.71 14.48 -26.45
CA LYS C 42 -27.67 14.91 -27.46
C LYS C 42 -28.81 15.70 -26.80
N THR C 43 -29.35 15.19 -25.67
CA THR C 43 -30.43 15.81 -24.91
C THR C 43 -30.00 17.21 -24.44
N TYR C 44 -28.73 17.33 -23.99
CA TYR C 44 -28.15 18.60 -23.56
C TYR C 44 -28.10 19.60 -24.73
N ILE C 45 -27.60 19.17 -25.91
CA ILE C 45 -27.50 20.00 -27.12
C ILE C 45 -28.89 20.57 -27.46
N ALA C 46 -29.92 19.69 -27.50
CA ALA C 46 -31.33 20.04 -27.79
C ALA C 46 -31.87 21.08 -26.80
N ALA C 47 -31.57 20.95 -25.49
CA ALA C 47 -31.99 21.90 -24.45
C ALA C 47 -31.32 23.27 -24.60
N VAL C 48 -30.03 23.29 -24.99
CA VAL C 48 -29.24 24.52 -25.22
C VAL C 48 -29.81 25.27 -26.45
N MET C 49 -30.04 24.55 -27.55
CA MET C 49 -30.57 25.13 -28.80
C MET C 49 -31.99 25.71 -28.63
N GLU C 50 -32.85 25.05 -27.82
CA GLU C 50 -34.21 25.50 -27.60
C GLU C 50 -34.15 26.79 -26.81
N LEU C 51 -33.29 26.84 -25.76
CA LEU C 51 -33.11 28.03 -24.93
C LEU C 51 -32.50 29.18 -25.77
N ALA C 52 -31.56 28.86 -26.70
CA ALA C 52 -30.95 29.85 -27.59
C ALA C 52 -32.00 30.45 -28.54
N SER C 53 -32.94 29.62 -29.00
CA SER C 53 -34.06 29.98 -29.88
C SER C 53 -35.13 30.82 -29.11
N LYS C 54 -35.35 30.54 -27.80
CA LYS C 54 -36.29 31.30 -26.94
C LYS C 54 -35.73 32.69 -26.66
N GLN C 55 -34.40 32.77 -26.29
CA GLN C 55 -33.68 34.03 -26.08
C GLN C 55 -33.20 34.52 -27.45
N GLY C 56 -32.36 35.54 -27.50
CA GLY C 56 -31.96 36.10 -28.80
C GLY C 56 -30.80 35.43 -29.52
N GLY C 57 -30.40 34.26 -29.04
CA GLY C 57 -29.22 33.54 -29.52
C GLY C 57 -28.12 33.77 -28.52
N SER C 58 -28.25 34.85 -27.74
CA SER C 58 -27.32 35.28 -26.70
C SER C 58 -27.70 34.55 -25.40
N LEU C 59 -26.87 33.58 -24.98
CA LEU C 59 -27.15 32.83 -23.75
C LEU C 59 -26.25 33.23 -22.61
N ALA C 60 -26.67 32.89 -21.37
CA ALA C 60 -25.89 33.07 -20.14
C ALA C 60 -25.41 31.70 -19.64
N GLY C 61 -24.10 31.61 -19.40
CA GLY C 61 -23.44 30.41 -18.90
C GLY C 61 -24.13 29.73 -17.73
N VAL C 62 -24.74 30.55 -16.86
CA VAL C 62 -25.52 30.11 -15.70
C VAL C 62 -26.74 29.29 -16.14
N ASP C 63 -27.40 29.72 -17.24
CA ASP C 63 -28.62 29.09 -17.71
C ASP C 63 -28.35 27.79 -18.48
N ILE C 64 -27.11 27.57 -18.95
CA ILE C 64 -26.78 26.37 -19.72
C ILE C 64 -26.05 25.31 -18.89
N ARG C 65 -26.09 25.41 -17.54
CA ARG C 65 -25.43 24.38 -16.71
C ARG C 65 -26.29 23.10 -16.76
N PRO C 66 -25.66 21.88 -16.89
CA PRO C 66 -26.46 20.66 -17.07
C PRO C 66 -27.47 20.37 -15.96
N SER C 67 -27.13 20.68 -14.69
CA SER C 67 -27.96 20.45 -13.50
C SER C 67 -29.31 21.19 -13.59
N VAL C 68 -29.35 22.28 -14.36
CA VAL C 68 -30.53 23.13 -14.58
C VAL C 68 -31.34 22.64 -15.80
N LEU C 69 -30.65 22.27 -16.89
CA LEU C 69 -31.28 21.85 -18.14
C LEU C 69 -31.72 20.37 -18.17
N LEU C 70 -30.97 19.46 -17.51
CA LEU C 70 -31.27 18.03 -17.54
C LEU C 70 -31.77 17.53 -16.20
N LYS C 71 -32.73 16.56 -16.24
CA LYS C 71 -33.29 15.92 -15.05
C LYS C 71 -32.23 15.08 -14.34
N ASP C 72 -31.36 14.40 -15.12
CA ASP C 72 -30.22 13.62 -14.64
C ASP C 72 -28.98 13.95 -15.46
N THR C 73 -27.86 14.21 -14.75
CA THR C 73 -26.56 14.62 -15.28
C THR C 73 -25.57 13.45 -15.48
N ALA C 74 -26.00 12.20 -15.24
CA ALA C 74 -25.16 11.01 -15.40
C ALA C 74 -24.81 10.72 -16.86
N ILE C 75 -23.50 10.49 -17.16
CA ILE C 75 -22.99 10.14 -18.50
C ILE C 75 -22.48 8.69 -18.47
N PHE C 76 -21.95 8.24 -17.31
CA PHE C 76 -21.38 6.90 -17.13
C PHE C 76 -22.45 5.94 -16.62
N THR C 77 -22.55 4.75 -17.25
CA THR C 77 -23.54 3.72 -16.93
C THR C 77 -22.89 2.38 -16.67
N ALA C 84 -19.87 -4.72 -8.45
CA ALA C 84 -20.53 -3.44 -8.28
C ALA C 84 -19.50 -2.29 -8.19
N ASP C 85 -18.56 -2.38 -7.22
CA ASP C 85 -17.50 -1.38 -7.00
C ASP C 85 -16.13 -2.06 -7.11
N VAL C 86 -15.26 -1.54 -8.01
CA VAL C 86 -13.94 -2.09 -8.26
C VAL C 86 -12.84 -1.16 -7.64
N GLU C 87 -11.82 -1.78 -7.04
CA GLU C 87 -10.67 -1.14 -6.41
C GLU C 87 -9.66 -0.70 -7.47
N SER C 88 -8.83 0.33 -7.18
CA SER C 88 -7.81 0.78 -8.13
C SER C 88 -6.62 -0.21 -8.23
N ASP C 89 -6.55 -1.18 -7.30
CA ASP C 89 -5.51 -2.23 -7.29
C ASP C 89 -6.20 -3.58 -7.51
N VAL C 90 -6.67 -3.80 -8.75
CA VAL C 90 -7.37 -4.99 -9.24
C VAL C 90 -6.61 -5.48 -10.49
N ASP C 91 -6.58 -6.79 -10.75
CA ASP C 91 -5.82 -7.30 -11.88
C ASP C 91 -6.36 -6.75 -13.21
N VAL C 92 -5.45 -6.13 -13.98
CA VAL C 92 -5.58 -5.50 -15.29
C VAL C 92 -6.23 -6.49 -16.30
N LEU C 93 -5.99 -7.79 -16.10
CA LEU C 93 -6.52 -8.86 -16.93
C LEU C 93 -7.99 -9.17 -16.58
N ASP C 94 -8.43 -8.88 -15.35
CA ASP C 94 -9.81 -9.13 -14.90
C ASP C 94 -10.75 -7.99 -15.30
N THR C 95 -10.21 -6.76 -15.43
CA THR C 95 -10.99 -5.58 -15.81
C THR C 95 -10.88 -5.34 -17.31
N GLY C 96 -9.74 -5.72 -17.86
CA GLY C 96 -9.43 -5.47 -19.25
C GLY C 96 -8.85 -4.07 -19.37
N ILE C 97 -8.41 -3.70 -20.59
CA ILE C 97 -7.83 -2.39 -20.85
C ILE C 97 -8.61 -1.75 -21.98
N TYR C 98 -8.98 -0.47 -21.81
CA TYR C 98 -9.71 0.30 -22.81
C TYR C 98 -9.06 1.65 -23.04
N SER C 99 -8.91 2.00 -24.32
CA SER C 99 -8.45 3.32 -24.74
C SER C 99 -9.40 3.80 -25.80
N VAL C 100 -9.76 5.07 -25.79
CA VAL C 100 -10.73 5.49 -26.79
C VAL C 100 -10.05 5.46 -28.19
N PRO C 101 -10.71 4.81 -29.18
CA PRO C 101 -10.10 4.65 -30.51
C PRO C 101 -9.83 5.97 -31.23
N GLY C 102 -8.82 5.94 -32.11
CA GLY C 102 -8.45 7.08 -32.94
C GLY C 102 -9.35 7.21 -34.15
N LEU C 103 -9.19 8.33 -34.87
CA LEU C 103 -9.96 8.67 -36.08
C LEU C 103 -9.23 8.25 -37.33
N ALA C 104 -9.88 7.41 -38.14
CA ALA C 104 -9.32 6.95 -39.41
C ALA C 104 -9.27 8.10 -40.43
N ARG C 105 -10.25 9.02 -40.37
CA ARG C 105 -10.31 10.18 -41.26
C ARG C 105 -9.45 11.33 -40.72
N LYS C 106 -9.32 12.42 -41.53
CA LYS C 106 -8.58 13.63 -41.14
C LYS C 106 -9.39 14.35 -40.04
N PRO C 107 -8.77 14.76 -38.90
CA PRO C 107 -9.57 15.47 -37.88
C PRO C 107 -9.93 16.87 -38.36
N VAL C 108 -11.09 17.37 -37.90
CA VAL C 108 -11.58 18.70 -38.24
C VAL C 108 -10.61 19.70 -37.60
N THR C 109 -10.19 20.70 -38.39
CA THR C 109 -9.26 21.72 -37.90
C THR C 109 -10.06 22.86 -37.24
N HIS C 110 -9.36 23.67 -36.44
CA HIS C 110 -9.90 24.81 -35.67
C HIS C 110 -8.95 26.01 -35.74
N ARG C 111 -9.44 27.21 -35.41
CA ARG C 111 -8.62 28.43 -35.40
C ARG C 111 -8.15 28.73 -33.96
N TRP C 112 -8.74 28.04 -32.97
CA TRP C 112 -8.49 28.16 -31.53
C TRP C 112 -8.17 26.79 -30.91
N PRO C 113 -7.21 26.66 -29.96
CA PRO C 113 -6.35 27.70 -29.36
C PRO C 113 -5.22 28.19 -30.30
N SER C 114 -4.98 27.47 -31.42
CA SER C 114 -3.95 27.84 -32.40
C SER C 114 -4.49 27.67 -33.82
N GLU C 115 -3.91 28.37 -34.81
CA GLU C 115 -4.37 28.28 -36.20
C GLU C 115 -4.11 26.91 -36.83
N GLY C 116 -5.18 26.33 -37.37
CA GLY C 116 -5.16 25.03 -38.04
C GLY C 116 -5.00 23.83 -37.14
N ILE C 117 -5.16 24.00 -35.82
CA ILE C 117 -5.02 22.92 -34.83
C ILE C 117 -6.10 21.84 -35.05
N TYR C 118 -5.72 20.56 -34.89
CA TYR C 118 -6.66 19.45 -35.02
C TYR C 118 -7.55 19.38 -33.79
N SER C 119 -8.72 18.74 -33.92
CA SER C 119 -9.64 18.52 -32.82
C SER C 119 -8.99 17.60 -31.79
N GLY C 120 -9.20 17.91 -30.51
CA GLY C 120 -8.64 17.16 -29.40
C GLY C 120 -8.58 18.00 -28.15
N VAL C 121 -7.59 17.71 -27.27
CA VAL C 121 -7.44 18.48 -26.04
C VAL C 121 -6.06 19.17 -25.99
N THR C 122 -6.06 20.37 -25.39
CA THR C 122 -4.88 21.21 -25.14
C THR C 122 -4.73 21.31 -23.63
N ALA C 123 -3.52 21.06 -23.11
CA ALA C 123 -3.27 21.11 -21.67
C ALA C 123 -2.54 22.39 -21.31
N LEU C 124 -3.17 23.25 -20.52
CA LEU C 124 -2.63 24.51 -20.05
C LEU C 124 -1.97 24.23 -18.69
N MET C 125 -0.63 24.03 -18.71
CA MET C 125 0.22 23.62 -17.60
C MET C 125 0.98 24.76 -16.92
N GLY C 126 1.38 24.50 -15.67
CA GLY C 126 2.13 25.45 -14.85
C GLY C 126 1.99 25.24 -13.36
N ALA C 127 2.97 25.74 -12.58
CA ALA C 127 2.95 25.65 -11.10
C ALA C 127 1.86 26.56 -10.53
N THR C 128 1.58 26.51 -9.20
CA THR C 128 0.54 27.39 -8.65
C THR C 128 0.98 28.85 -8.78
N GLY C 129 0.11 29.66 -9.36
CA GLY C 129 0.36 31.08 -9.57
C GLY C 129 1.35 31.37 -10.69
N SER C 130 1.38 30.50 -11.71
CA SER C 130 2.24 30.66 -12.88
C SER C 130 1.54 31.53 -13.94
N GLY C 131 0.23 31.73 -13.78
CA GLY C 131 -0.58 32.54 -14.66
C GLY C 131 -1.52 31.77 -15.56
N LYS C 132 -1.79 30.48 -15.26
CA LYS C 132 -2.64 29.63 -16.10
C LYS C 132 -4.03 30.26 -16.36
N SER C 133 -4.78 30.55 -15.27
CA SER C 133 -6.11 31.12 -15.32
C SER C 133 -6.14 32.54 -15.95
N ILE C 134 -5.07 33.34 -15.78
CA ILE C 134 -4.90 34.66 -16.41
C ILE C 134 -4.70 34.46 -17.94
N THR C 135 -3.78 33.54 -18.33
CA THR C 135 -3.47 33.21 -19.74
C THR C 135 -4.73 32.67 -20.42
N LEU C 136 -5.49 31.83 -19.70
CA LEU C 136 -6.73 31.25 -20.20
C LEU C 136 -7.75 32.33 -20.58
N ASN C 137 -8.02 33.24 -19.67
CA ASN C 137 -9.08 34.22 -19.84
C ASN C 137 -8.65 35.47 -20.63
N GLU C 138 -7.39 35.90 -20.56
CA GLU C 138 -6.92 37.08 -21.30
C GLU C 138 -6.37 36.72 -22.68
N LYS C 139 -5.38 35.81 -22.75
CA LYS C 139 -4.75 35.40 -24.00
C LYS C 139 -5.57 34.40 -24.80
N LEU C 140 -6.13 33.33 -24.18
CA LEU C 140 -6.90 32.33 -24.95
C LEU C 140 -8.32 32.79 -25.27
N ARG C 141 -9.01 33.55 -24.41
CA ARG C 141 -10.39 34.07 -24.65
C ARG C 141 -11.39 32.92 -25.05
N PRO C 142 -11.72 31.97 -24.14
CA PRO C 142 -12.68 30.89 -24.53
C PRO C 142 -14.12 31.37 -24.73
N ASP C 143 -14.91 30.58 -25.49
CA ASP C 143 -16.31 30.90 -25.75
C ASP C 143 -17.12 30.51 -24.52
N VAL C 144 -16.92 29.26 -24.05
CA VAL C 144 -17.55 28.71 -22.86
C VAL C 144 -16.42 28.41 -21.85
N LEU C 145 -16.57 28.90 -20.60
CA LEU C 145 -15.60 28.67 -19.53
C LEU C 145 -16.22 27.81 -18.43
N ILE C 146 -15.80 26.54 -18.40
CA ILE C 146 -16.27 25.58 -17.40
C ILE C 146 -15.45 25.79 -16.16
N ARG C 147 -16.13 26.05 -15.04
CA ARG C 147 -15.45 26.27 -13.77
C ARG C 147 -15.74 25.09 -12.84
N TRP C 148 -14.66 24.37 -12.47
CA TRP C 148 -14.65 23.16 -11.65
C TRP C 148 -13.42 23.14 -10.74
N GLY C 149 -13.64 22.76 -9.48
CA GLY C 149 -12.63 22.67 -8.43
C GLY C 149 -11.78 23.89 -8.17
N GLU C 150 -12.36 25.09 -8.35
CA GLU C 150 -11.64 26.36 -8.15
C GLU C 150 -12.33 27.26 -7.12
N VAL C 151 -11.53 28.04 -6.40
CA VAL C 151 -12.04 28.94 -5.38
C VAL C 151 -12.69 30.20 -6.08
N ALA C 152 -13.47 31.01 -5.31
CA ALA C 152 -14.16 32.20 -5.82
C ALA C 152 -13.18 33.20 -6.42
N GLU C 153 -13.29 33.41 -7.73
CA GLU C 153 -12.45 34.34 -8.51
C GLU C 153 -13.33 35.26 -9.37
N ALA C 154 -12.72 36.25 -10.04
CA ALA C 154 -13.41 37.20 -10.92
C ALA C 154 -14.05 36.50 -12.12
N TYR C 155 -13.50 35.34 -12.53
CA TYR C 155 -13.97 34.56 -13.67
C TYR C 155 -15.34 33.94 -13.44
N ASP C 156 -15.76 33.82 -12.18
CA ASP C 156 -17.04 33.24 -11.83
C ASP C 156 -18.22 34.19 -12.14
N GLU C 157 -17.96 35.52 -12.20
CA GLU C 157 -18.97 36.55 -12.47
C GLU C 157 -19.23 36.73 -13.98
N LEU C 158 -18.40 36.09 -14.82
CA LEU C 158 -18.47 36.11 -16.27
C LEU C 158 -19.70 35.34 -16.77
N ASP C 159 -20.34 35.85 -17.87
CA ASP C 159 -21.51 35.24 -18.51
C ASP C 159 -21.13 34.01 -19.34
N THR C 160 -19.81 33.78 -19.53
CA THR C 160 -19.27 32.63 -20.26
C THR C 160 -19.08 31.47 -19.28
N ALA C 161 -19.02 31.76 -17.97
CA ALA C 161 -18.79 30.78 -16.90
C ALA C 161 -19.99 29.87 -16.67
N VAL C 162 -19.72 28.56 -16.64
CA VAL C 162 -20.70 27.50 -16.40
C VAL C 162 -20.13 26.62 -15.28
N HIS C 163 -20.79 26.68 -14.11
CA HIS C 163 -20.35 26.00 -12.90
C HIS C 163 -20.90 24.59 -12.82
N ILE C 164 -19.97 23.65 -12.84
CA ILE C 164 -20.23 22.22 -12.76
C ILE C 164 -19.73 21.69 -11.40
N SER C 165 -20.11 20.45 -11.06
CA SER C 165 -19.76 19.74 -9.84
C SER C 165 -19.15 18.38 -10.13
N THR C 166 -19.61 17.67 -11.21
CA THR C 166 -19.17 16.31 -11.55
C THR C 166 -18.36 16.23 -12.85
N LEU C 167 -17.64 15.09 -13.03
CA LEU C 167 -16.86 14.78 -14.25
C LEU C 167 -17.83 14.56 -15.43
N ASP C 168 -19.02 13.96 -15.14
CA ASP C 168 -20.10 13.71 -16.11
C ASP C 168 -20.52 15.05 -16.74
N GLU C 169 -20.76 16.08 -15.90
CA GLU C 169 -21.13 17.42 -16.33
C GLU C 169 -20.04 18.04 -17.21
N MET C 170 -18.75 17.87 -16.86
CA MET C 170 -17.65 18.42 -17.64
C MET C 170 -17.66 17.89 -19.07
N LEU C 171 -17.77 16.57 -19.22
CA LEU C 171 -17.79 15.90 -20.52
C LEU C 171 -19.03 16.31 -21.33
N ILE C 172 -20.20 16.45 -20.67
CA ILE C 172 -21.45 16.87 -21.32
C ILE C 172 -21.25 18.23 -22.00
N VAL C 173 -20.76 19.23 -21.26
CA VAL C 173 -20.56 20.60 -21.76
C VAL C 173 -19.44 20.62 -22.81
N CYS C 174 -18.32 19.91 -22.55
CA CYS C 174 -17.15 19.85 -23.46
C CYS C 174 -17.54 19.23 -24.79
N ILE C 175 -18.11 17.99 -24.79
CA ILE C 175 -18.49 17.28 -26.02
C ILE C 175 -19.70 17.98 -26.67
N GLY C 176 -20.73 18.27 -25.87
CA GLY C 176 -21.96 18.90 -26.35
C GLY C 176 -21.75 20.21 -27.08
N LEU C 177 -21.12 21.19 -26.42
CA LEU C 177 -20.91 22.51 -27.01
C LEU C 177 -19.69 22.54 -27.95
N GLY C 178 -18.66 21.76 -27.62
CA GLY C 178 -17.45 21.67 -28.42
C GLY C 178 -17.68 21.14 -29.82
N ALA C 179 -18.60 20.15 -29.96
CA ALA C 179 -18.97 19.49 -31.22
C ALA C 179 -19.65 20.47 -32.14
N LEU C 180 -20.45 21.41 -31.56
CA LEU C 180 -21.19 22.45 -32.27
C LEU C 180 -20.25 23.54 -32.82
N GLY C 181 -18.99 23.56 -32.38
CA GLY C 181 -18.01 24.53 -32.84
C GLY C 181 -17.53 25.52 -31.81
N PHE C 182 -18.12 25.50 -30.58
CA PHE C 182 -17.74 26.41 -29.50
C PHE C 182 -16.35 26.12 -29.00
N ASN C 183 -15.65 27.19 -28.57
CA ASN C 183 -14.31 27.07 -27.98
C ASN C 183 -14.48 26.93 -26.47
N VAL C 184 -14.49 25.68 -26.02
CA VAL C 184 -14.71 25.30 -24.62
C VAL C 184 -13.37 25.18 -23.89
N ALA C 185 -13.37 25.66 -22.63
CA ALA C 185 -12.22 25.59 -21.73
C ALA C 185 -12.65 25.10 -20.35
N VAL C 186 -11.79 24.33 -19.66
CA VAL C 186 -12.08 23.84 -18.30
C VAL C 186 -11.06 24.40 -17.32
N ASP C 187 -11.53 25.14 -16.32
CA ASP C 187 -10.70 25.68 -15.24
C ASP C 187 -11.37 25.31 -13.89
N SER C 188 -11.04 24.16 -13.31
CA SER C 188 -9.95 23.26 -13.69
C SER C 188 -10.42 21.78 -13.75
N VAL C 189 -9.44 20.88 -13.85
CA VAL C 189 -9.63 19.44 -13.85
C VAL C 189 -8.93 18.83 -12.54
N ARG C 190 -8.53 19.73 -11.59
CA ARG C 190 -7.98 19.43 -10.27
C ARG C 190 -8.87 18.44 -9.48
N PRO C 191 -10.24 18.51 -9.50
CA PRO C 191 -11.03 17.52 -8.74
C PRO C 191 -10.81 16.07 -9.22
N LEU C 192 -10.50 15.89 -10.53
CA LEU C 192 -10.20 14.57 -11.10
C LEU C 192 -8.72 14.23 -10.80
N LEU C 193 -7.77 15.17 -11.03
CA LEU C 193 -6.34 14.92 -10.83
C LEU C 193 -5.98 14.53 -9.40
N PHE C 194 -6.41 15.35 -8.43
CA PHE C 194 -6.11 15.21 -6.99
C PHE C 194 -6.78 13.99 -6.35
N ARG C 195 -7.73 13.36 -7.05
CA ARG C 195 -8.43 12.18 -6.57
C ARG C 195 -7.98 10.94 -7.34
N LEU C 196 -6.95 11.06 -8.22
CA LEU C 196 -6.37 9.92 -8.93
C LEU C 196 -5.58 9.06 -7.91
N LYS C 197 -6.18 7.93 -7.51
CA LYS C 197 -5.57 7.00 -6.56
C LYS C 197 -4.65 6.07 -7.33
N GLY C 198 -3.53 5.71 -6.75
CA GLY C 198 -2.55 4.84 -7.38
C GLY C 198 -1.12 5.18 -7.02
N ALA C 199 -0.20 4.27 -7.35
CA ALA C 199 1.22 4.43 -7.10
C ALA C 199 1.82 5.40 -8.13
N ALA C 200 2.43 6.48 -7.63
CA ALA C 200 3.05 7.52 -8.45
C ALA C 200 4.26 6.96 -9.21
N SER C 201 4.27 7.20 -10.55
CA SER C 201 5.35 6.76 -11.44
C SER C 201 6.45 7.83 -11.54
N ALA C 202 7.34 7.76 -12.56
CA ALA C 202 8.43 8.73 -12.77
C ALA C 202 7.85 10.12 -13.03
N GLY C 203 8.29 11.07 -12.21
CA GLY C 203 7.83 12.45 -12.25
C GLY C 203 6.87 12.82 -11.12
N GLY C 204 6.72 11.91 -10.15
CA GLY C 204 5.86 12.06 -8.98
C GLY C 204 4.37 12.11 -9.28
N ILE C 205 3.97 11.44 -10.37
CA ILE C 205 2.59 11.41 -10.84
C ILE C 205 2.24 10.02 -11.42
N VAL C 206 1.01 9.55 -11.13
CA VAL C 206 0.44 8.27 -11.59
C VAL C 206 0.50 8.21 -13.12
N ALA C 207 0.93 7.06 -13.66
CA ALA C 207 1.08 6.87 -15.10
C ALA C 207 -0.24 7.00 -15.87
N VAL C 208 -1.37 6.53 -15.28
CA VAL C 208 -2.71 6.56 -15.90
C VAL C 208 -3.17 8.00 -16.20
N PHE C 209 -2.47 9.00 -15.64
CA PHE C 209 -2.74 10.41 -15.88
C PHE C 209 -2.50 10.74 -17.36
N TYR C 210 -1.41 10.22 -17.93
CA TYR C 210 -1.05 10.44 -19.33
C TYR C 210 -1.99 9.69 -20.28
N SER C 211 -2.43 8.49 -19.86
CA SER C 211 -3.38 7.71 -20.63
C SER C 211 -4.73 8.42 -20.66
N LEU C 212 -5.16 9.00 -19.52
CA LEU C 212 -6.42 9.75 -19.41
C LEU C 212 -6.43 10.96 -20.33
N LEU C 213 -5.32 11.71 -20.41
CA LEU C 213 -5.20 12.89 -21.30
C LEU C 213 -5.37 12.49 -22.77
N THR C 214 -4.76 11.37 -23.19
CA THR C 214 -4.84 10.80 -24.55
C THR C 214 -6.28 10.36 -24.84
N ASP C 215 -6.92 9.65 -23.90
CA ASP C 215 -8.30 9.18 -24.01
C ASP C 215 -9.27 10.37 -24.11
N ILE C 216 -9.03 11.44 -23.31
CA ILE C 216 -9.85 12.64 -23.31
C ILE C 216 -9.63 13.35 -24.66
N SER C 217 -8.36 13.50 -25.08
CA SER C 217 -8.02 14.14 -26.35
C SER C 217 -8.73 13.45 -27.52
N ASN C 218 -8.59 12.11 -27.61
CA ASN C 218 -9.19 11.32 -28.70
C ASN C 218 -10.73 11.40 -28.68
N LEU C 219 -11.33 11.51 -27.49
CA LEU C 219 -12.77 11.69 -27.31
C LEU C 219 -13.22 12.99 -27.99
N PHE C 220 -12.39 14.05 -27.84
CA PHE C 220 -12.64 15.34 -28.49
C PHE C 220 -12.31 15.30 -29.99
N THR C 221 -11.28 14.53 -30.39
CA THR C 221 -10.90 14.39 -31.81
C THR C 221 -12.02 13.71 -32.59
N GLN C 222 -12.65 12.68 -31.98
CA GLN C 222 -13.75 11.93 -32.57
C GLN C 222 -15.04 12.76 -32.70
N TYR C 223 -15.26 13.74 -31.79
CA TYR C 223 -16.47 14.57 -31.79
C TYR C 223 -16.19 16.01 -32.25
N ASP C 224 -15.06 16.22 -32.96
CA ASP C 224 -14.61 17.48 -33.57
C ASP C 224 -14.57 18.66 -32.62
N CYS C 225 -14.19 18.41 -31.34
CA CYS C 225 -14.10 19.41 -30.28
C CYS C 225 -12.68 19.98 -30.18
N SER C 226 -12.58 21.24 -29.77
CA SER C 226 -11.32 21.92 -29.48
C SER C 226 -11.45 22.47 -28.06
N VAL C 227 -10.92 21.70 -27.09
CA VAL C 227 -11.00 21.99 -25.65
C VAL C 227 -9.62 22.29 -25.08
N VAL C 228 -9.54 23.32 -24.22
CA VAL C 228 -8.36 23.71 -23.46
C VAL C 228 -8.64 23.39 -21.98
N MET C 229 -7.88 22.47 -21.39
CA MET C 229 -8.03 22.13 -19.98
C MET C 229 -6.82 22.60 -19.22
N VAL C 230 -7.02 23.31 -18.09
CA VAL C 230 -5.86 23.69 -17.28
C VAL C 230 -5.59 22.45 -16.44
N VAL C 231 -4.37 21.89 -16.58
CA VAL C 231 -3.96 20.68 -15.84
C VAL C 231 -2.82 21.08 -14.88
N ASN C 232 -3.10 21.09 -13.57
CA ASN C 232 -2.08 21.42 -12.54
C ASN C 232 -2.04 20.32 -11.46
N PRO C 233 -1.32 19.23 -11.76
CA PRO C 233 -1.20 18.14 -10.77
C PRO C 233 -0.11 18.43 -9.73
N MET C 234 -0.21 17.80 -8.55
CA MET C 234 0.79 17.96 -7.47
C MET C 234 2.12 17.37 -7.91
N VAL C 235 3.02 18.25 -8.35
CA VAL C 235 4.34 17.85 -8.86
C VAL C 235 5.39 18.86 -8.35
N ASP C 236 6.63 18.38 -8.12
CA ASP C 236 7.75 19.21 -7.66
C ASP C 236 8.09 20.32 -8.67
N ALA C 237 8.56 21.47 -8.15
CA ALA C 237 8.90 22.68 -8.90
C ALA C 237 9.87 22.44 -10.07
N GLU C 238 10.80 21.48 -9.92
CA GLU C 238 11.79 21.16 -10.96
C GLU C 238 11.33 20.01 -11.87
N LYS C 239 10.40 19.15 -11.39
CA LYS C 239 9.89 18.00 -12.13
C LYS C 239 8.80 18.38 -13.15
N ILE C 240 8.33 19.65 -13.17
CA ILE C 240 7.31 20.15 -14.08
C ILE C 240 7.76 20.07 -15.57
N GLU C 241 9.05 20.31 -15.87
CA GLU C 241 9.61 20.25 -17.23
C GLU C 241 9.48 18.85 -17.83
N TYR C 242 9.80 17.80 -17.04
CA TYR C 242 9.70 16.41 -17.47
C TYR C 242 8.23 16.07 -17.78
N VAL C 243 7.31 16.40 -16.85
CA VAL C 243 5.87 16.13 -16.95
C VAL C 243 5.30 16.84 -18.19
N PHE C 244 5.68 18.11 -18.44
CA PHE C 244 5.20 18.86 -19.62
C PHE C 244 5.64 18.19 -20.93
N GLY C 245 6.82 17.58 -20.89
CA GLY C 245 7.42 16.80 -21.96
C GLY C 245 6.63 15.55 -22.26
N GLN C 246 6.13 14.89 -21.22
CA GLN C 246 5.35 13.66 -21.36
C GLN C 246 3.92 13.99 -21.82
N VAL C 247 3.40 15.13 -21.35
CA VAL C 247 2.04 15.59 -21.67
C VAL C 247 1.95 15.95 -23.17
N MET C 248 3.02 16.53 -23.75
CA MET C 248 3.12 16.88 -25.18
C MET C 248 2.89 15.66 -26.08
N ALA C 249 3.34 14.47 -25.61
CA ALA C 249 3.20 13.20 -26.31
C ALA C 249 1.82 12.54 -26.05
N SER C 250 0.98 13.18 -25.22
CA SER C 250 -0.34 12.69 -24.84
C SER C 250 -1.48 13.64 -25.23
N THR C 251 -1.19 14.84 -25.77
CA THR C 251 -2.24 15.80 -26.13
C THR C 251 -2.01 16.44 -27.51
N VAL C 252 -3.08 16.99 -28.12
CA VAL C 252 -3.04 17.68 -29.41
C VAL C 252 -2.38 19.09 -29.24
N GLY C 253 -2.55 19.66 -28.07
CA GLY C 253 -2.00 20.96 -27.70
C GLY C 253 -1.43 20.95 -26.29
N ALA C 254 -0.39 21.78 -26.06
CA ALA C 254 0.26 21.90 -24.75
C ALA C 254 0.83 23.32 -24.57
N ILE C 255 0.45 23.99 -23.47
CA ILE C 255 0.90 25.35 -23.14
C ILE C 255 1.47 25.35 -21.71
N LEU C 256 2.71 25.83 -21.56
CA LEU C 256 3.38 25.93 -20.26
C LEU C 256 3.41 27.39 -19.80
N CYS C 257 2.94 27.64 -18.57
CA CYS C 257 2.87 28.95 -17.92
C CYS C 257 3.96 29.04 -16.85
N ALA C 258 4.52 30.25 -16.70
CA ALA C 258 5.55 30.62 -15.72
C ALA C 258 5.68 32.14 -15.65
N ASP C 259 5.71 32.68 -14.41
CA ASP C 259 5.84 34.11 -14.08
C ASP C 259 4.74 34.98 -14.74
N GLY C 260 3.54 34.44 -14.82
CA GLY C 260 2.38 35.13 -15.38
C GLY C 260 2.28 35.10 -16.90
N ASN C 261 3.22 34.40 -17.58
CA ASN C 261 3.26 34.34 -19.05
C ASN C 261 3.52 32.94 -19.59
N VAL C 262 3.39 32.78 -20.92
CA VAL C 262 3.58 31.52 -21.66
C VAL C 262 5.10 31.24 -21.84
N SER C 263 5.55 30.11 -21.28
CA SER C 263 6.94 29.64 -21.30
C SER C 263 7.22 28.81 -22.58
N ARG C 264 6.37 27.80 -22.84
CA ARG C 264 6.50 26.91 -24.00
C ARG C 264 5.14 26.55 -24.58
N THR C 265 5.13 26.18 -25.88
CA THR C 265 3.92 25.75 -26.62
C THR C 265 4.21 24.58 -27.56
N MET C 266 3.14 23.84 -27.87
CA MET C 266 3.11 22.69 -28.78
C MET C 266 1.70 22.56 -29.30
N PHE C 267 1.56 22.52 -30.64
CA PHE C 267 0.27 22.36 -31.29
C PHE C 267 0.40 21.45 -32.50
N ARG C 268 -0.52 20.48 -32.62
CA ARG C 268 -0.60 19.55 -33.75
C ARG C 268 -1.60 20.14 -34.76
N THR C 269 -1.07 20.77 -35.82
CA THR C 269 -1.88 21.46 -36.83
C THR C 269 -1.86 20.77 -38.20
N ASN C 270 -2.64 21.30 -39.16
CA ASN C 270 -2.72 20.82 -40.55
C ASN C 270 -1.40 21.09 -41.28
N LYS C 271 -0.62 22.07 -40.77
CA LYS C 271 0.71 22.46 -41.26
C LYS C 271 1.82 21.63 -40.55
N GLY C 272 1.41 20.75 -39.62
CA GLY C 272 2.30 19.89 -38.83
C GLY C 272 2.40 20.25 -37.35
N ARG C 273 3.24 19.50 -36.61
CA ARG C 273 3.50 19.72 -35.18
C ARG C 273 4.39 20.95 -35.00
N ILE C 274 3.90 21.98 -34.29
CA ILE C 274 4.66 23.22 -34.10
C ILE C 274 5.06 23.38 -32.63
N PHE C 275 6.38 23.47 -32.39
CA PHE C 275 7.01 23.65 -31.09
C PHE C 275 7.53 25.09 -30.98
N ASN C 276 6.85 25.92 -30.14
CA ASN C 276 7.14 27.34 -29.88
C ASN C 276 7.15 28.17 -31.17
N MET D 1 -0.08 2.43 -48.54
CA MET D 1 -1.26 2.65 -47.71
C MET D 1 -2.24 1.43 -47.67
N PRO D 2 -2.57 0.67 -48.75
CA PRO D 2 -3.55 -0.43 -48.57
C PRO D 2 -2.96 -1.71 -47.96
N ILE D 3 -3.85 -2.63 -47.51
CA ILE D 3 -3.47 -3.92 -46.92
C ILE D 3 -3.88 -5.00 -47.93
N VAL D 4 -2.90 -5.53 -48.70
CA VAL D 4 -3.18 -6.51 -49.76
C VAL D 4 -2.94 -7.95 -49.26
N VAL D 5 -3.92 -8.81 -49.57
CA VAL D 5 -3.96 -10.22 -49.24
C VAL D 5 -3.54 -11.02 -50.48
N THR D 6 -2.33 -11.61 -50.41
CA THR D 6 -1.64 -12.43 -51.42
C THR D 6 -2.14 -13.87 -51.29
N GLN D 7 -1.81 -14.73 -52.26
CA GLN D 7 -2.12 -16.16 -52.23
C GLN D 7 -1.35 -16.83 -51.08
N ALA D 8 -0.15 -16.30 -50.75
CA ALA D 8 0.73 -16.74 -49.68
C ALA D 8 -0.01 -16.66 -48.33
N HIS D 9 -0.81 -15.58 -48.14
CA HIS D 9 -1.63 -15.37 -46.94
C HIS D 9 -2.77 -16.40 -46.90
N ILE D 10 -3.49 -16.61 -48.05
CA ILE D 10 -4.60 -17.56 -48.19
C ILE D 10 -4.14 -18.99 -47.86
N ASP D 11 -2.92 -19.37 -48.32
CA ASP D 11 -2.33 -20.69 -48.10
C ASP D 11 -1.93 -20.95 -46.63
N ARG D 12 -1.77 -19.86 -45.84
CA ARG D 12 -1.38 -19.92 -44.43
C ARG D 12 -2.57 -20.11 -43.49
N VAL D 13 -3.82 -19.87 -43.97
CA VAL D 13 -5.06 -19.92 -43.20
C VAL D 13 -5.20 -21.25 -42.43
N GLY D 14 -5.06 -22.37 -43.14
CA GLY D 14 -5.14 -23.71 -42.57
C GLY D 14 -4.07 -23.99 -41.51
N ILE D 15 -2.83 -23.54 -41.77
CA ILE D 15 -1.67 -23.69 -40.88
C ILE D 15 -1.88 -22.89 -39.60
N ALA D 16 -2.41 -21.65 -39.76
CA ALA D 16 -2.68 -20.74 -38.68
C ALA D 16 -3.69 -21.36 -37.70
N ALA D 17 -4.75 -21.98 -38.25
CA ALA D 17 -5.79 -22.67 -37.48
C ALA D 17 -5.23 -23.85 -36.76
N ASP D 18 -4.26 -24.54 -37.41
CA ASP D 18 -3.54 -25.71 -36.90
C ASP D 18 -2.61 -25.36 -35.75
N LEU D 19 -1.98 -24.17 -35.80
CA LEU D 19 -1.08 -23.65 -34.75
C LEU D 19 -1.87 -23.24 -33.52
N LEU D 20 -3.04 -22.59 -33.75
CA LEU D 20 -3.92 -22.11 -32.69
C LEU D 20 -4.58 -23.26 -31.91
N ASP D 21 -5.04 -24.30 -32.61
CA ASP D 21 -5.71 -25.46 -32.00
C ASP D 21 -4.72 -26.38 -31.29
N ALA D 22 -3.49 -26.50 -31.81
CA ALA D 22 -2.43 -27.37 -31.31
C ALA D 22 -2.04 -27.05 -29.87
N SER D 23 -1.88 -25.76 -29.54
CA SER D 23 -1.45 -25.36 -28.20
C SER D 23 -2.46 -24.44 -27.48
N PRO D 24 -3.02 -24.89 -26.33
CA PRO D 24 -3.88 -24.00 -25.53
C PRO D 24 -3.01 -23.01 -24.74
N VAL D 25 -3.31 -21.71 -24.84
CA VAL D 25 -2.49 -20.69 -24.15
C VAL D 25 -3.30 -19.87 -23.16
N SER D 26 -2.58 -19.23 -22.24
CA SER D 26 -3.10 -18.33 -21.21
C SER D 26 -2.16 -17.14 -21.06
N LEU D 27 -2.54 -16.20 -20.20
CA LEU D 27 -1.73 -15.04 -19.89
C LEU D 27 -1.97 -14.65 -18.44
N GLN D 28 -0.92 -14.17 -17.80
CA GLN D 28 -1.00 -13.76 -16.41
C GLN D 28 -0.19 -12.47 -16.22
N VAL D 29 -0.70 -11.59 -15.38
CA VAL D 29 0.03 -10.42 -14.90
C VAL D 29 0.50 -10.02 -13.50
N LEU D 30 -0.43 -9.78 -12.59
CA LEU D 30 -0.34 -9.86 -11.13
C LEU D 30 -1.49 -10.63 -10.48
N GLY D 31 -2.41 -11.15 -11.29
CA GLY D 31 -3.61 -11.79 -10.79
C GLY D 31 -3.54 -13.27 -11.03
N ARG D 32 -4.67 -13.71 -11.63
CA ARG D 32 -4.70 -15.14 -11.92
C ARG D 32 -4.55 -15.40 -13.43
N PRO D 33 -3.98 -16.56 -13.84
CA PRO D 33 -3.84 -16.86 -15.28
C PRO D 33 -5.20 -16.92 -15.96
N THR D 34 -5.30 -16.24 -17.12
CA THR D 34 -6.54 -16.19 -17.90
C THR D 34 -6.28 -16.81 -19.26
N ALA D 35 -7.13 -17.78 -19.64
CA ALA D 35 -7.06 -18.50 -20.91
C ALA D 35 -7.41 -17.57 -22.08
N ILE D 36 -6.77 -17.82 -23.24
CA ILE D 36 -7.01 -17.08 -24.48
C ILE D 36 -7.91 -17.93 -25.37
N ASN D 37 -9.08 -17.38 -25.78
CA ASN D 37 -10.00 -18.10 -26.66
C ASN D 37 -9.49 -17.99 -28.09
N THR D 38 -8.86 -19.09 -28.54
CA THR D 38 -8.24 -19.31 -29.85
C THR D 38 -9.28 -19.13 -30.98
N VAL D 39 -10.51 -19.64 -30.77
CA VAL D 39 -11.63 -19.64 -31.72
C VAL D 39 -11.86 -18.23 -32.29
N VAL D 40 -11.83 -17.20 -31.42
CA VAL D 40 -12.05 -15.79 -31.78
C VAL D 40 -11.03 -15.34 -32.86
N ILE D 41 -9.73 -15.72 -32.69
CA ILE D 41 -8.66 -15.40 -33.65
C ILE D 41 -8.96 -16.07 -35.02
N LYS D 42 -9.38 -17.35 -34.99
CA LYS D 42 -9.74 -18.10 -36.19
C LYS D 42 -10.90 -17.44 -36.92
N THR D 43 -11.95 -17.02 -36.14
CA THR D 43 -13.15 -16.34 -36.62
C THR D 43 -12.76 -15.01 -37.29
N TYR D 44 -11.80 -14.28 -36.69
CA TYR D 44 -11.28 -13.02 -37.23
C TYR D 44 -10.60 -13.26 -38.60
N ILE D 45 -9.71 -14.28 -38.69
CA ILE D 45 -9.01 -14.63 -39.92
C ILE D 45 -10.03 -14.91 -41.04
N ALA D 46 -11.06 -15.73 -40.75
CA ALA D 46 -12.13 -16.09 -41.69
C ALA D 46 -12.91 -14.84 -42.18
N ALA D 47 -13.17 -13.87 -41.28
CA ALA D 47 -13.87 -12.62 -41.59
C ALA D 47 -13.02 -11.72 -42.52
N VAL D 48 -11.69 -11.67 -42.28
CA VAL D 48 -10.71 -10.88 -43.06
C VAL D 48 -10.63 -11.47 -44.49
N MET D 49 -10.49 -12.81 -44.59
CA MET D 49 -10.42 -13.52 -45.88
C MET D 49 -11.70 -13.36 -46.68
N GLU D 50 -12.87 -13.43 -46.02
CA GLU D 50 -14.19 -13.29 -46.67
C GLU D 50 -14.34 -11.89 -47.28
N LEU D 51 -13.89 -10.85 -46.54
CA LEU D 51 -13.90 -9.45 -46.98
C LEU D 51 -12.88 -9.23 -48.11
N ALA D 52 -11.68 -9.85 -48.00
CA ALA D 52 -10.61 -9.79 -49.01
C ALA D 52 -11.13 -10.37 -50.32
N SER D 53 -12.00 -11.40 -50.22
CA SER D 53 -12.65 -12.08 -51.34
C SER D 53 -13.67 -11.14 -52.03
N LYS D 54 -14.51 -10.44 -51.24
CA LYS D 54 -15.51 -9.49 -51.76
C LYS D 54 -14.84 -8.29 -52.44
N GLN D 55 -13.77 -7.76 -51.84
CA GLN D 55 -12.94 -6.69 -52.39
C GLN D 55 -11.92 -7.32 -53.33
N GLY D 56 -10.94 -6.55 -53.79
CA GLY D 56 -9.91 -7.12 -54.65
C GLY D 56 -8.70 -7.70 -53.96
N GLY D 57 -8.81 -7.88 -52.66
CA GLY D 57 -7.71 -8.31 -51.81
C GLY D 57 -7.12 -7.06 -51.18
N SER D 58 -7.34 -5.89 -51.83
CA SER D 58 -6.90 -4.59 -51.36
C SER D 58 -7.87 -4.15 -50.27
N LEU D 59 -7.47 -4.39 -49.02
CA LEU D 59 -8.30 -4.08 -47.85
C LEU D 59 -7.88 -2.79 -47.16
N ALA D 60 -8.85 -2.10 -46.56
CA ALA D 60 -8.63 -0.88 -45.79
C ALA D 60 -8.59 -1.23 -44.30
N GLY D 61 -7.55 -0.76 -43.62
CA GLY D 61 -7.34 -0.98 -42.19
C GLY D 61 -8.56 -0.71 -41.34
N VAL D 62 -9.36 0.29 -41.72
CA VAL D 62 -10.61 0.68 -41.09
C VAL D 62 -11.63 -0.47 -41.15
N ASP D 63 -11.70 -1.18 -42.28
CA ASP D 63 -12.65 -2.26 -42.49
C ASP D 63 -12.27 -3.56 -41.81
N ILE D 64 -10.98 -3.74 -41.43
CA ILE D 64 -10.54 -4.98 -40.77
C ILE D 64 -10.41 -4.82 -39.24
N ARG D 65 -10.98 -3.76 -38.63
CA ARG D 65 -10.91 -3.62 -37.17
C ARG D 65 -11.85 -4.70 -36.53
N PRO D 66 -11.42 -5.38 -35.44
CA PRO D 66 -12.25 -6.47 -34.89
C PRO D 66 -13.67 -6.07 -34.47
N SER D 67 -13.84 -4.85 -33.93
CA SER D 67 -15.14 -4.32 -33.47
C SER D 67 -16.20 -4.28 -34.58
N VAL D 68 -15.74 -4.17 -35.83
CA VAL D 68 -16.57 -4.11 -37.04
C VAL D 68 -16.83 -5.54 -37.59
N LEU D 69 -15.81 -6.41 -37.59
CA LEU D 69 -15.88 -7.76 -38.15
C LEU D 69 -16.46 -8.79 -37.18
N LEU D 70 -16.21 -8.62 -35.87
CA LEU D 70 -16.66 -9.58 -34.85
C LEU D 70 -17.78 -8.99 -33.99
N LYS D 71 -18.76 -9.83 -33.59
CA LYS D 71 -19.88 -9.42 -32.74
C LYS D 71 -19.38 -9.17 -31.32
N ASP D 72 -18.40 -10.00 -30.86
CA ASP D 72 -17.71 -9.86 -29.58
C ASP D 72 -16.20 -10.02 -29.78
N THR D 73 -15.44 -9.07 -29.25
CA THR D 73 -14.00 -8.91 -29.37
C THR D 73 -13.22 -9.53 -28.17
N ALA D 74 -13.89 -10.23 -27.24
CA ALA D 74 -13.25 -10.84 -26.08
C ALA D 74 -12.35 -12.02 -26.46
N ILE D 75 -11.10 -12.04 -25.94
CA ILE D 75 -10.15 -13.12 -26.18
C ILE D 75 -9.93 -13.86 -24.85
N PHE D 76 -10.02 -13.15 -23.70
CA PHE D 76 -9.82 -13.70 -22.36
C PHE D 76 -11.14 -14.21 -21.77
N THR D 77 -11.14 -15.49 -21.34
CA THR D 77 -12.31 -16.20 -20.80
C THR D 77 -12.05 -16.66 -19.37
N ASP D 85 -13.30 -11.32 -9.35
CA ASP D 85 -12.28 -10.30 -9.57
C ASP D 85 -11.15 -10.45 -8.53
N VAL D 86 -9.90 -10.57 -9.02
CA VAL D 86 -8.72 -10.75 -8.17
C VAL D 86 -7.87 -9.45 -8.13
N GLU D 87 -7.36 -9.13 -6.94
CA GLU D 87 -6.52 -7.96 -6.66
C GLU D 87 -5.07 -8.22 -7.12
N SER D 88 -4.30 -7.15 -7.44
CA SER D 88 -2.88 -7.29 -7.82
C SER D 88 -2.00 -7.72 -6.62
N ASP D 89 -2.52 -7.63 -5.37
CA ASP D 89 -1.82 -8.00 -4.15
C ASP D 89 -2.59 -9.16 -3.47
N VAL D 90 -2.47 -10.34 -4.10
CA VAL D 90 -3.08 -11.62 -3.71
C VAL D 90 -1.96 -12.68 -3.62
N ASP D 91 -2.07 -13.73 -2.76
CA ASP D 91 -0.98 -14.71 -2.67
C ASP D 91 -0.76 -15.45 -3.99
N VAL D 92 0.50 -15.43 -4.44
CA VAL D 92 1.01 -16.04 -5.70
C VAL D 92 0.75 -17.55 -5.72
N LEU D 93 0.63 -18.17 -4.54
CA LEU D 93 0.35 -19.59 -4.38
C LEU D 93 -1.15 -19.91 -4.57
N ASP D 94 -2.03 -18.91 -4.32
CA ASP D 94 -3.48 -19.07 -4.48
C ASP D 94 -3.92 -18.87 -5.95
N THR D 95 -3.14 -18.08 -6.73
CA THR D 95 -3.45 -17.82 -8.13
C THR D 95 -2.66 -18.75 -9.01
N GLY D 96 -1.47 -19.14 -8.55
CA GLY D 96 -0.51 -19.95 -9.30
C GLY D 96 0.30 -19.02 -10.17
N ILE D 97 1.30 -19.54 -10.88
CA ILE D 97 2.11 -18.73 -11.79
C ILE D 97 2.04 -19.36 -13.19
N TYR D 98 1.87 -18.53 -14.22
CA TYR D 98 1.82 -19.00 -15.61
C TYR D 98 2.71 -18.15 -16.51
N SER D 99 3.49 -18.83 -17.35
CA SER D 99 4.28 -18.20 -18.40
C SER D 99 4.01 -18.94 -19.67
N VAL D 100 3.88 -18.25 -20.81
CA VAL D 100 3.53 -18.98 -22.02
C VAL D 100 4.75 -19.85 -22.39
N PRO D 101 4.50 -21.17 -22.64
CA PRO D 101 5.59 -22.11 -22.93
C PRO D 101 6.37 -21.76 -24.20
N GLY D 102 7.65 -22.15 -24.19
CA GLY D 102 8.58 -21.98 -25.29
C GLY D 102 8.33 -22.97 -26.41
N LEU D 103 8.97 -22.73 -27.58
CA LEU D 103 8.90 -23.62 -28.73
C LEU D 103 10.06 -24.61 -28.73
N ALA D 104 9.74 -25.91 -28.71
CA ALA D 104 10.72 -26.99 -28.74
C ALA D 104 11.39 -27.07 -30.11
N ARG D 105 10.64 -26.74 -31.18
CA ARG D 105 11.14 -26.74 -32.56
C ARG D 105 11.83 -25.39 -32.86
N LYS D 106 12.48 -25.29 -34.02
CA LYS D 106 13.14 -24.06 -34.48
C LYS D 106 12.05 -23.07 -34.90
N PRO D 107 12.10 -21.79 -34.45
CA PRO D 107 11.04 -20.84 -34.85
C PRO D 107 11.18 -20.45 -36.34
N VAL D 108 10.04 -20.15 -36.98
CA VAL D 108 9.95 -19.69 -38.35
C VAL D 108 10.66 -18.33 -38.44
N THR D 109 11.52 -18.15 -39.43
CA THR D 109 12.29 -16.93 -39.63
C THR D 109 11.49 -15.96 -40.49
N HIS D 110 11.82 -14.66 -40.38
CA HIS D 110 11.18 -13.56 -41.10
C HIS D 110 12.25 -12.62 -41.69
N ARG D 111 11.85 -11.77 -42.66
CA ARG D 111 12.76 -10.80 -43.28
C ARG D 111 12.59 -9.42 -42.61
N TRP D 112 11.52 -9.27 -41.80
CA TRP D 112 11.13 -8.06 -41.10
C TRP D 112 10.93 -8.33 -39.60
N PRO D 113 11.34 -7.45 -38.66
CA PRO D 113 12.01 -6.14 -38.84
C PRO D 113 13.49 -6.24 -39.25
N SER D 114 14.08 -7.43 -39.16
CA SER D 114 15.48 -7.69 -39.54
C SER D 114 15.60 -9.01 -40.30
N GLU D 115 16.64 -9.16 -41.13
CA GLU D 115 16.85 -10.37 -41.92
C GLU D 115 17.12 -11.62 -41.06
N GLY D 116 16.34 -12.67 -41.31
CA GLY D 116 16.44 -13.95 -40.64
C GLY D 116 15.99 -13.97 -39.19
N ILE D 117 15.31 -12.90 -38.72
CA ILE D 117 14.82 -12.79 -37.34
C ILE D 117 13.79 -13.91 -37.03
N TYR D 118 13.87 -14.48 -35.83
CA TYR D 118 12.92 -15.50 -35.39
C TYR D 118 11.57 -14.87 -35.09
N SER D 119 10.50 -15.66 -35.11
CA SER D 119 9.17 -15.21 -34.77
C SER D 119 9.13 -14.82 -33.29
N GLY D 120 8.44 -13.73 -32.99
CA GLY D 120 8.33 -13.21 -31.62
C GLY D 120 7.98 -11.73 -31.59
N VAL D 121 8.44 -11.01 -30.56
CA VAL D 121 8.16 -9.58 -30.48
C VAL D 121 9.47 -8.76 -30.44
N THR D 122 9.41 -7.58 -31.08
CA THR D 122 10.46 -6.57 -31.15
C THR D 122 9.95 -5.35 -30.40
N ALA D 123 10.77 -4.79 -29.49
CA ALA D 123 10.36 -3.62 -28.70
C ALA D 123 11.06 -2.36 -29.22
N LEU D 124 10.27 -1.42 -29.71
CA LEU D 124 10.76 -0.14 -30.22
C LEU D 124 10.72 0.84 -29.04
N MET D 125 11.91 1.08 -28.46
CA MET D 125 12.14 1.87 -27.26
C MET D 125 12.72 3.25 -27.57
N GLY D 126 12.65 4.11 -26.56
CA GLY D 126 13.16 5.47 -26.63
C GLY D 126 12.34 6.44 -25.81
N ALA D 127 12.97 7.57 -25.45
CA ALA D 127 12.35 8.64 -24.68
C ALA D 127 11.22 9.30 -25.47
N THR D 128 10.37 10.12 -24.82
CA THR D 128 9.29 10.78 -25.56
C THR D 128 9.89 11.76 -26.58
N GLY D 129 9.42 11.65 -27.81
CA GLY D 129 9.89 12.47 -28.91
C GLY D 129 11.27 12.08 -29.42
N SER D 130 11.69 10.82 -29.18
CA SER D 130 13.00 10.32 -29.61
C SER D 130 12.95 9.86 -31.07
N GLY D 131 11.74 9.77 -31.62
CA GLY D 131 11.52 9.37 -33.00
C GLY D 131 11.12 7.92 -33.18
N LYS D 132 10.35 7.36 -32.23
CA LYS D 132 9.88 5.97 -32.30
C LYS D 132 8.84 5.81 -33.42
N SER D 133 7.73 6.60 -33.37
CA SER D 133 6.66 6.57 -34.36
C SER D 133 7.18 6.88 -35.79
N ILE D 134 8.17 7.79 -35.90
CA ILE D 134 8.81 8.18 -37.16
C ILE D 134 9.59 6.97 -37.72
N THR D 135 10.42 6.32 -36.88
CA THR D 135 11.23 5.15 -37.27
C THR D 135 10.32 4.02 -37.70
N LEU D 136 9.26 3.75 -36.92
CA LEU D 136 8.30 2.70 -37.22
C LEU D 136 7.71 2.83 -38.65
N ASN D 137 7.10 3.98 -38.95
CA ASN D 137 6.43 4.20 -40.22
C ASN D 137 7.38 4.45 -41.38
N GLU D 138 8.45 5.25 -41.21
CA GLU D 138 9.34 5.55 -42.32
C GLU D 138 10.36 4.43 -42.56
N LYS D 139 11.17 4.08 -41.54
CA LYS D 139 12.21 3.07 -41.66
C LYS D 139 11.70 1.63 -41.60
N LEU D 140 10.78 1.28 -40.67
CA LEU D 140 10.27 -0.11 -40.57
C LEU D 140 9.30 -0.49 -41.71
N ARG D 141 8.35 0.40 -42.12
CA ARG D 141 7.32 0.17 -43.18
C ARG D 141 6.44 -1.08 -42.87
N PRO D 142 5.65 -1.09 -41.77
CA PRO D 142 4.81 -2.26 -41.45
C PRO D 142 3.63 -2.42 -42.36
N ASP D 143 3.20 -3.66 -42.61
CA ASP D 143 2.05 -3.96 -43.45
C ASP D 143 0.76 -3.49 -42.76
N VAL D 144 0.62 -3.79 -41.46
CA VAL D 144 -0.55 -3.44 -40.68
C VAL D 144 -0.06 -2.58 -39.48
N LEU D 145 -0.64 -1.39 -39.33
CA LEU D 145 -0.30 -0.49 -38.24
C LEU D 145 -1.47 -0.38 -37.23
N ILE D 146 -1.32 -1.04 -36.07
CA ILE D 146 -2.31 -1.00 -35.01
C ILE D 146 -2.07 0.27 -34.23
N ARG D 147 -3.11 1.08 -34.11
CA ARG D 147 -3.02 2.33 -33.35
C ARG D 147 -3.87 2.22 -32.08
N TRP D 148 -3.18 2.27 -30.92
CA TRP D 148 -3.75 2.12 -29.59
C TRP D 148 -3.13 3.16 -28.65
N GLY D 149 -4.00 3.86 -27.91
CA GLY D 149 -3.66 4.89 -26.93
C GLY D 149 -2.72 5.97 -27.39
N GLU D 150 -2.95 6.49 -28.59
CA GLU D 150 -2.14 7.55 -29.19
C GLU D 150 -3.01 8.68 -29.63
N VAL D 151 -2.49 9.91 -29.50
CA VAL D 151 -3.23 11.12 -29.89
C VAL D 151 -3.27 11.21 -31.45
N ALA D 152 -4.18 12.06 -32.00
CA ALA D 152 -4.36 12.26 -33.45
C ALA D 152 -3.06 12.70 -34.15
N GLU D 153 -2.54 11.81 -35.01
CA GLU D 153 -1.32 12.02 -35.78
C GLU D 153 -1.58 11.70 -37.27
N ALA D 154 -0.58 11.96 -38.14
CA ALA D 154 -0.67 11.72 -39.58
C ALA D 154 -0.84 10.22 -39.90
N TYR D 155 -0.37 9.33 -39.01
CA TYR D 155 -0.41 7.88 -39.17
C TYR D 155 -1.84 7.33 -39.08
N ASP D 156 -2.76 8.10 -38.49
CA ASP D 156 -4.15 7.68 -38.35
C ASP D 156 -4.93 7.77 -39.68
N GLU D 157 -4.47 8.61 -40.63
CA GLU D 157 -5.10 8.80 -41.93
C GLU D 157 -4.68 7.72 -42.96
N LEU D 158 -3.69 6.89 -42.60
CA LEU D 158 -3.14 5.80 -43.39
C LEU D 158 -4.15 4.64 -43.50
N ASP D 159 -4.23 3.99 -44.69
CA ASP D 159 -5.12 2.86 -44.96
C ASP D 159 -4.59 1.56 -44.31
N THR D 160 -3.35 1.60 -43.76
CA THR D 160 -2.71 0.48 -43.06
C THR D 160 -3.12 0.52 -41.58
N ALA D 161 -3.57 1.70 -41.09
CA ALA D 161 -3.97 1.96 -39.70
C ALA D 161 -5.28 1.26 -39.33
N VAL D 162 -5.24 0.53 -38.22
CA VAL D 162 -6.39 -0.20 -37.65
C VAL D 162 -6.48 0.25 -36.18
N HIS D 163 -7.57 0.99 -35.88
CA HIS D 163 -7.79 1.58 -34.57
C HIS D 163 -8.53 0.64 -33.65
N ILE D 164 -7.84 0.25 -32.58
CA ILE D 164 -8.35 -0.64 -31.56
C ILE D 164 -8.58 0.16 -30.25
N SER D 165 -9.25 -0.48 -29.28
CA SER D 165 -9.56 0.08 -27.98
C SER D 165 -9.09 -0.83 -26.82
N THR D 166 -9.16 -2.16 -26.98
CA THR D 166 -8.82 -3.15 -25.94
C THR D 166 -7.56 -3.98 -26.24
N LEU D 167 -7.01 -4.63 -25.18
CA LEU D 167 -5.85 -5.53 -25.27
C LEU D 167 -6.23 -6.79 -26.06
N ASP D 168 -7.51 -7.26 -25.91
CA ASP D 168 -8.08 -8.39 -26.61
C ASP D 168 -7.97 -8.16 -28.13
N GLU D 169 -8.41 -6.95 -28.60
CA GLU D 169 -8.34 -6.52 -29.99
C GLU D 169 -6.89 -6.54 -30.50
N MET D 170 -5.93 -6.04 -29.70
CA MET D 170 -4.52 -6.00 -30.08
C MET D 170 -4.00 -7.39 -30.41
N LEU D 171 -4.23 -8.36 -29.50
CA LEU D 171 -3.79 -9.75 -29.67
C LEU D 171 -4.48 -10.43 -30.86
N ILE D 172 -5.79 -10.14 -31.08
CA ILE D 172 -6.55 -10.68 -32.22
C ILE D 172 -5.89 -10.29 -33.55
N VAL D 173 -5.61 -8.98 -33.74
CA VAL D 173 -5.01 -8.47 -34.97
C VAL D 173 -3.55 -8.94 -35.08
N CYS D 174 -2.78 -8.91 -33.97
CA CYS D 174 -1.38 -9.33 -33.94
C CYS D 174 -1.23 -10.82 -34.31
N ILE D 175 -1.93 -11.73 -33.58
CA ILE D 175 -1.87 -13.18 -33.81
C ILE D 175 -2.55 -13.54 -35.12
N GLY D 176 -3.76 -13.02 -35.34
CA GLY D 176 -4.56 -13.29 -36.53
C GLY D 176 -3.86 -12.98 -37.84
N LEU D 177 -3.43 -11.72 -38.00
CA LEU D 177 -2.79 -11.28 -39.24
C LEU D 177 -1.31 -11.66 -39.29
N GLY D 178 -0.64 -11.64 -38.13
CA GLY D 178 0.78 -11.99 -38.01
C GLY D 178 1.08 -13.43 -38.39
N ALA D 179 0.15 -14.37 -38.05
CA ALA D 179 0.28 -15.79 -38.34
C ALA D 179 0.22 -16.05 -39.82
N LEU D 180 -0.61 -15.26 -40.54
CA LEU D 180 -0.81 -15.32 -41.99
C LEU D 180 0.42 -14.82 -42.77
N GLY D 181 1.33 -14.15 -42.07
CA GLY D 181 2.58 -13.65 -42.65
C GLY D 181 2.71 -12.15 -42.71
N PHE D 182 1.66 -11.40 -42.31
CA PHE D 182 1.70 -9.95 -42.32
C PHE D 182 2.67 -9.39 -41.31
N ASN D 183 3.27 -8.24 -41.63
CA ASN D 183 4.18 -7.52 -40.76
C ASN D 183 3.37 -6.54 -39.95
N VAL D 184 3.00 -6.98 -38.73
CA VAL D 184 2.15 -6.22 -37.81
C VAL D 184 2.98 -5.38 -36.85
N ALA D 185 2.52 -4.16 -36.58
CA ALA D 185 3.14 -3.22 -35.65
C ALA D 185 2.11 -2.59 -34.75
N VAL D 186 2.49 -2.27 -33.49
CA VAL D 186 1.59 -1.66 -32.50
C VAL D 186 2.20 -0.33 -32.00
N ASP D 187 1.49 0.79 -32.24
CA ASP D 187 1.84 2.12 -31.74
C ASP D 187 0.62 2.74 -31.04
N SER D 188 0.53 2.64 -29.71
CA SER D 188 1.50 2.01 -28.82
C SER D 188 0.81 1.04 -27.83
N VAL D 189 1.61 0.45 -26.92
CA VAL D 189 1.18 -0.50 -25.90
C VAL D 189 1.05 0.24 -24.52
N ARG D 190 1.12 1.59 -24.56
CA ARG D 190 0.99 2.54 -23.45
C ARG D 190 -0.25 2.32 -22.58
N PRO D 191 -1.49 2.01 -23.10
CA PRO D 191 -2.65 1.82 -22.20
C PRO D 191 -2.44 0.65 -21.21
N LEU D 192 -1.72 -0.42 -21.66
CA LEU D 192 -1.39 -1.56 -20.82
C LEU D 192 -0.31 -1.13 -19.81
N LEU D 193 0.83 -0.62 -20.32
CA LEU D 193 1.97 -0.20 -19.49
C LEU D 193 1.56 0.84 -18.41
N PHE D 194 0.80 1.88 -18.76
CA PHE D 194 0.41 2.92 -17.80
C PHE D 194 -0.69 2.47 -16.83
N ARG D 195 -1.28 1.29 -17.05
CA ARG D 195 -2.28 0.74 -16.16
C ARG D 195 -1.71 -0.46 -15.40
N LEU D 196 -0.38 -0.73 -15.55
CA LEU D 196 0.32 -1.79 -14.80
C LEU D 196 0.45 -1.37 -13.34
N LYS D 197 -0.37 -1.98 -12.49
CA LYS D 197 -0.42 -1.73 -11.05
C LYS D 197 0.54 -2.64 -10.34
N GLY D 198 1.23 -2.10 -9.34
CA GLY D 198 2.20 -2.84 -8.55
C GLY D 198 3.35 -1.98 -8.11
N ALA D 199 4.17 -2.52 -7.21
CA ALA D 199 5.34 -1.84 -6.66
C ALA D 199 6.48 -1.87 -7.68
N ALA D 200 6.97 -0.67 -8.05
CA ALA D 200 8.05 -0.48 -9.01
C ALA D 200 9.36 -1.08 -8.52
N SER D 201 10.00 -1.92 -9.36
CA SER D 201 11.28 -2.57 -9.06
C SER D 201 12.47 -1.69 -9.51
N ALA D 202 13.67 -2.29 -9.67
CA ALA D 202 14.88 -1.60 -10.13
C ALA D 202 14.70 -1.05 -11.55
N GLY D 203 14.88 0.26 -11.69
CA GLY D 203 14.72 0.97 -12.96
C GLY D 203 13.45 1.80 -13.01
N GLY D 204 12.74 1.91 -11.89
CA GLY D 204 11.49 2.65 -11.74
C GLY D 204 10.30 2.07 -12.49
N ILE D 205 10.31 0.75 -12.67
CA ILE D 205 9.30 0.03 -13.42
C ILE D 205 9.02 -1.33 -12.77
N VAL D 206 7.73 -1.74 -12.74
CA VAL D 206 7.24 -3.02 -12.20
C VAL D 206 7.97 -4.18 -12.92
N ALA D 207 8.42 -5.19 -12.16
CA ALA D 207 9.15 -6.33 -12.70
C ALA D 207 8.32 -7.16 -13.69
N VAL D 208 6.99 -7.30 -13.44
CA VAL D 208 6.06 -8.10 -14.27
C VAL D 208 6.01 -7.56 -15.74
N PHE D 209 6.52 -6.33 -15.95
CA PHE D 209 6.61 -5.72 -17.28
C PHE D 209 7.52 -6.58 -18.20
N TYR D 210 8.66 -7.04 -17.67
CA TYR D 210 9.63 -7.85 -18.40
C TYR D 210 9.09 -9.26 -18.66
N SER D 211 8.34 -9.81 -17.70
CA SER D 211 7.69 -11.11 -17.84
C SER D 211 6.63 -11.06 -18.93
N LEU D 212 5.83 -9.96 -18.95
CA LEU D 212 4.78 -9.75 -19.96
C LEU D 212 5.36 -9.68 -21.38
N LEU D 213 6.50 -8.98 -21.57
CA LEU D 213 7.18 -8.89 -22.88
C LEU D 213 7.60 -10.29 -23.38
N THR D 214 8.16 -11.14 -22.47
CA THR D 214 8.59 -12.50 -22.77
C THR D 214 7.36 -13.37 -23.14
N ASP D 215 6.27 -13.27 -22.36
CA ASP D 215 5.03 -14.01 -22.58
C ASP D 215 4.40 -13.60 -23.92
N ILE D 216 4.44 -12.29 -24.25
CA ILE D 216 3.92 -11.77 -25.50
C ILE D 216 4.82 -12.28 -26.66
N SER D 217 6.16 -12.20 -26.49
CA SER D 217 7.13 -12.66 -27.48
C SER D 217 6.93 -14.13 -27.81
N ASN D 218 6.81 -15.00 -26.77
CA ASN D 218 6.63 -16.45 -26.93
C ASN D 218 5.29 -16.78 -27.57
N LEU D 219 4.25 -15.99 -27.30
CA LEU D 219 2.93 -16.10 -27.90
C LEU D 219 3.05 -15.92 -29.42
N PHE D 220 3.87 -14.95 -29.87
CA PHE D 220 4.12 -14.71 -31.29
C PHE D 220 5.06 -15.75 -31.89
N THR D 221 6.02 -16.26 -31.10
CA THR D 221 6.97 -17.29 -31.55
C THR D 221 6.22 -18.60 -31.86
N GLN D 222 5.24 -18.94 -31.02
CA GLN D 222 4.41 -20.13 -31.15
C GLN D 222 3.47 -20.06 -32.36
N TYR D 223 3.01 -18.84 -32.74
CA TYR D 223 2.08 -18.62 -33.85
C TYR D 223 2.74 -18.02 -35.11
N ASP D 224 4.09 -18.13 -35.20
CA ASP D 224 4.94 -17.68 -36.30
C ASP D 224 4.73 -16.22 -36.70
N CYS D 225 4.46 -15.35 -35.73
CA CYS D 225 4.23 -13.89 -35.91
C CYS D 225 5.52 -13.11 -35.75
N SER D 226 5.65 -12.02 -36.49
CA SER D 226 6.74 -11.05 -36.37
C SER D 226 6.09 -9.68 -36.11
N VAL D 227 6.02 -9.29 -34.84
CA VAL D 227 5.39 -8.06 -34.38
C VAL D 227 6.41 -7.08 -33.78
N VAL D 228 6.25 -5.77 -34.10
CA VAL D 228 7.03 -4.66 -33.57
C VAL D 228 6.10 -3.83 -32.70
N MET D 229 6.36 -3.76 -31.40
CA MET D 229 5.56 -2.97 -30.45
C MET D 229 6.38 -1.81 -29.97
N VAL D 230 5.85 -0.58 -30.05
CA VAL D 230 6.59 0.55 -29.49
C VAL D 230 6.28 0.52 -27.97
N VAL D 231 7.35 0.35 -27.15
CA VAL D 231 7.21 0.28 -25.70
C VAL D 231 7.84 1.54 -25.08
N ASN D 232 6.99 2.41 -24.53
CA ASN D 232 7.42 3.67 -23.91
C ASN D 232 6.89 3.76 -22.46
N PRO D 233 7.54 3.09 -21.49
CA PRO D 233 7.05 3.18 -20.10
C PRO D 233 7.59 4.41 -19.36
N MET D 234 6.87 4.86 -18.31
CA MET D 234 7.28 6.03 -17.53
C MET D 234 8.54 5.72 -16.75
N VAL D 235 9.69 6.14 -17.30
CA VAL D 235 11.01 5.90 -16.73
C VAL D 235 11.87 7.18 -16.85
N ASP D 236 12.79 7.38 -15.88
CA ASP D 236 13.71 8.53 -15.86
C ASP D 236 14.61 8.56 -17.10
N ALA D 237 14.97 9.77 -17.56
CA ALA D 237 15.78 10.04 -18.75
C ALA D 237 17.11 9.28 -18.79
N GLU D 238 17.75 9.06 -17.62
CA GLU D 238 19.02 8.35 -17.53
C GLU D 238 18.85 6.83 -17.28
N LYS D 239 17.69 6.42 -16.72
CA LYS D 239 17.38 5.02 -16.40
C LYS D 239 16.92 4.21 -17.63
N ILE D 240 16.72 4.86 -18.79
CA ILE D 240 16.25 4.22 -20.02
C ILE D 240 17.29 3.19 -20.56
N GLU D 241 18.61 3.46 -20.41
CA GLU D 241 19.68 2.57 -20.86
C GLU D 241 19.63 1.23 -20.12
N TYR D 242 19.41 1.26 -18.79
CA TYR D 242 19.29 0.05 -17.95
C TYR D 242 18.08 -0.78 -18.42
N VAL D 243 16.90 -0.13 -18.56
CA VAL D 243 15.63 -0.76 -18.95
C VAL D 243 15.77 -1.39 -20.34
N PHE D 244 16.42 -0.70 -21.30
CA PHE D 244 16.65 -1.22 -22.65
C PHE D 244 17.48 -2.52 -22.64
N GLY D 245 18.48 -2.57 -21.78
CA GLY D 245 19.33 -3.75 -21.60
C GLY D 245 18.56 -4.92 -21.05
N GLN D 246 17.62 -4.64 -20.13
CA GLN D 246 16.77 -5.63 -19.48
C GLN D 246 15.72 -6.17 -20.46
N VAL D 247 15.21 -5.29 -21.34
CA VAL D 247 14.21 -5.62 -22.35
C VAL D 247 14.83 -6.55 -23.41
N MET D 248 16.14 -6.35 -23.73
CA MET D 248 16.91 -7.18 -24.68
C MET D 248 16.91 -8.66 -24.26
N ALA D 249 16.90 -8.93 -22.95
CA ALA D 249 16.88 -10.26 -22.35
C ALA D 249 15.44 -10.85 -22.28
N SER D 250 14.43 -10.05 -22.70
CA SER D 250 13.02 -10.42 -22.64
C SER D 250 12.33 -10.43 -24.01
N THR D 251 13.02 -9.98 -25.09
CA THR D 251 12.39 -9.92 -26.43
C THR D 251 13.30 -10.50 -27.51
N VAL D 252 12.71 -10.87 -28.65
CA VAL D 252 13.41 -11.44 -29.83
C VAL D 252 14.14 -10.28 -30.57
N GLY D 253 13.55 -9.09 -30.49
CA GLY D 253 14.09 -7.88 -31.09
C GLY D 253 13.99 -6.68 -30.18
N ALA D 254 14.94 -5.74 -30.29
CA ALA D 254 14.96 -4.51 -29.48
C ALA D 254 15.61 -3.38 -30.26
N ILE D 255 14.89 -2.24 -30.38
CA ILE D 255 15.39 -1.05 -31.11
C ILE D 255 15.29 0.17 -30.19
N LEU D 256 16.42 0.89 -30.01
CA LEU D 256 16.50 2.10 -29.19
C LEU D 256 16.59 3.35 -30.07
N CYS D 257 15.72 4.33 -29.80
CA CYS D 257 15.65 5.60 -30.54
C CYS D 257 16.17 6.76 -29.69
N ALA D 258 16.93 7.66 -30.34
CA ALA D 258 17.51 8.87 -29.76
C ALA D 258 17.71 9.93 -30.84
N ASP D 259 17.14 11.13 -30.61
CA ASP D 259 17.21 12.32 -31.48
C ASP D 259 16.76 12.01 -32.93
N GLY D 260 15.63 11.31 -33.07
CA GLY D 260 15.05 10.94 -34.36
C GLY D 260 15.68 9.77 -35.09
N ASN D 261 16.85 9.29 -34.62
CA ASN D 261 17.60 8.20 -35.24
C ASN D 261 17.64 6.96 -34.33
N VAL D 262 18.06 5.82 -34.90
CA VAL D 262 18.18 4.55 -34.18
C VAL D 262 19.53 4.52 -33.47
N SER D 263 19.51 4.51 -32.14
CA SER D 263 20.70 4.52 -31.29
C SER D 263 21.36 3.13 -31.24
N ARG D 264 20.59 2.08 -30.88
CA ARG D 264 21.06 0.69 -30.75
C ARG D 264 20.04 -0.32 -31.30
N THR D 265 20.51 -1.54 -31.66
CA THR D 265 19.65 -2.64 -32.13
C THR D 265 20.12 -4.00 -31.65
N MET D 266 19.17 -4.91 -31.44
CA MET D 266 19.36 -6.30 -31.03
C MET D 266 18.32 -7.16 -31.72
N PHE D 267 18.77 -8.21 -32.41
CA PHE D 267 17.88 -9.14 -33.10
C PHE D 267 18.38 -10.56 -32.96
N ARG D 268 17.47 -11.49 -32.62
CA ARG D 268 17.76 -12.92 -32.50
C ARG D 268 17.41 -13.56 -33.84
N THR D 269 18.43 -13.82 -34.67
CA THR D 269 18.25 -14.37 -36.02
C THR D 269 18.76 -15.83 -36.15
N ASN D 270 18.57 -16.42 -37.35
CA ASN D 270 19.02 -17.77 -37.70
C ASN D 270 20.56 -17.81 -37.77
N LYS D 271 21.18 -16.63 -37.97
CA LYS D 271 22.63 -16.43 -38.02
C LYS D 271 23.16 -16.07 -36.60
N GLY D 272 22.26 -16.05 -35.60
CA GLY D 272 22.56 -15.76 -34.20
C GLY D 272 22.06 -14.41 -33.70
N ARG D 273 22.39 -14.08 -32.43
CA ARG D 273 22.04 -12.80 -31.78
C ARG D 273 22.93 -11.69 -32.33
N ILE D 274 22.32 -10.66 -32.95
CA ILE D 274 23.11 -9.57 -33.55
C ILE D 274 22.85 -8.26 -32.80
N PHE D 275 23.93 -7.68 -32.25
CA PHE D 275 23.94 -6.41 -31.53
C PHE D 275 24.54 -5.33 -32.41
N ASN D 276 23.69 -4.41 -32.92
CA ASN D 276 24.02 -3.28 -33.81
C ASN D 276 24.74 -3.74 -35.08
N PRO E 2 20.03 -35.98 -25.73
CA PRO E 2 18.86 -36.75 -25.25
C PRO E 2 18.92 -36.97 -23.73
N ILE E 3 17.81 -37.48 -23.15
CA ILE E 3 17.66 -37.72 -21.70
C ILE E 3 17.61 -39.22 -21.48
N VAL E 4 18.76 -39.81 -21.21
CA VAL E 4 18.86 -41.26 -21.14
C VAL E 4 18.59 -41.80 -19.72
N VAL E 5 17.63 -42.73 -19.66
CA VAL E 5 17.19 -43.42 -18.47
C VAL E 5 18.02 -44.72 -18.34
N THR E 6 18.85 -44.78 -17.27
CA THR E 6 19.76 -45.88 -16.87
C THR E 6 19.01 -46.81 -15.92
N GLN E 7 19.59 -48.00 -15.60
CA GLN E 7 19.02 -48.94 -14.64
C GLN E 7 19.03 -48.32 -13.24
N ALA E 8 20.02 -47.44 -12.97
CA ALA E 8 20.18 -46.69 -11.73
C ALA E 8 18.94 -45.85 -11.46
N HIS E 9 18.36 -45.23 -12.51
CA HIS E 9 17.14 -44.43 -12.44
C HIS E 9 15.93 -45.34 -12.12
N ILE E 10 15.81 -46.49 -12.84
CA ILE E 10 14.73 -47.48 -12.67
C ILE E 10 14.72 -48.03 -11.23
N ASP E 11 15.92 -48.28 -10.65
CA ASP E 11 16.08 -48.80 -9.28
C ASP E 11 15.71 -47.76 -8.20
N ARG E 12 15.68 -46.46 -8.56
CA ARG E 12 15.37 -45.35 -7.66
C ARG E 12 13.86 -45.07 -7.57
N VAL E 13 13.05 -45.61 -8.51
CA VAL E 13 11.60 -45.40 -8.62
C VAL E 13 10.90 -45.72 -7.27
N GLY E 14 11.18 -46.91 -6.73
CA GLY E 14 10.60 -47.35 -5.46
C GLY E 14 10.95 -46.47 -4.28
N ILE E 15 12.23 -46.07 -4.22
CA ILE E 15 12.83 -45.22 -3.16
C ILE E 15 12.20 -43.83 -3.22
N ALA E 16 12.04 -43.30 -4.46
CA ALA E 16 11.44 -41.99 -4.72
C ALA E 16 10.01 -41.96 -4.18
N ALA E 17 9.22 -43.04 -4.44
CA ALA E 17 7.85 -43.19 -3.98
C ALA E 17 7.80 -43.24 -2.46
N ASP E 18 8.78 -43.93 -1.84
CA ASP E 18 8.91 -44.04 -0.38
C ASP E 18 9.21 -42.69 0.24
N LEU E 19 10.15 -41.91 -0.34
CA LEU E 19 10.53 -40.59 0.13
C LEU E 19 9.34 -39.63 0.09
N LEU E 20 8.54 -39.69 -0.99
CA LEU E 20 7.38 -38.84 -1.20
C LEU E 20 6.26 -39.16 -0.21
N ASP E 21 5.98 -40.46 0.02
CA ASP E 21 4.92 -40.92 0.93
C ASP E 21 5.28 -40.73 2.39
N ALA E 22 6.57 -40.90 2.72
CA ALA E 22 7.10 -40.81 4.09
C ALA E 22 6.85 -39.45 4.75
N SER E 23 7.08 -38.36 4.02
CA SER E 23 6.92 -37.02 4.58
C SER E 23 5.88 -36.16 3.84
N PRO E 24 4.80 -35.72 4.54
CA PRO E 24 3.84 -34.81 3.91
C PRO E 24 4.41 -33.38 3.93
N VAL E 25 4.42 -32.70 2.78
CA VAL E 25 4.99 -31.36 2.68
C VAL E 25 3.98 -30.34 2.22
N SER E 26 4.28 -29.07 2.50
CA SER E 26 3.52 -27.90 2.12
C SER E 26 4.47 -26.79 1.67
N LEU E 27 3.90 -25.65 1.25
CA LEU E 27 4.66 -24.48 0.86
C LEU E 27 3.85 -23.26 1.21
N GLN E 28 4.49 -22.14 1.49
CA GLN E 28 3.86 -20.89 1.83
C GLN E 28 4.70 -19.74 1.30
N VAL E 29 4.02 -18.70 0.83
CA VAL E 29 4.64 -17.43 0.50
C VAL E 29 4.47 -16.02 1.09
N LEU E 30 3.28 -15.44 0.97
CA LEU E 30 2.68 -14.40 1.80
C LEU E 30 1.23 -14.71 2.23
N GLY E 31 0.73 -15.88 1.83
CA GLY E 31 -0.66 -16.23 2.06
C GLY E 31 -0.75 -17.31 3.09
N ARG E 32 -1.49 -18.40 2.82
CA ARG E 32 -1.62 -19.52 3.76
C ARG E 32 -0.85 -20.75 3.25
N PRO E 33 -0.37 -21.63 4.17
CA PRO E 33 0.37 -22.82 3.72
C PRO E 33 -0.49 -23.72 2.82
N THR E 34 0.06 -24.15 1.70
CA THR E 34 -0.62 -25.01 0.73
C THR E 34 0.13 -26.33 0.59
N ALA E 35 -0.60 -27.44 0.78
CA ALA E 35 -0.09 -28.80 0.70
C ALA E 35 0.31 -29.17 -0.72
N ILE E 36 1.35 -30.00 -0.85
CA ILE E 36 1.85 -30.50 -2.13
C ILE E 36 1.33 -31.92 -2.31
N ASN E 37 0.58 -32.19 -3.40
CA ASN E 37 0.06 -33.51 -3.69
C ASN E 37 1.17 -34.35 -4.30
N THR E 38 1.73 -35.21 -3.45
CA THR E 38 2.82 -36.15 -3.72
C THR E 38 2.45 -37.13 -4.84
N VAL E 39 1.18 -37.61 -4.86
CA VAL E 39 0.63 -38.58 -5.82
C VAL E 39 0.93 -38.16 -7.27
N VAL E 40 0.73 -36.87 -7.59
CA VAL E 40 0.95 -36.28 -8.92
C VAL E 40 2.41 -36.52 -9.39
N ILE E 41 3.41 -36.32 -8.47
CA ILE E 41 4.83 -36.53 -8.76
C ILE E 41 5.08 -38.01 -9.06
N LYS E 42 4.48 -38.93 -8.24
CA LYS E 42 4.58 -40.37 -8.45
C LYS E 42 4.01 -40.78 -9.81
N THR E 43 2.83 -40.22 -10.17
CA THR E 43 2.12 -40.45 -11.43
C THR E 43 3.00 -40.00 -12.61
N TYR E 44 3.70 -38.87 -12.44
CA TYR E 44 4.62 -38.33 -13.44
C TYR E 44 5.80 -39.29 -13.65
N ILE E 45 6.43 -39.78 -12.54
CA ILE E 45 7.55 -40.72 -12.59
C ILE E 45 7.14 -41.98 -13.39
N ALA E 46 5.95 -42.54 -13.08
CA ALA E 46 5.39 -43.73 -13.73
C ALA E 46 5.18 -43.51 -15.24
N ALA E 47 4.71 -42.32 -15.62
CA ALA E 47 4.49 -41.92 -17.00
C ALA E 47 5.81 -41.80 -17.78
N VAL E 48 6.86 -41.27 -17.13
CA VAL E 48 8.21 -41.08 -17.71
C VAL E 48 8.83 -42.48 -17.94
N MET E 49 8.68 -43.39 -16.94
CA MET E 49 9.19 -44.78 -16.99
C MET E 49 8.53 -45.60 -18.08
N GLU E 50 7.22 -45.38 -18.31
CA GLU E 50 6.41 -46.08 -19.31
C GLU E 50 6.81 -45.63 -20.70
N LEU E 51 7.10 -44.32 -20.88
CA LEU E 51 7.52 -43.73 -22.15
C LEU E 51 8.98 -44.12 -22.49
N ALA E 52 9.85 -44.14 -21.46
CA ALA E 52 11.24 -44.59 -21.50
C ALA E 52 11.29 -45.98 -22.08
N SER E 53 10.34 -46.84 -21.62
CA SER E 53 10.12 -48.21 -22.05
C SER E 53 9.65 -48.26 -23.52
N LYS E 54 8.83 -47.26 -24.01
CA LYS E 54 8.40 -47.19 -25.44
C LYS E 54 9.60 -46.92 -26.34
N GLN E 55 10.56 -46.11 -25.84
CA GLN E 55 11.80 -45.77 -26.53
C GLN E 55 12.91 -46.76 -26.08
N GLY E 56 14.17 -46.45 -26.38
CA GLY E 56 15.28 -47.31 -25.97
C GLY E 56 15.96 -46.85 -24.70
N GLY E 57 15.18 -46.16 -23.85
CA GLY E 57 15.66 -45.55 -22.62
C GLY E 57 16.01 -44.09 -22.86
N SER E 58 16.08 -43.68 -24.13
CA SER E 58 16.38 -42.33 -24.57
C SER E 58 15.07 -41.54 -24.71
N LEU E 59 14.97 -40.39 -24.00
CA LEU E 59 13.73 -39.58 -24.03
C LEU E 59 13.99 -38.19 -24.53
N ALA E 60 13.01 -37.67 -25.26
CA ALA E 60 13.05 -36.30 -25.72
C ALA E 60 12.34 -35.42 -24.69
N GLY E 61 13.02 -34.36 -24.27
CA GLY E 61 12.52 -33.39 -23.31
C GLY E 61 11.11 -32.89 -23.60
N VAL E 62 10.79 -32.76 -24.89
CA VAL E 62 9.47 -32.35 -25.39
C VAL E 62 8.40 -33.37 -24.97
N ASP E 63 8.74 -34.68 -25.00
CA ASP E 63 7.79 -35.74 -24.71
C ASP E 63 7.56 -35.94 -23.22
N ILE E 64 8.46 -35.43 -22.36
CA ILE E 64 8.33 -35.62 -20.92
C ILE E 64 7.77 -34.37 -20.22
N ARG E 65 7.17 -33.43 -20.97
CA ARG E 65 6.59 -32.24 -20.33
C ARG E 65 5.28 -32.68 -19.60
N PRO E 66 5.02 -32.20 -18.36
CA PRO E 66 3.87 -32.73 -17.60
C PRO E 66 2.51 -32.53 -18.28
N SER E 67 2.32 -31.41 -19.02
CA SER E 67 1.07 -31.07 -19.73
C SER E 67 0.68 -32.14 -20.76
N VAL E 68 1.66 -32.88 -21.28
CA VAL E 68 1.51 -33.94 -22.26
C VAL E 68 1.28 -35.31 -21.56
N LEU E 69 2.03 -35.59 -20.49
CA LEU E 69 1.96 -36.86 -19.76
C LEU E 69 0.81 -36.95 -18.74
N LEU E 70 0.43 -35.85 -18.09
CA LEU E 70 -0.61 -35.87 -17.04
C LEU E 70 -1.88 -35.15 -17.46
N LYS E 71 -3.07 -35.68 -17.01
CA LYS E 71 -4.39 -35.11 -17.30
C LYS E 71 -4.54 -33.79 -16.56
N ASP E 72 -4.00 -33.69 -15.32
CA ASP E 72 -3.96 -32.47 -14.53
C ASP E 72 -2.55 -32.30 -13.93
N THR E 73 -2.00 -31.07 -14.07
CA THR E 73 -0.65 -30.66 -13.70
C THR E 73 -0.59 -29.98 -12.32
N ALA E 74 -1.72 -29.93 -11.59
CA ALA E 74 -1.79 -29.30 -10.26
C ALA E 74 -1.04 -30.11 -9.20
N ILE E 75 -0.18 -29.43 -8.41
CA ILE E 75 0.58 -30.03 -7.31
C ILE E 75 0.03 -29.48 -5.97
N PHE E 76 -0.45 -28.23 -5.99
CA PHE E 76 -0.97 -27.56 -4.80
C PHE E 76 -2.47 -27.80 -4.68
N THR E 77 -2.91 -28.27 -3.48
CA THR E 77 -4.30 -28.63 -3.17
C THR E 77 -4.82 -27.79 -2.00
N ALA E 84 -11.38 -18.80 0.79
CA ALA E 84 -11.20 -19.27 -0.58
C ALA E 84 -9.86 -18.75 -1.15
N ASP E 85 -9.72 -17.42 -1.28
CA ASP E 85 -8.51 -16.76 -1.78
C ASP E 85 -7.98 -15.78 -0.71
N VAL E 86 -6.69 -15.92 -0.34
CA VAL E 86 -6.07 -15.10 0.69
C VAL E 86 -5.12 -14.03 0.06
N GLU E 87 -5.17 -12.81 0.62
CA GLU E 87 -4.37 -11.65 0.24
C GLU E 87 -2.97 -11.75 0.85
N SER E 88 -1.97 -11.11 0.23
CA SER E 88 -0.60 -11.09 0.74
C SER E 88 -0.47 -10.19 2.02
N ASP E 89 -1.52 -9.42 2.37
CA ASP E 89 -1.54 -8.55 3.55
C ASP E 89 -2.76 -8.93 4.40
N VAL E 90 -2.65 -10.10 5.06
CA VAL E 90 -3.63 -10.70 5.97
C VAL E 90 -2.86 -11.03 7.25
N ASP E 91 -3.55 -11.29 8.39
CA ASP E 91 -2.83 -11.54 9.64
C ASP E 91 -2.17 -12.91 9.62
N VAL E 92 -0.85 -12.91 9.88
CA VAL E 92 0.07 -14.04 9.90
C VAL E 92 -0.31 -15.06 11.00
N LEU E 93 -1.10 -14.63 11.97
CA LEU E 93 -1.62 -15.49 13.03
C LEU E 93 -2.91 -16.21 12.58
N ASP E 94 -3.61 -15.67 11.56
CA ASP E 94 -4.83 -16.28 11.03
C ASP E 94 -4.48 -17.35 10.00
N THR E 95 -3.34 -17.18 9.31
CA THR E 95 -2.87 -18.08 8.29
C THR E 95 -1.88 -19.09 8.85
N GLY E 96 -1.12 -18.66 9.84
CA GLY E 96 -0.07 -19.44 10.46
C GLY E 96 1.20 -19.29 9.64
N ILE E 97 2.31 -19.92 10.09
CA ILE E 97 3.59 -19.88 9.38
C ILE E 97 4.07 -21.31 9.14
N TYR E 98 4.53 -21.60 7.91
CA TYR E 98 5.07 -22.91 7.54
C TYR E 98 6.40 -22.79 6.82
N SER E 99 7.35 -23.65 7.19
CA SER E 99 8.63 -23.82 6.50
C SER E 99 8.85 -25.27 6.31
N VAL E 100 9.37 -25.70 5.16
CA VAL E 100 9.52 -27.14 4.95
C VAL E 100 10.62 -27.66 5.93
N PRO E 101 10.29 -28.73 6.70
CA PRO E 101 11.22 -29.24 7.71
C PRO E 101 12.53 -29.76 7.13
N GLY E 102 13.58 -29.68 7.93
CA GLY E 102 14.92 -30.15 7.60
C GLY E 102 15.02 -31.65 7.73
N LEU E 103 16.14 -32.20 7.22
CA LEU E 103 16.46 -33.62 7.30
C LEU E 103 17.30 -33.94 8.53
N ALA E 104 16.79 -34.83 9.39
CA ALA E 104 17.52 -35.26 10.59
C ALA E 104 18.71 -36.15 10.23
N ARG E 105 18.59 -36.91 9.14
CA ARG E 105 19.66 -37.78 8.64
C ARG E 105 20.62 -36.96 7.76
N LYS E 106 21.75 -37.58 7.36
CA LYS E 106 22.74 -36.99 6.47
C LYS E 106 22.12 -36.91 5.07
N PRO E 107 22.19 -35.75 4.36
CA PRO E 107 21.62 -35.71 3.01
C PRO E 107 22.47 -36.50 2.01
N VAL E 108 21.81 -37.06 0.98
CA VAL E 108 22.47 -37.81 -0.10
C VAL E 108 23.37 -36.84 -0.87
N THR E 109 24.62 -37.22 -1.08
CA THR E 109 25.60 -36.39 -1.80
C THR E 109 25.45 -36.62 -3.31
N HIS E 110 25.93 -35.65 -4.10
CA HIS E 110 25.91 -35.65 -5.56
C HIS E 110 27.28 -35.22 -6.11
N ARG E 111 27.52 -35.46 -7.41
CA ARG E 111 28.78 -35.06 -8.07
C ARG E 111 28.57 -33.75 -8.82
N TRP E 112 27.29 -33.35 -8.98
CA TRP E 112 26.83 -32.16 -9.71
C TRP E 112 25.91 -31.30 -8.83
N PRO E 113 26.00 -29.95 -8.87
CA PRO E 113 26.89 -29.08 -9.67
C PRO E 113 28.33 -29.04 -9.15
N SER E 114 28.60 -29.58 -7.95
CA SER E 114 29.93 -29.65 -7.36
C SER E 114 30.18 -31.02 -6.71
N GLU E 115 31.45 -31.44 -6.56
CA GLU E 115 31.77 -32.74 -5.97
C GLU E 115 31.41 -32.83 -4.49
N GLY E 116 30.65 -33.87 -4.16
CA GLY E 116 30.19 -34.18 -2.82
C GLY E 116 29.14 -33.24 -2.26
N ILE E 117 28.51 -32.41 -3.11
CA ILE E 117 27.46 -31.47 -2.71
C ILE E 117 26.24 -32.22 -2.15
N TYR E 118 25.64 -31.66 -1.08
CA TYR E 118 24.43 -32.24 -0.49
C TYR E 118 23.22 -31.95 -1.37
N SER E 119 22.17 -32.76 -1.23
CA SER E 119 20.92 -32.57 -1.97
C SER E 119 20.28 -31.25 -1.53
N GLY E 120 19.73 -30.52 -2.50
CA GLY E 120 19.11 -29.23 -2.24
C GLY E 120 19.04 -28.40 -3.51
N VAL E 121 19.10 -27.07 -3.36
CA VAL E 121 19.05 -26.18 -4.51
C VAL E 121 20.34 -25.31 -4.57
N THR E 122 20.76 -25.02 -5.81
CA THR E 122 21.89 -24.17 -6.16
C THR E 122 21.31 -22.98 -6.95
N ALA E 123 21.68 -21.74 -6.59
CA ALA E 123 21.18 -20.55 -7.28
C ALA E 123 22.25 -19.97 -8.20
N LEU E 124 21.97 -19.95 -9.50
CA LEU E 124 22.87 -19.39 -10.51
C LEU E 124 22.46 -17.95 -10.70
N MET E 125 23.23 -17.04 -10.07
CA MET E 125 23.00 -15.60 -10.01
C MET E 125 23.88 -14.82 -10.97
N GLY E 126 23.49 -13.57 -11.19
CA GLY E 126 24.19 -12.64 -12.07
C GLY E 126 23.27 -11.67 -12.76
N ALA E 127 23.84 -10.53 -13.19
CA ALA E 127 23.14 -9.47 -13.90
C ALA E 127 22.67 -9.97 -15.27
N THR E 128 21.77 -9.23 -15.96
CA THR E 128 21.33 -9.67 -17.28
C THR E 128 22.49 -9.63 -18.25
N GLY E 129 22.69 -10.74 -18.95
CA GLY E 129 23.76 -10.91 -19.92
C GLY E 129 25.12 -11.12 -19.28
N SER E 130 25.15 -11.59 -18.02
CA SER E 130 26.38 -11.89 -17.27
C SER E 130 26.94 -13.27 -17.64
N GLY E 131 26.15 -14.06 -18.38
CA GLY E 131 26.52 -15.38 -18.89
C GLY E 131 25.93 -16.58 -18.16
N LYS E 132 24.83 -16.39 -17.42
CA LYS E 132 24.18 -17.44 -16.62
C LYS E 132 23.77 -18.65 -17.48
N SER E 133 22.96 -18.45 -18.54
CA SER E 133 22.49 -19.48 -19.48
C SER E 133 23.69 -20.19 -20.17
N ILE E 134 24.76 -19.43 -20.50
CA ILE E 134 25.96 -19.94 -21.13
C ILE E 134 26.67 -20.88 -20.15
N THR E 135 26.94 -20.38 -18.91
CA THR E 135 27.62 -21.08 -17.81
C THR E 135 26.88 -22.38 -17.51
N LEU E 136 25.54 -22.30 -17.42
CA LEU E 136 24.66 -23.44 -17.18
C LEU E 136 24.81 -24.57 -18.25
N ASN E 137 24.62 -24.23 -19.52
CA ASN E 137 24.58 -25.21 -20.59
C ASN E 137 25.98 -25.69 -21.03
N GLU E 138 27.03 -24.86 -20.88
CA GLU E 138 28.39 -25.26 -21.29
C GLU E 138 29.19 -25.83 -20.13
N LYS E 139 29.17 -25.15 -18.97
CA LYS E 139 29.96 -25.61 -17.83
C LYS E 139 29.18 -26.60 -17.02
N LEU E 140 27.97 -26.25 -16.52
CA LEU E 140 27.23 -27.21 -15.71
C LEU E 140 26.74 -28.43 -16.54
N ARG E 141 26.30 -28.25 -17.81
CA ARG E 141 25.75 -29.30 -18.71
C ARG E 141 24.69 -30.18 -17.95
N PRO E 142 23.44 -29.67 -17.72
CA PRO E 142 22.44 -30.49 -17.00
C PRO E 142 21.87 -31.64 -17.85
N ASP E 143 21.35 -32.67 -17.17
CA ASP E 143 20.72 -33.83 -17.81
C ASP E 143 19.33 -33.43 -18.33
N VAL E 144 18.62 -32.59 -17.57
CA VAL E 144 17.31 -32.06 -17.90
C VAL E 144 17.38 -30.52 -17.78
N LEU E 145 16.95 -29.82 -18.83
CA LEU E 145 16.94 -28.38 -18.82
C LEU E 145 15.49 -27.88 -18.88
N ILE E 146 14.96 -27.41 -17.73
CA ILE E 146 13.62 -26.86 -17.64
C ILE E 146 13.70 -25.42 -18.14
N ARG E 147 12.88 -25.11 -19.15
CA ARG E 147 12.84 -23.77 -19.69
C ARG E 147 11.51 -23.10 -19.34
N TRP E 148 11.60 -21.98 -18.61
CA TRP E 148 10.45 -21.24 -18.14
C TRP E 148 10.73 -19.74 -18.16
N GLY E 149 9.80 -18.98 -18.73
CA GLY E 149 9.83 -17.52 -18.77
C GLY E 149 11.02 -16.87 -19.46
N GLU E 150 11.58 -17.58 -20.43
CA GLU E 150 12.73 -17.11 -21.17
C GLU E 150 12.40 -17.03 -22.64
N VAL E 151 12.90 -16.01 -23.32
CA VAL E 151 12.61 -15.79 -24.74
C VAL E 151 13.27 -16.88 -25.61
N ALA E 152 12.88 -17.00 -26.89
CA ALA E 152 13.40 -18.00 -27.83
C ALA E 152 14.93 -17.90 -27.98
N GLU E 153 15.63 -18.93 -27.54
CA GLU E 153 17.08 -19.05 -27.59
C GLU E 153 17.48 -20.41 -28.18
N ALA E 154 18.80 -20.63 -28.41
CA ALA E 154 19.33 -21.87 -28.96
C ALA E 154 19.08 -23.07 -28.07
N TYR E 155 18.94 -22.84 -26.75
CA TYR E 155 18.73 -23.87 -25.72
C TYR E 155 17.35 -24.53 -25.85
N ASP E 156 16.41 -23.87 -26.54
CA ASP E 156 15.06 -24.40 -26.72
C ASP E 156 15.02 -25.54 -27.76
N GLU E 157 16.00 -25.60 -28.67
CA GLU E 157 16.11 -26.63 -29.73
C GLU E 157 16.77 -27.92 -29.22
N LEU E 158 17.32 -27.90 -27.99
CA LEU E 158 17.97 -29.01 -27.31
C LEU E 158 16.94 -30.08 -26.91
N ASP E 159 17.30 -31.37 -27.04
CA ASP E 159 16.43 -32.50 -26.68
C ASP E 159 16.37 -32.72 -25.16
N THR E 160 17.20 -31.96 -24.41
CA THR E 160 17.23 -31.97 -22.94
C THR E 160 16.20 -30.95 -22.40
N ALA E 161 15.79 -29.97 -23.25
CA ALA E 161 14.86 -28.90 -22.92
C ALA E 161 13.43 -29.38 -22.75
N VAL E 162 12.81 -29.02 -21.62
CA VAL E 162 11.42 -29.34 -21.27
C VAL E 162 10.74 -28.00 -20.93
N HIS E 163 9.78 -27.61 -21.79
CA HIS E 163 9.09 -26.33 -21.70
C HIS E 163 7.86 -26.43 -20.82
N ILE E 164 7.91 -25.71 -19.72
CA ILE E 164 6.83 -25.63 -18.74
C ILE E 164 6.16 -24.23 -18.82
N SER E 165 5.02 -24.08 -18.11
CA SER E 165 4.23 -22.86 -18.02
C SER E 165 3.91 -22.49 -16.58
N THR E 166 3.71 -23.47 -15.67
CA THR E 166 3.33 -23.24 -14.26
C THR E 166 4.42 -23.64 -13.25
N LEU E 167 4.30 -23.13 -12.00
CA LEU E 167 5.19 -23.46 -10.88
C LEU E 167 5.02 -24.93 -10.48
N ASP E 168 3.76 -25.43 -10.57
CA ASP E 168 3.38 -26.82 -10.30
C ASP E 168 4.22 -27.75 -11.19
N GLU E 169 4.27 -27.43 -12.51
CA GLU E 169 5.04 -28.18 -13.51
C GLU E 169 6.53 -28.19 -13.15
N MET E 170 7.09 -27.02 -12.73
CA MET E 170 8.51 -26.92 -12.37
C MET E 170 8.87 -27.89 -11.27
N LEU E 171 8.08 -27.88 -10.15
CA LEU E 171 8.29 -28.76 -9.00
C LEU E 171 8.10 -30.23 -9.37
N ILE E 172 7.13 -30.57 -10.25
CA ILE E 172 6.88 -31.94 -10.70
C ILE E 172 8.13 -32.49 -11.38
N VAL E 173 8.69 -31.75 -12.35
CA VAL E 173 9.87 -32.19 -13.11
C VAL E 173 11.11 -32.19 -12.20
N CYS E 174 11.28 -31.16 -11.36
CA CYS E 174 12.42 -31.03 -10.43
C CYS E 174 12.43 -32.18 -9.41
N ILE E 175 11.32 -32.40 -8.66
CA ILE E 175 11.22 -33.45 -7.64
C ILE E 175 11.18 -34.82 -8.31
N GLY E 176 10.30 -34.98 -9.31
CA GLY E 176 10.12 -36.23 -10.04
C GLY E 176 11.39 -36.83 -10.62
N LEU E 177 12.05 -36.07 -11.50
CA LEU E 177 13.27 -36.52 -12.16
C LEU E 177 14.52 -36.39 -11.28
N GLY E 178 14.57 -35.36 -10.44
CA GLY E 178 15.68 -35.10 -9.52
C GLY E 178 15.88 -36.20 -8.50
N ALA E 179 14.75 -36.76 -7.99
CA ALA E 179 14.75 -37.85 -7.01
C ALA E 179 15.34 -39.13 -7.60
N LEU E 180 15.09 -39.37 -8.92
CA LEU E 180 15.57 -40.53 -9.67
C LEU E 180 17.08 -40.47 -9.93
N GLY E 181 17.69 -39.31 -9.68
CA GLY E 181 19.12 -39.11 -9.86
C GLY E 181 19.55 -38.19 -10.98
N PHE E 182 18.57 -37.68 -11.77
CA PHE E 182 18.85 -36.75 -12.86
C PHE E 182 19.33 -35.41 -12.36
N ASN E 183 20.23 -34.78 -13.12
CA ASN E 183 20.75 -33.45 -12.85
C ASN E 183 19.84 -32.46 -13.54
N VAL E 184 18.87 -31.94 -12.77
CA VAL E 184 17.83 -31.03 -13.25
C VAL E 184 18.26 -29.56 -13.06
N ALA E 185 17.97 -28.72 -14.05
CA ALA E 185 18.24 -27.29 -14.03
C ALA E 185 17.06 -26.50 -14.51
N VAL E 186 16.84 -25.29 -13.93
CA VAL E 186 15.72 -24.41 -14.29
C VAL E 186 16.26 -23.05 -14.79
N ASP E 187 15.90 -22.71 -16.02
CA ASP E 187 16.23 -21.45 -16.69
C ASP E 187 14.94 -21.00 -17.35
N SER E 188 14.19 -20.05 -16.76
CA SER E 188 14.49 -19.24 -15.57
C SER E 188 13.40 -19.42 -14.50
N VAL E 189 13.62 -18.81 -13.30
CA VAL E 189 12.67 -18.77 -12.18
C VAL E 189 12.09 -17.32 -12.05
N ARG E 190 12.25 -16.52 -13.14
CA ARG E 190 11.73 -15.16 -13.33
C ARG E 190 10.18 -15.08 -13.30
N PRO E 191 9.40 -16.09 -13.80
CA PRO E 191 7.93 -15.98 -13.73
C PRO E 191 7.42 -15.83 -12.31
N LEU E 192 8.10 -16.51 -11.37
CA LEU E 192 7.79 -16.52 -9.95
C LEU E 192 8.28 -15.24 -9.30
N LEU E 193 9.61 -14.97 -9.41
CA LEU E 193 10.32 -13.83 -8.85
C LEU E 193 9.69 -12.49 -9.21
N PHE E 194 9.40 -12.28 -10.50
CA PHE E 194 8.83 -11.03 -11.01
C PHE E 194 7.35 -10.87 -10.67
N ARG E 195 6.70 -11.92 -10.18
CA ARG E 195 5.30 -11.85 -9.78
C ARG E 195 5.17 -11.90 -8.26
N LEU E 196 6.33 -11.91 -7.52
CA LEU E 196 6.33 -11.90 -6.06
C LEU E 196 5.86 -10.53 -5.57
N LYS E 197 4.63 -10.54 -5.00
CA LYS E 197 3.97 -9.35 -4.48
C LYS E 197 4.30 -9.17 -3.05
N GLY E 198 4.54 -7.92 -2.67
CA GLY E 198 4.88 -7.53 -1.32
C GLY E 198 5.83 -6.36 -1.27
N ALA E 199 6.03 -5.80 -0.08
CA ALA E 199 6.93 -4.67 0.10
C ALA E 199 8.39 -5.15 0.09
N ALA E 200 9.19 -4.57 -0.82
CA ALA E 200 10.61 -4.89 -1.01
C ALA E 200 11.41 -4.53 0.25
N SER E 201 12.19 -5.51 0.76
CA SER E 201 13.03 -5.35 1.96
C SER E 201 14.42 -4.83 1.56
N ALA E 202 15.41 -4.94 2.46
CA ALA E 202 16.78 -4.49 2.22
C ALA E 202 17.41 -5.26 1.03
N GLY E 203 17.85 -4.49 0.03
CA GLY E 203 18.43 -5.02 -1.20
C GLY E 203 17.51 -4.92 -2.40
N GLY E 204 16.38 -4.24 -2.24
CA GLY E 204 15.39 -4.03 -3.28
C GLY E 204 14.63 -5.27 -3.68
N ILE E 205 14.49 -6.24 -2.76
CA ILE E 205 13.82 -7.51 -3.01
C ILE E 205 13.03 -7.94 -1.77
N VAL E 206 11.82 -8.51 -1.97
CA VAL E 206 10.92 -9.01 -0.92
C VAL E 206 11.68 -10.05 -0.07
N ALA E 207 11.55 -9.98 1.27
CA ALA E 207 12.22 -10.90 2.19
C ALA E 207 11.79 -12.35 2.00
N VAL E 208 10.50 -12.62 1.66
CA VAL E 208 9.94 -13.98 1.48
C VAL E 208 10.64 -14.73 0.32
N PHE E 209 11.41 -14.00 -0.51
CA PHE E 209 12.20 -14.58 -1.59
C PHE E 209 13.26 -15.51 -1.02
N TYR E 210 13.92 -15.10 0.07
CA TYR E 210 14.97 -15.88 0.73
C TYR E 210 14.37 -17.08 1.46
N SER E 211 13.16 -16.93 2.02
CA SER E 211 12.44 -18.00 2.68
C SER E 211 12.03 -19.07 1.66
N LEU E 212 11.56 -18.63 0.48
CA LEU E 212 11.17 -19.52 -0.61
C LEU E 212 12.34 -20.37 -1.09
N LEU E 213 13.54 -19.77 -1.27
CA LEU E 213 14.75 -20.48 -1.69
C LEU E 213 15.11 -21.58 -0.69
N THR E 214 15.02 -21.30 0.64
CA THR E 214 15.29 -22.24 1.73
C THR E 214 14.29 -23.40 1.70
N ASP E 215 12.99 -23.06 1.54
CA ASP E 215 11.89 -24.02 1.49
C ASP E 215 12.03 -24.91 0.25
N ILE E 216 12.45 -24.33 -0.90
CA ILE E 216 12.67 -25.07 -2.13
C ILE E 216 13.89 -25.97 -1.93
N SER E 217 14.99 -25.43 -1.34
CA SER E 217 16.22 -26.18 -1.11
C SER E 217 15.96 -27.40 -0.23
N ASN E 218 15.24 -27.23 0.89
CA ASN E 218 14.91 -28.31 1.84
C ASN E 218 13.97 -29.35 1.21
N LEU E 219 13.07 -28.91 0.30
CA LEU E 219 12.16 -29.77 -0.45
C LEU E 219 13.01 -30.74 -1.32
N PHE E 220 14.10 -30.23 -1.92
CA PHE E 220 15.01 -31.05 -2.71
C PHE E 220 15.92 -31.90 -1.82
N THR E 221 16.31 -31.39 -0.64
CA THR E 221 17.16 -32.12 0.31
C THR E 221 16.43 -33.38 0.83
N GLN E 222 15.13 -33.23 1.10
CA GLN E 222 14.25 -34.29 1.58
C GLN E 222 14.01 -35.38 0.52
N TYR E 223 14.00 -35.00 -0.78
CA TYR E 223 13.73 -35.92 -1.89
C TYR E 223 15.00 -36.28 -2.70
N ASP E 224 16.20 -36.07 -2.10
CA ASP E 224 17.53 -36.38 -2.64
C ASP E 224 17.79 -35.79 -4.05
N CYS E 225 17.24 -34.59 -4.32
CA CYS E 225 17.38 -33.88 -5.60
C CYS E 225 18.57 -32.93 -5.57
N SER E 226 19.22 -32.76 -6.72
CA SER E 226 20.28 -31.78 -6.94
C SER E 226 19.85 -30.91 -8.12
N VAL E 227 19.26 -29.75 -7.81
CA VAL E 227 18.71 -28.81 -8.78
C VAL E 227 19.51 -27.50 -8.78
N VAL E 228 19.74 -26.96 -9.99
CA VAL E 228 20.38 -25.66 -10.24
C VAL E 228 19.30 -24.74 -10.83
N MET E 229 18.94 -23.68 -10.13
CA MET E 229 17.96 -22.71 -10.62
C MET E 229 18.63 -21.40 -10.95
N VAL E 230 18.27 -20.81 -12.11
CA VAL E 230 18.77 -19.51 -12.53
C VAL E 230 17.94 -18.49 -11.76
N VAL E 231 18.53 -17.78 -10.80
CA VAL E 231 17.73 -16.79 -10.08
C VAL E 231 18.19 -15.37 -10.53
N ASN E 232 17.32 -14.68 -11.30
CA ASN E 232 17.63 -13.34 -11.81
C ASN E 232 16.74 -12.29 -11.10
N PRO E 233 17.32 -11.45 -10.21
CA PRO E 233 16.47 -10.49 -9.47
C PRO E 233 16.46 -9.06 -10.03
N MET E 234 15.29 -8.37 -10.05
CA MET E 234 15.32 -6.95 -10.45
C MET E 234 15.91 -6.19 -9.29
N VAL E 235 17.24 -6.02 -9.36
CA VAL E 235 18.03 -5.41 -8.32
C VAL E 235 19.07 -4.49 -8.98
N ASP E 236 19.41 -3.39 -8.29
CA ASP E 236 20.39 -2.40 -8.74
C ASP E 236 21.77 -3.06 -8.90
N ALA E 237 22.49 -2.68 -9.98
CA ALA E 237 23.80 -3.19 -10.40
C ALA E 237 24.82 -3.37 -9.27
N GLU E 238 24.77 -2.50 -8.24
CA GLU E 238 25.68 -2.56 -7.10
C GLU E 238 25.11 -3.37 -5.91
N LYS E 239 23.77 -3.53 -5.86
CA LYS E 239 23.07 -4.26 -4.78
C LYS E 239 23.08 -5.79 -5.00
N ILE E 240 23.59 -6.27 -6.15
CA ILE E 240 23.65 -7.71 -6.48
C ILE E 240 24.59 -8.48 -5.50
N GLU E 241 25.71 -7.85 -5.06
CA GLU E 241 26.67 -8.45 -4.14
C GLU E 241 26.02 -8.75 -2.79
N TYR E 242 25.22 -7.81 -2.25
CA TYR E 242 24.50 -7.98 -1.00
C TYR E 242 23.51 -9.14 -1.10
N VAL E 243 22.69 -9.17 -2.17
CA VAL E 243 21.67 -10.19 -2.42
C VAL E 243 22.33 -11.58 -2.56
N PHE E 244 23.46 -11.67 -3.27
CA PHE E 244 24.18 -12.94 -3.44
C PHE E 244 24.65 -13.51 -2.08
N GLY E 245 25.09 -12.63 -1.18
CA GLY E 245 25.52 -13.00 0.16
C GLY E 245 24.37 -13.54 0.98
N GLN E 246 23.21 -12.93 0.80
CA GLN E 246 21.95 -13.28 1.46
C GLN E 246 21.39 -14.63 0.95
N VAL E 247 21.62 -14.92 -0.35
CA VAL E 247 21.16 -16.14 -1.02
C VAL E 247 22.03 -17.32 -0.55
N MET E 248 23.34 -17.08 -0.30
CA MET E 248 24.29 -18.09 0.20
C MET E 248 23.83 -18.72 1.52
N ALA E 249 23.15 -17.91 2.35
CA ALA E 249 22.62 -18.31 3.66
C ALA E 249 21.26 -19.03 3.52
N SER E 250 20.71 -19.09 2.29
CA SER E 250 19.41 -19.66 1.99
C SER E 250 19.46 -20.86 1.03
N THR E 251 20.64 -21.20 0.47
CA THR E 251 20.75 -22.31 -0.49
C THR E 251 21.95 -23.22 -0.19
N VAL E 252 21.90 -24.46 -0.71
CA VAL E 252 22.96 -25.47 -0.57
C VAL E 252 24.15 -25.10 -1.52
N GLY E 253 23.83 -24.48 -2.65
CA GLY E 253 24.79 -24.00 -3.63
C GLY E 253 24.46 -22.60 -4.13
N ALA E 254 25.50 -21.84 -4.48
CA ALA E 254 25.35 -20.47 -5.00
C ALA E 254 26.49 -20.14 -5.96
N ILE E 255 26.14 -19.72 -7.20
CA ILE E 255 27.10 -19.36 -8.23
C ILE E 255 26.79 -17.95 -8.75
N LEU E 256 27.80 -17.07 -8.74
CA LEU E 256 27.66 -15.71 -9.25
C LEU E 256 28.39 -15.56 -10.59
N CYS E 257 27.71 -14.96 -11.58
CA CYS E 257 28.23 -14.72 -12.93
C CYS E 257 28.47 -13.24 -13.16
N ALA E 258 29.58 -12.92 -13.81
CA ALA E 258 29.97 -11.56 -14.18
C ALA E 258 30.86 -11.61 -15.41
N ASP E 259 30.46 -10.88 -16.48
CA ASP E 259 31.16 -10.73 -17.76
C ASP E 259 31.48 -12.11 -18.42
N GLY E 260 30.50 -13.02 -18.41
CA GLY E 260 30.65 -14.34 -19.02
C GLY E 260 31.43 -15.38 -18.23
N ASN E 261 31.98 -14.97 -17.09
CA ASN E 261 32.75 -15.85 -16.21
C ASN E 261 32.08 -15.98 -14.85
N VAL E 262 32.51 -17.00 -14.08
CA VAL E 262 32.01 -17.27 -12.74
C VAL E 262 32.81 -16.40 -11.77
N SER E 263 32.11 -15.44 -11.13
CA SER E 263 32.70 -14.49 -10.20
C SER E 263 32.96 -15.14 -8.83
N ARG E 264 31.92 -15.73 -8.22
CA ARG E 264 31.99 -16.38 -6.90
C ARG E 264 31.20 -17.69 -6.84
N THR E 265 31.59 -18.57 -5.91
CA THR E 265 30.92 -19.86 -5.66
C THR E 265 30.83 -20.18 -4.16
N MET E 266 29.85 -21.02 -3.82
CA MET E 266 29.56 -21.51 -2.49
C MET E 266 28.84 -22.83 -2.65
N PHE E 267 29.37 -23.89 -2.01
CA PHE E 267 28.77 -25.21 -2.03
C PHE E 267 28.88 -25.88 -0.67
N ARG E 268 27.78 -26.46 -0.19
CA ARG E 268 27.72 -27.21 1.07
C ARG E 268 27.93 -28.69 0.73
N THR E 269 29.16 -29.19 0.94
CA THR E 269 29.55 -30.58 0.60
C THR E 269 29.81 -31.45 1.83
N ASN E 270 30.09 -32.75 1.60
CA ASN E 270 30.43 -33.73 2.63
C ASN E 270 31.79 -33.39 3.27
N LYS E 271 32.64 -32.62 2.52
CA LYS E 271 33.95 -32.12 2.93
C LYS E 271 33.79 -30.74 3.64
N GLY E 272 32.56 -30.24 3.76
CA GLY E 272 32.20 -28.96 4.38
C GLY E 272 31.75 -27.86 3.41
N ARG E 273 31.47 -26.65 3.95
CA ARG E 273 31.08 -25.47 3.17
C ARG E 273 32.31 -24.91 2.44
N ILE E 274 32.27 -24.87 1.11
CA ILE E 274 33.41 -24.40 0.32
C ILE E 274 33.06 -23.09 -0.40
N PHE E 275 33.83 -22.03 -0.09
CA PHE E 275 33.73 -20.69 -0.67
C PHE E 275 34.87 -20.47 -1.66
N ASN E 276 34.54 -20.45 -2.98
CA ASN E 276 35.48 -20.27 -4.10
C ASN E 276 36.63 -21.29 -4.09
N MET F 1 25.31 -34.60 22.04
CA MET F 1 24.27 -34.84 21.05
C MET F 1 22.92 -35.34 21.66
N PRO F 2 22.80 -36.22 22.70
CA PRO F 2 21.45 -36.63 23.13
C PRO F 2 20.75 -35.62 24.05
N ILE F 3 19.43 -35.82 24.25
CA ILE F 3 18.59 -34.98 25.13
C ILE F 3 18.23 -35.84 26.35
N VAL F 4 18.91 -35.59 27.49
CA VAL F 4 18.74 -36.39 28.71
C VAL F 4 17.73 -35.73 29.68
N VAL F 5 16.80 -36.56 30.18
CA VAL F 5 15.75 -36.20 31.12
C VAL F 5 16.18 -36.64 32.52
N THR F 6 16.52 -35.65 33.37
CA THR F 6 16.96 -35.76 34.76
C THR F 6 15.72 -35.84 35.67
N GLN F 7 15.92 -36.17 36.97
CA GLN F 7 14.85 -36.21 37.97
C GLN F 7 14.30 -34.80 38.17
N ALA F 8 15.18 -33.78 38.00
CA ALA F 8 14.85 -32.36 38.11
C ALA F 8 13.75 -31.98 37.12
N HIS F 9 13.81 -32.55 35.89
CA HIS F 9 12.82 -32.34 34.83
C HIS F 9 11.49 -33.02 35.21
N ILE F 10 11.55 -34.29 35.71
CA ILE F 10 10.38 -35.07 36.14
C ILE F 10 9.63 -34.35 37.27
N ASP F 11 10.36 -33.75 38.23
CA ASP F 11 9.81 -33.02 39.37
C ASP F 11 9.13 -31.70 38.97
N ARG F 12 9.47 -31.16 37.78
CA ARG F 12 8.94 -29.91 37.25
C ARG F 12 7.62 -30.07 36.50
N VAL F 13 7.27 -31.32 36.09
CA VAL F 13 6.08 -31.66 35.29
C VAL F 13 4.78 -31.06 35.92
N GLY F 14 4.55 -31.28 37.21
CA GLY F 14 3.38 -30.76 37.92
C GLY F 14 3.35 -29.24 37.92
N ILE F 15 4.49 -28.63 38.36
CA ILE F 15 4.75 -27.18 38.40
C ILE F 15 4.42 -26.54 37.05
N ALA F 16 4.87 -27.16 35.96
CA ALA F 16 4.66 -26.71 34.59
C ALA F 16 3.16 -26.70 34.25
N ALA F 17 2.44 -27.79 34.63
CA ALA F 17 1.00 -27.93 34.38
C ALA F 17 0.22 -26.86 35.09
N ASP F 18 0.65 -26.53 36.32
CA ASP F 18 0.02 -25.49 37.12
C ASP F 18 0.25 -24.14 36.50
N LEU F 19 1.51 -23.81 36.13
CA LEU F 19 1.87 -22.54 35.50
C LEU F 19 1.00 -22.27 34.27
N LEU F 20 0.78 -23.32 33.46
CA LEU F 20 -0.01 -23.25 32.23
C LEU F 20 -1.51 -23.01 32.52
N ASP F 21 -2.07 -23.71 33.53
CA ASP F 21 -3.49 -23.60 33.92
C ASP F 21 -3.79 -22.31 34.67
N ALA F 22 -2.83 -21.83 35.47
CA ALA F 22 -2.94 -20.64 36.31
C ALA F 22 -3.25 -19.37 35.52
N SER F 23 -2.55 -19.18 34.39
CA SER F 23 -2.71 -17.97 33.58
C SER F 23 -3.17 -18.25 32.14
N PRO F 24 -4.37 -17.72 31.75
CA PRO F 24 -4.80 -17.84 30.35
C PRO F 24 -4.05 -16.81 29.49
N VAL F 25 -3.41 -17.26 28.40
CA VAL F 25 -2.63 -16.36 27.55
C VAL F 25 -3.15 -16.33 26.12
N SER F 26 -2.78 -15.26 25.42
CA SER F 26 -3.08 -15.01 24.02
C SER F 26 -1.86 -14.42 23.33
N LEU F 27 -1.98 -14.16 22.02
CA LEU F 27 -0.94 -13.54 21.22
C LEU F 27 -1.59 -12.74 20.13
N GLN F 28 -1.01 -11.62 19.73
CA GLN F 28 -1.52 -10.75 18.69
C GLN F 28 -0.36 -10.20 17.87
N VAL F 29 -0.58 -10.07 16.57
CA VAL F 29 0.31 -9.37 15.68
C VAL F 29 0.13 -8.09 14.84
N LEU F 30 -0.77 -8.14 13.86
CA LEU F 30 -1.51 -7.04 13.25
C LEU F 30 -3.01 -7.31 13.11
N GLY F 31 -3.46 -8.46 13.60
CA GLY F 31 -4.84 -8.87 13.42
C GLY F 31 -5.57 -8.83 14.75
N ARG F 32 -6.48 -10.03 15.21
CA ARG F 32 -7.22 -10.12 16.46
C ARG F 32 -6.45 -10.97 17.49
N PRO F 33 -6.49 -10.61 18.80
CA PRO F 33 -5.82 -11.47 19.80
C PRO F 33 -6.30 -12.91 19.67
N THR F 34 -5.34 -13.85 19.61
CA THR F 34 -5.63 -15.29 19.47
C THR F 34 -5.15 -16.02 20.71
N ALA F 35 -6.06 -16.77 21.35
CA ALA F 35 -5.79 -17.55 22.54
C ALA F 35 -4.85 -18.72 22.25
N ILE F 36 -4.02 -19.07 23.25
CA ILE F 36 -3.08 -20.20 23.19
C ILE F 36 -3.70 -21.35 23.97
N ASN F 37 -3.88 -22.51 23.30
CA ASN F 37 -4.42 -23.71 23.95
C ASN F 37 -3.31 -24.39 24.73
N THR F 38 -3.33 -24.14 26.03
CA THR F 38 -2.42 -24.62 27.06
C THR F 38 -2.39 -26.17 27.09
N VAL F 39 -3.57 -26.82 26.92
CA VAL F 39 -3.80 -28.27 26.96
C VAL F 39 -2.79 -29.01 26.05
N VAL F 40 -2.60 -28.50 24.82
CA VAL F 40 -1.70 -29.06 23.80
C VAL F 40 -0.26 -29.16 24.37
N ILE F 41 0.23 -28.09 25.06
CA ILE F 41 1.57 -28.03 25.65
C ILE F 41 1.69 -29.11 26.75
N LYS F 42 0.64 -29.24 27.60
CA LYS F 42 0.58 -30.24 28.67
C LYS F 42 0.65 -31.66 28.08
N THR F 43 -0.13 -31.90 27.00
CA THR F 43 -0.21 -33.17 26.27
C THR F 43 1.17 -33.52 25.70
N TYR F 44 1.89 -32.51 25.17
CA TYR F 44 3.24 -32.66 24.62
C TYR F 44 4.21 -33.10 25.73
N ILE F 45 4.18 -32.42 26.91
CA ILE F 45 5.04 -32.73 28.06
C ILE F 45 4.85 -34.21 28.46
N ALA F 46 3.58 -34.65 28.62
CA ALA F 46 3.19 -36.03 28.96
C ALA F 46 3.75 -37.05 27.95
N ALA F 47 3.68 -36.73 26.65
CA ALA F 47 4.17 -37.58 25.56
C ALA F 47 5.71 -37.71 25.60
N VAL F 48 6.43 -36.59 25.90
CA VAL F 48 7.89 -36.53 25.99
C VAL F 48 8.37 -37.37 27.18
N MET F 49 7.72 -37.20 28.35
CA MET F 49 8.05 -37.93 29.58
C MET F 49 7.82 -39.44 29.41
N GLU F 50 6.71 -39.82 28.73
CA GLU F 50 6.36 -41.21 28.50
C GLU F 50 7.40 -41.89 27.61
N LEU F 51 7.88 -41.17 26.56
CA LEU F 51 8.91 -41.66 25.64
C LEU F 51 10.27 -41.72 26.34
N ALA F 52 10.60 -40.70 27.18
CA ALA F 52 11.82 -40.62 27.99
C ALA F 52 11.91 -41.82 28.91
N SER F 53 10.74 -42.28 29.40
CA SER F 53 10.55 -43.44 30.26
C SER F 53 10.81 -44.74 29.49
N LYS F 54 10.30 -44.87 28.24
CA LYS F 54 10.53 -46.06 27.39
C LYS F 54 12.02 -46.23 27.06
N GLN F 55 12.70 -45.08 26.76
CA GLN F 55 14.14 -45.01 26.52
C GLN F 55 14.82 -44.88 27.90
N GLY F 56 16.15 -44.82 27.96
CA GLY F 56 16.78 -44.74 29.27
C GLY F 56 17.06 -43.33 29.72
N GLY F 57 16.01 -42.51 29.82
CA GLY F 57 16.14 -41.09 30.14
C GLY F 57 16.48 -40.32 28.89
N SER F 58 17.59 -40.70 28.25
CA SER F 58 18.11 -40.16 27.00
C SER F 58 17.06 -40.24 25.87
N LEU F 59 16.89 -39.13 25.12
CA LEU F 59 15.94 -38.98 24.01
C LEU F 59 16.61 -38.36 22.79
N ALA F 60 16.10 -38.73 21.59
CA ALA F 60 16.55 -38.20 20.32
C ALA F 60 15.59 -37.09 19.86
N GLY F 61 16.17 -35.94 19.52
CA GLY F 61 15.45 -34.76 19.05
C GLY F 61 14.42 -35.05 17.96
N VAL F 62 14.73 -36.02 17.08
CA VAL F 62 13.87 -36.49 15.99
C VAL F 62 12.60 -37.10 16.56
N ASP F 63 12.69 -37.84 17.66
CA ASP F 63 11.56 -38.54 18.26
C ASP F 63 10.65 -37.63 19.07
N ILE F 64 11.13 -36.43 19.48
CA ILE F 64 10.33 -35.51 20.28
C ILE F 64 9.73 -34.36 19.45
N ARG F 65 9.69 -34.48 18.11
CA ARG F 65 9.08 -33.43 17.29
C ARG F 65 7.54 -33.50 17.46
N PRO F 66 6.82 -32.36 17.61
CA PRO F 66 5.37 -32.41 17.91
C PRO F 66 4.52 -33.14 16.88
N SER F 67 4.88 -33.04 15.57
CA SER F 67 4.17 -33.69 14.45
C SER F 67 4.12 -35.23 14.60
N VAL F 68 5.10 -35.81 15.31
CA VAL F 68 5.24 -37.23 15.57
C VAL F 68 4.49 -37.62 16.86
N LEU F 69 4.61 -36.79 17.93
CA LEU F 69 4.04 -37.07 19.25
C LEU F 69 2.55 -36.70 19.39
N LEU F 70 2.10 -35.62 18.72
CA LEU F 70 0.70 -35.15 18.82
C LEU F 70 -0.09 -35.37 17.53
N LYS F 71 -1.40 -35.70 17.64
CA LYS F 71 -2.27 -35.91 16.46
C LYS F 71 -2.52 -34.57 15.73
N ASP F 72 -2.65 -33.47 16.52
CA ASP F 72 -2.79 -32.11 16.03
C ASP F 72 -1.81 -31.19 16.78
N THR F 73 -1.06 -30.40 16.01
CA THR F 73 -0.01 -29.48 16.44
C THR F 73 -0.51 -28.02 16.66
N ALA F 74 -1.82 -27.76 16.53
CA ALA F 74 -2.38 -26.41 16.69
C ALA F 74 -2.34 -25.92 18.15
N ILE F 75 -1.85 -24.69 18.38
CA ILE F 75 -1.77 -24.04 19.69
C ILE F 75 -2.75 -22.86 19.71
N PHE F 76 -2.96 -22.21 18.55
CA PHE F 76 -3.85 -21.05 18.43
C PHE F 76 -5.26 -21.52 18.08
N THR F 77 -6.25 -21.03 18.87
CA THR F 77 -7.66 -21.39 18.72
C THR F 77 -8.51 -20.13 18.46
N ALA F 84 -13.89 -14.59 10.81
CA ALA F 84 -13.11 -15.80 10.57
C ALA F 84 -11.63 -15.44 10.29
N ASP F 85 -11.38 -14.66 9.22
CA ASP F 85 -10.03 -14.22 8.83
C ASP F 85 -9.97 -12.68 8.85
N VAL F 86 -9.02 -12.11 9.61
CA VAL F 86 -8.82 -10.67 9.73
C VAL F 86 -7.54 -10.24 8.95
N GLU F 87 -7.62 -9.10 8.25
CA GLU F 87 -6.54 -8.48 7.47
C GLU F 87 -5.56 -7.76 8.40
N SER F 88 -4.28 -7.62 7.98
CA SER F 88 -3.27 -6.89 8.76
C SER F 88 -3.55 -5.37 8.79
N ASP F 89 -4.44 -4.86 7.90
CA ASP F 89 -4.80 -3.44 7.85
C ASP F 89 -6.29 -3.30 8.12
N VAL F 90 -6.65 -3.49 9.40
CA VAL F 90 -7.99 -3.42 9.99
C VAL F 90 -7.92 -2.44 11.17
N ASP F 91 -9.00 -1.70 11.51
CA ASP F 91 -8.91 -0.74 12.63
C ASP F 91 -8.57 -1.44 13.96
N VAL F 92 -7.50 -0.93 14.60
CA VAL F 92 -6.89 -1.34 15.87
C VAL F 92 -7.94 -1.31 17.04
N LEU F 93 -8.94 -0.46 16.90
CA LEU F 93 -10.02 -0.32 17.86
C LEU F 93 -11.11 -1.42 17.66
N ASP F 94 -11.20 -2.00 16.45
CA ASP F 94 -12.16 -3.08 16.15
C ASP F 94 -11.60 -4.43 16.58
N THR F 95 -10.27 -4.50 16.71
CA THR F 95 -9.54 -5.70 17.12
C THR F 95 -9.07 -5.58 18.57
N GLY F 96 -8.86 -4.36 19.03
CA GLY F 96 -8.32 -4.13 20.37
C GLY F 96 -6.84 -4.42 20.35
N ILE F 97 -6.19 -4.37 21.51
CA ILE F 97 -4.74 -4.62 21.56
C ILE F 97 -4.44 -5.56 22.71
N TYR F 98 -3.61 -6.58 22.46
CA TYR F 98 -3.22 -7.53 23.49
C TYR F 98 -1.71 -7.67 23.60
N SER F 99 -1.22 -7.64 24.83
CA SER F 99 0.17 -7.90 25.18
C SER F 99 0.17 -8.89 26.31
N VAL F 100 1.07 -9.88 26.26
CA VAL F 100 1.03 -10.87 27.31
C VAL F 100 1.47 -10.17 28.64
N PRO F 101 0.66 -10.37 29.72
CA PRO F 101 0.96 -9.68 30.99
C PRO F 101 2.26 -10.11 31.64
N GLY F 102 2.85 -9.21 32.39
CA GLY F 102 4.08 -9.42 33.15
C GLY F 102 3.85 -10.21 34.41
N LEU F 103 4.94 -10.62 35.08
CA LEU F 103 4.93 -11.40 36.31
C LEU F 103 5.02 -10.51 37.53
N ALA F 104 4.05 -10.62 38.44
CA ALA F 104 4.02 -9.83 39.67
C ALA F 104 5.09 -10.32 40.65
N ARG F 105 5.41 -11.62 40.61
CA ARG F 105 6.44 -12.22 41.44
C ARG F 105 7.82 -12.06 40.77
N LYS F 106 8.90 -12.41 41.48
CA LYS F 106 10.26 -12.38 40.95
C LYS F 106 10.39 -13.56 39.95
N PRO F 107 10.93 -13.35 38.72
CA PRO F 107 11.04 -14.49 37.77
C PRO F 107 12.13 -15.50 38.17
N VAL F 108 11.92 -16.81 37.84
CA VAL F 108 12.86 -17.93 38.08
C VAL F 108 14.17 -17.66 37.32
N THR F 109 15.29 -17.67 38.04
CA THR F 109 16.60 -17.40 37.46
C THR F 109 17.16 -18.69 36.80
N HIS F 110 18.14 -18.54 35.87
CA HIS F 110 18.80 -19.62 35.12
C HIS F 110 20.32 -19.38 35.03
N ARG F 111 21.09 -20.42 34.69
CA ARG F 111 22.53 -20.31 34.52
C ARG F 111 22.90 -20.10 33.02
N TRP F 112 21.91 -20.34 32.12
CA TRP F 112 22.04 -20.26 30.67
C TRP F 112 20.97 -19.33 30.09
N PRO F 113 21.25 -18.48 29.07
CA PRO F 113 22.54 -18.28 28.36
C PRO F 113 23.59 -17.50 29.15
N SER F 114 23.18 -16.88 30.28
CA SER F 114 24.09 -16.13 31.15
C SER F 114 23.76 -16.40 32.62
N GLU F 115 24.77 -16.25 33.52
CA GLU F 115 24.62 -16.54 34.94
C GLU F 115 23.63 -15.60 35.62
N GLY F 116 22.67 -16.21 36.31
CA GLY F 116 21.64 -15.54 37.09
C GLY F 116 20.57 -14.85 36.28
N ILE F 117 20.47 -15.20 34.98
CA ILE F 117 19.52 -14.60 34.05
C ILE F 117 18.06 -14.92 34.44
N TYR F 118 17.15 -13.97 34.18
CA TYR F 118 15.73 -14.14 34.43
C TYR F 118 15.13 -14.98 33.33
N SER F 119 13.96 -15.59 33.59
CA SER F 119 13.26 -16.36 32.57
C SER F 119 12.70 -15.39 31.53
N GLY F 120 12.78 -15.79 30.26
CA GLY F 120 12.33 -14.98 29.14
C GLY F 120 12.97 -15.40 27.84
N VAL F 121 13.16 -14.44 26.93
CA VAL F 121 13.80 -14.76 25.66
C VAL F 121 15.09 -13.93 25.49
N THR F 122 16.07 -14.57 24.85
CA THR F 122 17.36 -14.01 24.49
C THR F 122 17.38 -13.98 22.97
N ALA F 123 17.84 -12.86 22.36
CA ALA F 123 17.82 -12.73 20.91
C ALA F 123 19.23 -12.65 20.35
N LEU F 124 19.59 -13.67 19.58
CA LEU F 124 20.89 -13.77 18.98
C LEU F 124 20.84 -13.15 17.58
N MET F 125 21.29 -11.87 17.50
CA MET F 125 21.33 -10.99 16.33
C MET F 125 22.64 -11.11 15.54
N GLY F 126 22.60 -10.59 14.32
CA GLY F 126 23.73 -10.52 13.42
C GLY F 126 23.36 -10.54 11.96
N ALA F 127 24.20 -9.90 11.12
CA ALA F 127 24.08 -9.88 9.66
C ALA F 127 24.27 -11.32 9.15
N THR F 128 23.99 -11.63 7.88
CA THR F 128 24.17 -13.00 7.41
C THR F 128 25.65 -13.36 7.39
N GLY F 129 25.95 -14.57 7.89
CA GLY F 129 27.30 -15.10 7.97
C GLY F 129 28.16 -14.39 9.01
N SER F 130 27.53 -13.78 10.03
CA SER F 130 28.20 -13.07 11.13
C SER F 130 28.67 -14.03 12.21
N GLY F 131 28.20 -15.28 12.12
CA GLY F 131 28.54 -16.33 13.05
C GLY F 131 27.52 -16.58 14.15
N LYS F 132 26.23 -16.43 13.84
CA LYS F 132 25.14 -16.65 14.81
C LYS F 132 25.01 -18.15 15.15
N SER F 133 24.82 -18.99 14.10
CA SER F 133 24.66 -20.43 14.22
C SER F 133 25.90 -21.09 14.87
N ILE F 134 27.11 -20.56 14.56
CA ILE F 134 28.40 -21.01 15.11
C ILE F 134 28.44 -20.71 16.60
N THR F 135 28.11 -19.45 17.00
CA THR F 135 28.10 -19.01 18.39
C THR F 135 27.07 -19.83 19.18
N LEU F 136 25.87 -20.04 18.59
CA LEU F 136 24.81 -20.81 19.21
C LEU F 136 25.26 -22.25 19.57
N ASN F 137 25.89 -22.97 18.63
CA ASN F 137 26.20 -24.37 18.85
C ASN F 137 27.56 -24.59 19.54
N GLU F 138 28.57 -23.74 19.27
CA GLU F 138 29.89 -23.90 19.90
C GLU F 138 29.97 -23.22 21.25
N LYS F 139 29.64 -21.90 21.32
CA LYS F 139 29.75 -21.12 22.56
C LYS F 139 28.54 -21.33 23.48
N LEU F 140 27.29 -21.30 22.97
CA LEU F 140 26.13 -21.46 23.84
C LEU F 140 25.82 -22.90 24.24
N ARG F 141 26.01 -23.93 23.38
CA ARG F 141 25.75 -25.39 23.68
C ARG F 141 24.31 -25.62 24.22
N PRO F 142 23.22 -25.42 23.44
CA PRO F 142 21.86 -25.65 23.98
C PRO F 142 21.49 -27.11 24.17
N ASP F 143 20.56 -27.40 25.12
CA ASP F 143 20.10 -28.77 25.39
C ASP F 143 19.22 -29.27 24.24
N VAL F 144 18.31 -28.42 23.76
CA VAL F 144 17.39 -28.72 22.65
C VAL F 144 17.59 -27.64 21.57
N LEU F 145 17.88 -28.07 20.33
CA LEU F 145 18.07 -27.17 19.20
C LEU F 145 16.91 -27.30 18.21
N ILE F 146 16.01 -26.29 18.22
CA ILE F 146 14.88 -26.24 17.30
C ILE F 146 15.40 -25.66 16.00
N ARG F 147 15.21 -26.42 14.91
CA ARG F 147 15.64 -25.99 13.58
C ARG F 147 14.43 -25.66 12.74
N TRP F 148 14.36 -24.39 12.29
CA TRP F 148 13.22 -23.89 11.54
C TRP F 148 13.70 -22.93 10.43
N GLY F 149 13.21 -23.16 9.20
CA GLY F 149 13.49 -22.34 8.02
C GLY F 149 14.95 -22.03 7.75
N GLU F 150 15.80 -23.04 7.93
CA GLU F 150 17.25 -22.98 7.74
C GLU F 150 17.65 -24.02 6.71
N VAL F 151 18.65 -23.73 5.87
CA VAL F 151 19.09 -24.70 4.84
C VAL F 151 19.89 -25.89 5.50
N ALA F 152 20.12 -26.99 4.77
CA ALA F 152 20.84 -28.18 5.27
C ALA F 152 22.25 -27.83 5.73
N GLU F 153 22.47 -27.95 7.06
CA GLU F 153 23.75 -27.68 7.72
C GLU F 153 24.15 -28.87 8.61
N ALA F 154 25.37 -28.83 9.20
CA ALA F 154 25.90 -29.87 10.08
C ALA F 154 25.05 -30.04 11.34
N TYR F 155 24.37 -28.96 11.77
CA TYR F 155 23.55 -28.92 12.98
C TYR F 155 22.30 -29.79 12.86
N ASP F 156 21.89 -30.14 11.63
CA ASP F 156 20.71 -30.95 11.37
C ASP F 156 20.94 -32.44 11.70
N GLU F 157 22.23 -32.88 11.67
CA GLU F 157 22.60 -34.28 11.96
C GLU F 157 22.73 -34.56 13.47
N LEU F 158 22.67 -33.50 14.29
CA LEU F 158 22.75 -33.55 15.75
C LEU F 158 21.49 -34.20 16.36
N ASP F 159 21.66 -34.98 17.45
CA ASP F 159 20.55 -35.64 18.17
C ASP F 159 19.78 -34.66 19.04
N THR F 160 20.29 -33.41 19.18
CA THR F 160 19.65 -32.33 19.94
C THR F 160 18.67 -31.59 19.03
N ALA F 161 18.85 -31.72 17.70
CA ALA F 161 18.05 -31.05 16.66
C ALA F 161 16.63 -31.62 16.56
N VAL F 162 15.64 -30.72 16.60
CA VAL F 162 14.21 -31.02 16.47
C VAL F 162 13.67 -30.11 15.34
N HIS F 163 13.30 -30.75 14.22
CA HIS F 163 12.86 -30.06 13.01
C HIS F 163 11.35 -29.82 13.04
N ILE F 164 10.98 -28.53 13.10
CA ILE F 164 9.60 -28.07 13.08
C ILE F 164 9.29 -27.40 11.72
N SER F 165 7.99 -27.09 11.50
CA SER F 165 7.47 -26.47 10.28
C SER F 165 6.60 -25.25 10.60
N THR F 166 5.84 -25.25 11.74
CA THR F 166 4.92 -24.16 12.10
C THR F 166 5.35 -23.39 13.37
N LEU F 167 4.74 -22.19 13.56
CA LEU F 167 4.96 -21.32 14.74
C LEU F 167 4.38 -22.00 15.99
N ASP F 168 3.24 -22.71 15.81
CA ASP F 168 2.57 -23.48 16.87
C ASP F 168 3.55 -24.49 17.46
N GLU F 169 4.24 -25.27 16.59
CA GLU F 169 5.25 -26.26 16.95
C GLU F 169 6.40 -25.61 17.73
N MET F 170 6.88 -24.42 17.30
CA MET F 170 7.98 -23.72 17.97
C MET F 170 7.63 -23.42 19.43
N LEU F 171 6.44 -22.83 19.65
CA LEU F 171 5.97 -22.47 20.99
C LEU F 171 5.73 -23.71 21.85
N ILE F 172 5.22 -24.82 21.26
CA ILE F 172 4.98 -26.08 21.97
C ILE F 172 6.31 -26.59 22.58
N VAL F 173 7.36 -26.69 21.75
CA VAL F 173 8.66 -27.20 22.17
C VAL F 173 9.33 -26.20 23.14
N CYS F 174 9.27 -24.89 22.83
CA CYS F 174 9.87 -23.85 23.66
C CYS F 174 9.24 -23.79 25.07
N ILE F 175 7.89 -23.66 25.16
CA ILE F 175 7.18 -23.61 26.44
C ILE F 175 7.21 -24.99 27.13
N GLY F 176 6.87 -26.04 26.40
CA GLY F 176 6.84 -27.41 26.93
C GLY F 176 8.12 -27.87 27.58
N LEU F 177 9.24 -27.85 26.82
CA LEU F 177 10.54 -28.31 27.31
C LEU F 177 11.25 -27.25 28.17
N GLY F 178 11.09 -25.98 27.82
CA GLY F 178 11.69 -24.87 28.54
C GLY F 178 11.23 -24.75 29.98
N ALA F 179 9.92 -25.03 30.22
CA ALA F 179 9.28 -24.99 31.53
C ALA F 179 9.85 -26.05 32.45
N LEU F 180 10.18 -27.22 31.88
CA LEU F 180 10.77 -28.38 32.57
C LEU F 180 12.22 -28.11 32.99
N GLY F 181 12.83 -27.06 32.46
CA GLY F 181 14.20 -26.68 32.81
C GLY F 181 15.23 -26.80 31.72
N PHE F 182 14.82 -27.32 30.54
CA PHE F 182 15.71 -27.49 29.40
C PHE F 182 16.13 -26.16 28.81
N ASN F 183 17.36 -26.10 28.30
CA ASN F 183 17.90 -24.95 27.62
C ASN F 183 17.57 -25.08 26.14
N VAL F 184 16.45 -24.43 25.76
CA VAL F 184 15.89 -24.49 24.41
C VAL F 184 16.41 -23.32 23.58
N ALA F 185 16.75 -23.61 22.30
CA ALA F 185 17.21 -22.63 21.33
C ALA F 185 16.49 -22.79 20.01
N VAL F 186 16.23 -21.66 19.31
CA VAL F 186 15.55 -21.67 18.00
C VAL F 186 16.46 -21.06 16.93
N ASP F 187 16.88 -21.91 15.97
CA ASP F 187 17.66 -21.55 14.77
C ASP F 187 16.95 -22.11 13.53
N SER F 188 16.13 -21.31 12.83
CA SER F 188 15.93 -19.85 12.93
C SER F 188 14.51 -19.49 13.29
N VAL F 189 14.29 -18.18 13.45
CA VAL F 189 12.98 -17.57 13.65
C VAL F 189 12.59 -16.84 12.30
N ARG F 190 13.49 -16.83 11.27
CA ARG F 190 13.31 -16.27 9.91
C ARG F 190 11.94 -16.62 9.27
N PRO F 191 11.39 -17.88 9.32
CA PRO F 191 10.05 -18.12 8.71
C PRO F 191 8.97 -17.11 9.15
N LEU F 192 9.02 -16.70 10.43
CA LEU F 192 8.13 -15.72 11.06
C LEU F 192 8.50 -14.30 10.60
N LEU F 193 9.78 -13.92 10.71
CA LEU F 193 10.30 -12.59 10.39
C LEU F 193 10.10 -12.18 8.93
N PHE F 194 10.28 -13.13 8.01
CA PHE F 194 10.18 -12.86 6.58
C PHE F 194 8.71 -12.80 6.11
N ARG F 195 7.77 -13.23 6.95
CA ARG F 195 6.35 -13.21 6.61
C ARG F 195 5.59 -12.16 7.45
N LEU F 196 6.33 -11.21 8.04
CA LEU F 196 5.72 -10.13 8.81
C LEU F 196 5.20 -9.08 7.83
N LYS F 197 3.85 -9.10 7.63
CA LYS F 197 3.20 -8.16 6.72
C LYS F 197 2.87 -6.91 7.49
N GLY F 198 3.10 -5.77 6.86
CA GLY F 198 2.88 -4.45 7.44
C GLY F 198 3.84 -3.42 6.91
N ALA F 199 3.58 -2.15 7.21
CA ALA F 199 4.43 -1.05 6.77
C ALA F 199 5.69 -0.99 7.65
N ALA F 200 6.89 -1.07 7.02
CA ALA F 200 8.18 -1.05 7.72
C ALA F 200 8.38 0.31 8.40
N SER F 201 8.71 0.27 9.70
CA SER F 201 8.94 1.47 10.49
C SER F 201 10.44 1.89 10.42
N ALA F 202 10.89 2.77 11.33
CA ALA F 202 12.28 3.22 11.39
C ALA F 202 13.21 2.02 11.70
N GLY F 203 14.21 1.84 10.86
CA GLY F 203 15.14 0.71 10.92
C GLY F 203 14.83 -0.36 9.89
N GLY F 204 13.98 -0.04 8.91
CA GLY F 204 13.56 -0.91 7.80
C GLY F 204 12.89 -2.21 8.22
N ILE F 205 12.20 -2.16 9.36
CA ILE F 205 11.51 -3.32 9.93
C ILE F 205 10.20 -2.89 10.61
N VAL F 206 9.15 -3.72 10.47
CA VAL F 206 7.82 -3.52 11.04
C VAL F 206 7.94 -3.35 12.55
N ALA F 207 7.25 -2.35 13.14
CA ALA F 207 7.28 -2.05 14.56
C ALA F 207 6.76 -3.22 15.42
N VAL F 208 5.73 -3.96 14.95
CA VAL F 208 5.10 -5.09 15.68
C VAL F 208 6.12 -6.20 15.97
N PHE F 209 7.27 -6.18 15.27
CA PHE F 209 8.36 -7.15 15.47
C PHE F 209 8.89 -7.05 16.90
N TYR F 210 9.06 -5.81 17.40
CA TYR F 210 9.57 -5.54 18.75
C TYR F 210 8.53 -5.90 19.82
N SER F 211 7.25 -5.68 19.52
CA SER F 211 6.15 -6.03 20.41
C SER F 211 6.06 -7.55 20.53
N LEU F 212 6.24 -8.28 19.40
CA LEU F 212 6.20 -9.74 19.38
C LEU F 212 7.33 -10.35 20.23
N LEU F 213 8.55 -9.78 20.16
CA LEU F 213 9.71 -10.24 20.96
C LEU F 213 9.41 -10.11 22.47
N THR F 214 8.79 -8.97 22.89
CA THR F 214 8.39 -8.70 24.28
C THR F 214 7.31 -9.69 24.74
N ASP F 215 6.28 -9.91 23.89
CA ASP F 215 5.19 -10.85 24.14
C ASP F 215 5.71 -12.28 24.25
N ILE F 216 6.69 -12.65 23.39
CA ILE F 216 7.32 -13.97 23.41
C ILE F 216 8.17 -14.08 24.71
N SER F 217 8.95 -13.02 25.04
CA SER F 217 9.79 -12.98 26.24
C SER F 217 8.96 -13.16 27.50
N ASN F 218 7.84 -12.42 27.63
CA ASN F 218 6.97 -12.49 28.81
C ASN F 218 6.25 -13.85 28.90
N LEU F 219 5.94 -14.46 27.75
CA LEU F 219 5.34 -15.79 27.66
C LEU F 219 6.31 -16.82 28.30
N PHE F 220 7.62 -16.66 28.06
CA PHE F 220 8.65 -17.53 28.64
C PHE F 220 8.92 -17.17 30.10
N THR F 221 8.80 -15.87 30.48
CA THR F 221 9.01 -15.41 31.86
C THR F 221 7.92 -16.00 32.77
N GLN F 222 6.68 -16.05 32.27
CA GLN F 222 5.52 -16.59 32.98
C GLN F 222 5.61 -18.12 33.17
N TYR F 223 6.26 -18.85 32.21
CA TYR F 223 6.37 -20.31 32.24
C TYR F 223 7.80 -20.80 32.61
N ASP F 224 8.61 -19.90 33.22
CA ASP F 224 9.98 -20.13 33.74
C ASP F 224 10.93 -20.73 32.69
N CYS F 225 10.78 -20.32 31.41
CA CYS F 225 11.61 -20.78 30.29
C CYS F 225 12.78 -19.83 30.06
N SER F 226 13.90 -20.40 29.62
CA SER F 226 15.10 -19.67 29.19
C SER F 226 15.38 -20.12 27.74
N VAL F 227 14.90 -19.33 26.77
CA VAL F 227 15.03 -19.60 25.35
C VAL F 227 15.94 -18.57 24.66
N VAL F 228 16.76 -19.05 23.72
CA VAL F 228 17.62 -18.25 22.84
C VAL F 228 17.08 -18.40 21.41
N MET F 229 16.64 -17.29 20.82
CA MET F 229 16.13 -17.29 19.43
C MET F 229 17.08 -16.54 18.53
N VAL F 230 17.51 -17.15 17.40
CA VAL F 230 18.40 -16.42 16.49
C VAL F 230 17.51 -15.60 15.56
N VAL F 231 17.72 -14.29 15.58
CA VAL F 231 16.90 -13.33 14.84
C VAL F 231 17.76 -12.65 13.73
N ASN F 232 17.46 -13.01 12.47
CA ASN F 232 18.18 -12.48 11.32
C ASN F 232 17.28 -11.46 10.61
N PRO F 233 17.60 -10.16 10.73
CA PRO F 233 16.71 -9.14 10.12
C PRO F 233 17.14 -8.71 8.72
N MET F 234 16.15 -8.49 7.81
CA MET F 234 16.45 -7.96 6.48
C MET F 234 16.61 -6.45 6.68
N VAL F 235 17.80 -6.06 7.14
CA VAL F 235 18.08 -4.68 7.46
C VAL F 235 19.46 -4.32 6.92
N ASP F 236 19.59 -3.09 6.41
CA ASP F 236 20.81 -2.50 5.86
C ASP F 236 21.97 -2.59 6.85
N ALA F 237 23.19 -2.73 6.34
CA ALA F 237 24.43 -2.84 7.11
C ALA F 237 24.58 -1.76 8.21
N GLU F 238 24.08 -0.54 7.97
CA GLU F 238 24.20 0.61 8.87
C GLU F 238 23.05 0.75 9.90
N LYS F 239 21.91 0.06 9.68
CA LYS F 239 20.77 0.17 10.58
C LYS F 239 20.69 -0.98 11.62
N ILE F 240 21.63 -1.96 11.56
CA ILE F 240 21.68 -3.10 12.48
C ILE F 240 21.91 -2.65 13.95
N GLU F 241 22.78 -1.64 14.16
CA GLU F 241 23.09 -1.07 15.47
C GLU F 241 21.82 -0.49 16.12
N TYR F 242 21.01 0.26 15.33
CA TYR F 242 19.75 0.84 15.79
C TYR F 242 18.78 -0.27 16.18
N VAL F 243 18.59 -1.28 15.31
CA VAL F 243 17.67 -2.41 15.52
C VAL F 243 18.10 -3.21 16.77
N PHE F 244 19.40 -3.41 16.97
CA PHE F 244 19.86 -4.15 18.15
C PHE F 244 19.47 -3.39 19.43
N GLY F 245 19.75 -2.08 19.46
CA GLY F 245 19.43 -1.20 20.58
C GLY F 245 17.96 -1.27 20.93
N GLN F 246 17.14 -1.44 19.91
CA GLN F 246 15.71 -1.53 20.04
C GLN F 246 15.31 -2.91 20.56
N VAL F 247 16.00 -3.98 20.13
CA VAL F 247 15.74 -5.37 20.52
C VAL F 247 16.14 -5.56 21.99
N MET F 248 17.23 -4.91 22.41
CA MET F 248 17.72 -4.95 23.79
C MET F 248 16.61 -4.51 24.78
N ALA F 249 15.80 -3.51 24.39
CA ALA F 249 14.68 -2.94 25.15
C ALA F 249 13.41 -3.82 25.08
N SER F 250 13.44 -4.90 24.28
CA SER F 250 12.33 -5.82 24.05
C SER F 250 12.60 -7.26 24.52
N THR F 251 13.83 -7.60 24.97
CA THR F 251 14.13 -8.96 25.43
C THR F 251 14.89 -8.97 26.77
N VAL F 252 14.87 -10.13 27.48
CA VAL F 252 15.54 -10.41 28.76
C VAL F 252 17.08 -10.59 28.50
N GLY F 253 17.40 -10.98 27.26
CA GLY F 253 18.75 -11.22 26.77
C GLY F 253 18.92 -10.87 25.31
N ALA F 254 20.07 -10.31 24.97
CA ALA F 254 20.38 -9.95 23.59
C ALA F 254 21.87 -10.09 23.36
N ILE F 255 22.22 -10.72 22.22
CA ILE F 255 23.58 -10.96 21.76
C ILE F 255 23.72 -10.49 20.32
N LEU F 256 24.74 -9.65 20.03
CA LEU F 256 25.05 -9.21 18.68
C LEU F 256 26.28 -9.97 18.20
N CYS F 257 26.23 -10.45 16.96
CA CYS F 257 27.32 -11.16 16.28
C CYS F 257 27.80 -10.36 15.12
N ALA F 258 29.10 -10.39 14.94
CA ALA F 258 29.81 -9.71 13.88
C ALA F 258 31.17 -10.36 13.72
N ASP F 259 31.48 -10.74 12.47
CA ASP F 259 32.73 -11.36 12.01
C ASP F 259 33.10 -12.62 12.81
N GLY F 260 32.13 -13.51 13.02
CA GLY F 260 32.30 -14.77 13.75
C GLY F 260 32.33 -14.70 15.26
N ASN F 261 32.38 -13.47 15.82
CA ASN F 261 32.43 -13.24 17.27
C ASN F 261 31.22 -12.50 17.76
N VAL F 262 31.14 -12.35 19.10
CA VAL F 262 30.10 -11.61 19.81
C VAL F 262 30.57 -10.16 19.98
N SER F 263 29.88 -9.27 19.31
CA SER F 263 30.13 -7.84 19.26
C SER F 263 29.54 -7.11 20.48
N ARG F 264 28.29 -7.48 20.88
CA ARG F 264 27.58 -6.87 22.01
C ARG F 264 26.63 -7.85 22.73
N THR F 265 26.47 -7.69 24.06
CA THR F 265 25.53 -8.48 24.88
C THR F 265 24.79 -7.63 25.89
N MET F 266 23.64 -8.13 26.30
CA MET F 266 22.76 -7.56 27.31
C MET F 266 22.02 -8.70 27.96
N PHE F 267 22.06 -8.76 29.30
CA PHE F 267 21.37 -9.78 30.09
C PHE F 267 20.84 -9.17 31.36
N ARG F 268 19.55 -9.41 31.61
CA ARG F 268 18.80 -8.98 32.79
C ARG F 268 18.90 -10.09 33.81
N THR F 269 19.89 -9.97 34.73
CA THR F 269 20.19 -10.99 35.73
C THR F 269 19.65 -10.64 37.11
N ASN F 270 19.88 -11.54 38.09
CA ASN F 270 19.54 -11.32 39.49
C ASN F 270 20.52 -10.30 40.13
N LYS F 271 21.71 -10.11 39.47
CA LYS F 271 22.75 -9.15 39.89
C LYS F 271 22.53 -7.79 39.19
N GLY F 272 21.51 -7.73 38.33
CA GLY F 272 21.14 -6.53 37.58
C GLY F 272 21.33 -6.60 36.06
N ARG F 273 20.96 -5.51 35.33
CA ARG F 273 21.12 -5.43 33.87
C ARG F 273 22.59 -5.28 33.51
N ILE F 274 23.15 -6.27 32.80
CA ILE F 274 24.56 -6.26 32.44
C ILE F 274 24.74 -6.12 30.96
N PHE F 275 25.41 -5.03 30.57
CA PHE F 275 25.75 -4.70 29.19
C PHE F 275 27.20 -4.99 28.93
N ASN F 276 27.45 -5.86 27.93
CA ASN F 276 28.79 -6.29 27.49
C ASN F 276 29.70 -6.74 28.65
N GLY F 277 29.30 -7.85 29.29
CA GLY F 277 30.05 -8.46 30.40
C GLY F 277 31.26 -9.28 29.99
N ALA F 278 32.14 -9.59 30.97
CA ALA F 278 33.37 -10.37 30.84
C ALA F 278 33.10 -11.85 31.13
N ALA F 279 32.16 -12.42 30.37
CA ALA F 279 31.74 -13.80 30.57
C ALA F 279 31.67 -14.59 29.24
N PRO F 280 32.56 -15.59 29.10
CA PRO F 280 32.51 -16.45 27.91
C PRO F 280 31.20 -17.26 27.90
N LEU F 281 30.58 -17.44 26.72
CA LEU F 281 29.31 -18.16 26.67
C LEU F 281 29.58 -19.67 26.65
CA CA G . 11.63 1.38 29.64
PB ADP H . 14.30 3.20 28.76
O1B ADP H . 14.29 4.62 28.13
O2B ADP H . 13.03 3.02 29.60
O3B ADP H . 14.34 2.16 27.69
PA ADP H . 15.77 2.56 31.21
O1A ADP H . 15.13 3.55 32.13
O2A ADP H . 15.08 1.20 31.37
O3A ADP H . 15.59 3.07 29.70
O5' ADP H . 17.30 2.45 31.55
C5' ADP H . 18.24 3.39 31.00
C4' ADP H . 19.62 3.16 31.56
O4' ADP H . 20.09 1.86 31.14
C3' ADP H . 20.65 4.16 31.04
O3' ADP H . 20.64 5.34 31.83
C2' ADP H . 21.95 3.35 31.13
O2' ADP H . 22.54 3.41 32.42
C1' ADP H . 21.46 1.93 30.79
N9 ADP H . 21.61 1.57 29.37
C8 ADP H . 20.62 1.45 28.43
N7 ADP H . 21.05 1.11 27.24
C5 ADP H . 22.43 0.99 27.41
C6 ADP H . 23.47 0.67 26.52
N6 ADP H . 23.29 0.38 25.22
N1 ADP H . 24.73 0.65 27.00
C2 ADP H . 24.93 0.93 28.29
N3 ADP H . 24.03 1.23 29.23
C4 ADP H . 22.78 1.26 28.72
CA CA I . -3.09 25.49 18.60
PB ADP J . 0.30 26.99 17.73
O1B ADP J . 0.81 27.39 16.34
O2B ADP J . -1.22 27.18 17.78
O3B ADP J . 0.65 25.57 18.02
PA ADP J . 0.38 28.80 20.05
O1A ADP J . -0.41 29.93 19.51
O2A ADP J . -0.52 27.90 20.92
O3A ADP J . 0.98 27.94 18.83
O5' ADP J . 1.57 29.37 20.92
C5' ADP J . 2.80 29.79 20.31
C4' ADP J . 3.72 30.39 21.35
O4' ADP J . 4.08 29.39 22.32
C3' ADP J . 5.04 30.88 20.76
O3' ADP J . 4.91 32.20 20.26
C2' ADP J . 5.98 30.76 21.95
O2' ADP J . 5.93 31.92 22.78
C1' ADP J . 5.45 29.51 22.66
N9 ADP J . 6.15 28.27 22.32
C8 ADP J . 5.66 27.23 21.55
N7 ADP J . 6.49 26.24 21.39
C5 ADP J . 7.63 26.65 22.09
C6 ADP J . 8.89 26.05 22.29
N6 ADP J . 9.23 24.85 21.80
N1 ADP J . 9.80 26.73 23.03
C2 ADP J . 9.45 27.93 23.54
N3 ADP J . 8.30 28.59 23.41
C4 ADP J . 7.42 27.89 22.68
CA CA K . -6.45 29.77 -11.14
PB ADP L . -2.80 30.11 -11.47
O1B ADP L . -1.65 29.65 -12.39
O2B ADP L . -4.15 29.83 -12.13
O3B ADP L . -2.74 29.36 -10.16
PA ADP L . -3.50 32.93 -11.74
O1A ADP L . -3.66 32.82 -13.21
O2A ADP L . -4.88 32.95 -11.07
O3A ADP L . -2.65 31.68 -11.21
O5' ADP L . -2.73 34.27 -11.38
C5' ADP L . -1.31 34.47 -11.53
C4' ADP L . -0.97 35.85 -11.02
O4' ADP L . -1.36 35.97 -9.64
C3' ADP L . 0.51 36.22 -11.07
O3' ADP L . 0.85 36.82 -12.32
C2' ADP L . 0.64 37.20 -9.91
O2' ADP L . 0.22 38.52 -10.27
C1' ADP L . -0.32 36.60 -8.89
N9 ADP L . 0.27 35.64 -7.95
C8 ADP L . 0.06 34.29 -7.90
N7 ADP L . 0.70 33.68 -6.94
C5 ADP L . 1.39 34.70 -6.30
C6 ADP L . 2.26 34.71 -5.19
N6 ADP L . 2.58 33.64 -4.48
N1 ADP L . 2.78 35.92 -4.81
C2 ADP L . 2.43 37.01 -5.50
N3 ADP L . 1.63 37.12 -6.55
C4 ADP L . 1.13 35.92 -6.92
CA CA M . 4.48 8.42 -30.82
PB ADP N . 7.95 9.46 -30.34
O1B ADP N . 9.20 8.77 -29.82
O2B ADP N . 7.05 8.43 -31.03
O3B ADP N . 7.19 10.12 -29.20
PA ADP N . 7.86 10.93 -32.87
O1A ADP N . 8.26 9.84 -33.80
O2A ADP N . 6.32 11.06 -32.86
O3A ADP N . 8.38 10.59 -31.40
O5' ADP N . 8.52 12.30 -33.35
C5' ADP N . 9.86 12.64 -32.97
C4' ADP N . 10.31 13.90 -33.63
O4' ADP N . 9.47 14.99 -33.19
C3' ADP N . 11.72 14.32 -33.28
O3' ADP N . 12.66 13.71 -34.17
C2' ADP N . 11.69 15.84 -33.44
O2' ADP N . 11.93 16.24 -34.77
C1' ADP N . 10.25 16.16 -32.97
N9 ADP N . 10.16 16.54 -31.56
C8 ADP N . 9.60 15.81 -30.54
N7 ADP N . 9.59 16.42 -29.38
C5 ADP N . 10.22 17.64 -29.65
C6 ADP N . 10.50 18.75 -28.84
N6 ADP N . 10.16 18.84 -27.55
N1 ADP N . 11.13 19.81 -29.42
C2 ADP N . 11.41 19.75 -30.72
N3 ADP N . 11.18 18.76 -31.59
C4 ADP N . 10.57 17.72 -30.98
CA CA O . 19.21 -16.20 -20.12
PB ADP P . 22.24 -14.36 -19.15
O1B ADP P . 22.94 -14.06 -17.82
O2B ADP P . 21.60 -15.75 -19.10
O3B ADP P . 21.16 -13.35 -19.41
PA ADP P . 23.63 -15.32 -21.53
O1A ADP P . 24.22 -16.58 -20.98
O2A ADP P . 22.33 -15.61 -22.28
O3A ADP P . 23.31 -14.31 -20.33
O5' ADP P . 24.69 -14.65 -22.50
C5' ADP P . 25.74 -13.80 -21.99
C4' ADP P . 26.65 -13.37 -23.13
O4' ADP P . 25.89 -12.64 -24.11
C3' ADP P . 27.76 -12.42 -22.70
O3' ADP P . 28.90 -13.10 -22.19
C2' ADP P . 28.03 -11.64 -23.99
O2' ADP P . 28.92 -12.32 -24.88
C1' ADP P . 26.62 -11.54 -24.59
N9 ADP P . 25.91 -10.30 -24.26
C8 ADP P . 24.86 -10.15 -23.39
N7 ADP P . 24.38 -8.93 -23.34
C5 ADP P . 25.17 -8.22 -24.22
C6 ADP P . 25.16 -6.87 -24.65
N6 ADP P . 24.25 -5.98 -24.26
N1 ADP P . 26.11 -6.48 -25.53
C2 ADP P . 26.99 -7.39 -25.98
N3 ADP P . 27.07 -8.69 -25.68
C4 ADP P . 26.14 -9.05 -24.78
CA CA Q . 22.92 -19.96 10.18
PB ADP R . 25.07 -17.11 10.36
O1B ADP R . 25.10 -15.74 11.08
O2B ADP R . 24.26 -18.11 11.21
O3B ADP R . 24.42 -16.97 9.01
PA ADP R . 27.24 -19.06 10.47
O1A ADP R . 27.30 -19.28 11.94
O2A ADP R . 26.42 -20.18 9.83
O3A ADP R . 26.56 -17.65 10.17
O5' ADP R . 28.72 -19.07 9.89
C5' ADP R . 29.52 -17.87 9.91
C4' ADP R . 30.91 -18.17 9.41
O4' ADP R . 30.84 -18.59 8.04
C3' ADP R . 31.83 -16.95 9.40
O3' ADP R . 32.45 -16.74 10.66
C2' ADP R . 32.82 -17.29 8.28
O2' ADP R . 33.89 -18.13 8.72
C1' ADP R . 31.91 -18.04 7.29
N9 ADP R . 31.37 -17.19 6.22
C8 ADP R . 30.09 -16.72 6.09
N7 ADP R . 29.90 -15.98 5.03
C5 ADP R . 31.14 -15.96 4.41
C6 ADP R . 31.60 -15.34 3.23
N6 ADP R . 30.86 -14.54 2.47
N1 ADP R . 32.90 -15.54 2.89
C2 ADP R . 33.67 -16.30 3.68
N3 ADP R . 33.35 -16.91 4.81
C4 ADP R . 32.05 -16.70 5.13
#